data_4MOZ
#
_entry.id   4MOZ
#
_cell.length_a   135.783
_cell.length_b   174.202
_cell.length_c   203.023
_cell.angle_alpha   90.00
_cell.angle_beta   90.00
_cell.angle_gamma   90.00
#
_symmetry.space_group_name_H-M   'C 2 2 21'
#
loop_
_entity.id
_entity.type
_entity.pdbx_description
1 polymer 'Fructose-bisphosphate aldolase'
2 water water
#
_entity_poly.entity_id   1
_entity_poly.type   'polypeptide(L)'
_entity_poly.pdbx_seq_one_letter_code
;(MSE)PKITRDQVKVPADVLADARETYIDNY(MSE)KATQGTGRL(MSE)LFACDQKVEHLNGDFYGEGIDISDSDPEHL
FKIADQGVCGV(MSE)AGQRGLIARYAADYPNVNYLVK(MSE)NSKTNLVKTAQDDPYSPQLHDIEAVLA(MSE)RDNGV
NVVGLGYTLYLGSEYEAT(MSE)LAEAGQLVAQAHEEGLIVVLWIYPRGKAVGKDEKAPTTIAGAAGVALCLGADFVKVN
PPVATEDKTSAENLAVASAAAGRTGLVCAGGSTVEAKVFLQQLHDQIYIGGASGNATGRNIHQRSLDEAVRLTKAISAIT
LADYDVDRALAVFNGEEDFALHHHHHH
;
_entity_poly.pdbx_strand_id   A,B,C,D,E
#
# COMPACT_ATOMS: atom_id res chain seq x y z
N PRO A 2 -27.51 -21.10 30.91
CA PRO A 2 -27.58 -19.96 31.82
C PRO A 2 -28.50 -18.87 31.29
N LYS A 3 -28.65 -17.80 32.06
CA LYS A 3 -29.38 -16.62 31.62
C LYS A 3 -28.69 -15.36 32.12
N ILE A 4 -28.61 -14.35 31.26
CA ILE A 4 -28.14 -13.02 31.66
C ILE A 4 -29.19 -11.98 31.28
N THR A 5 -29.17 -10.85 31.98
CA THR A 5 -30.02 -9.73 31.62
C THR A 5 -29.16 -8.69 30.93
N ARG A 6 -29.82 -7.76 30.25
CA ARG A 6 -29.11 -6.67 29.54
C ARG A 6 -28.08 -5.98 30.42
N ASP A 7 -28.43 -5.77 31.68
CA ASP A 7 -27.56 -5.10 32.67
C ASP A 7 -26.31 -5.88 33.03
N GLN A 8 -26.31 -7.19 32.78
CA GLN A 8 -25.15 -8.02 33.06
C GLN A 8 -24.12 -8.02 31.92
N VAL A 9 -24.50 -7.48 30.78
CA VAL A 9 -23.59 -7.36 29.64
C VAL A 9 -22.57 -6.26 29.94
N LYS A 10 -21.29 -6.63 29.97
CA LYS A 10 -20.21 -5.68 30.19
C LYS A 10 -19.83 -5.02 28.87
N VAL A 11 -20.26 -3.77 28.72
CA VAL A 11 -19.98 -2.99 27.53
C VAL A 11 -18.55 -2.44 27.64
N PRO A 12 -17.67 -2.82 26.69
CA PRO A 12 -16.29 -2.31 26.73
C PRO A 12 -16.24 -0.84 26.32
N ALA A 13 -15.19 -0.14 26.74
CA ALA A 13 -15.09 1.31 26.57
C ALA A 13 -14.94 1.79 25.13
N ASP A 14 -14.69 0.86 24.20
CA ASP A 14 -14.60 1.21 22.78
C ASP A 14 -15.95 1.10 22.05
N VAL A 15 -16.99 0.67 22.77
CA VAL A 15 -18.35 0.79 22.28
C VAL A 15 -18.83 2.17 22.70
N LEU A 16 -19.00 3.05 21.71
CA LEU A 16 -19.37 4.44 21.97
C LEU A 16 -20.83 4.57 22.42
N ALA A 17 -21.13 5.71 23.06
CA ALA A 17 -22.43 5.94 23.69
C ALA A 17 -23.61 5.70 22.76
N ASP A 18 -23.51 6.16 21.51
CA ASP A 18 -24.62 6.01 20.57
C ASP A 18 -24.76 4.60 19.98
N ALA A 19 -23.83 3.71 20.32
CA ALA A 19 -23.84 2.33 19.84
C ALA A 19 -24.03 1.32 20.97
N ARG A 20 -24.18 1.82 22.19
CA ARG A 20 -24.31 0.98 23.40
C ARG A 20 -25.48 0.01 23.35
N GLU A 21 -26.67 0.52 23.01
CA GLU A 21 -27.88 -0.30 23.00
C GLU A 21 -27.83 -1.35 21.90
N THR A 22 -27.28 -0.97 20.75
CA THR A 22 -27.06 -1.89 19.64
C THR A 22 -26.11 -3.01 20.04
N TYR A 23 -25.00 -2.66 20.68
CA TYR A 23 -24.04 -3.68 21.13
C TYR A 23 -24.69 -4.70 22.06
N ILE A 24 -25.49 -4.20 23.01
CA ILE A 24 -26.19 -5.06 23.97
C ILE A 24 -27.20 -5.94 23.23
N ASP A 25 -27.97 -5.35 22.31
CA ASP A 25 -28.87 -6.12 21.46
C ASP A 25 -28.15 -7.27 20.78
N ASN A 26 -26.99 -6.96 20.18
CA ASN A 26 -26.23 -7.94 19.42
C ASN A 26 -25.59 -9.00 20.30
N TYR A 27 -25.10 -8.58 21.47
CA TYR A 27 -24.54 -9.52 22.43
C TYR A 27 -25.60 -10.49 22.94
N MSE A 28 -26.79 -9.95 23.22
CA MSE A 28 -27.92 -10.76 23.67
C MSE A 28 -28.40 -11.73 22.60
O MSE A 28 -28.64 -12.91 22.89
CB MSE A 28 -29.08 -9.87 24.14
CG MSE A 28 -28.77 -9.09 25.41
SE MSE A 28 -28.57 -10.22 27.00
CE MSE A 28 -30.47 -10.55 27.34
N LYS A 29 -28.52 -11.24 21.36
CA LYS A 29 -28.90 -12.09 20.24
C LYS A 29 -27.87 -13.20 20.00
N ALA A 30 -26.60 -12.81 19.87
CA ALA A 30 -25.53 -13.77 19.59
C ALA A 30 -25.45 -14.89 20.62
N THR A 31 -25.62 -14.54 21.89
CA THR A 31 -25.53 -15.51 22.97
C THR A 31 -26.91 -16.08 23.35
N GLN A 32 -27.94 -15.64 22.65
CA GLN A 32 -29.34 -16.03 22.92
C GLN A 32 -29.77 -15.70 24.35
N GLY A 33 -29.23 -14.63 24.91
CA GLY A 33 -29.54 -14.19 26.26
C GLY A 33 -28.94 -15.05 27.35
N THR A 34 -27.84 -15.74 27.04
CA THR A 34 -27.21 -16.65 27.99
C THR A 34 -25.79 -16.24 28.37
N GLY A 35 -25.17 -15.39 27.56
CA GLY A 35 -23.77 -15.04 27.74
C GLY A 35 -22.84 -16.11 27.15
N ARG A 36 -23.43 -17.19 26.67
CA ARG A 36 -22.68 -18.26 26.02
C ARG A 36 -22.84 -18.19 24.52
N LEU A 37 -21.75 -18.43 23.79
CA LEU A 37 -21.76 -18.36 22.33
C LEU A 37 -21.75 -19.74 21.66
N MSE A 38 -22.86 -20.08 21.02
CA MSE A 38 -22.92 -21.26 20.16
C MSE A 38 -22.78 -20.79 18.71
O MSE A 38 -23.73 -20.22 18.13
CB MSE A 38 -24.23 -22.04 20.37
CG MSE A 38 -24.27 -23.41 19.67
SE MSE A 38 -24.33 -23.32 17.70
CE MSE A 38 -24.95 -25.15 17.33
N LEU A 39 -21.61 -21.03 18.13
CA LEU A 39 -21.29 -20.56 16.78
C LEU A 39 -21.37 -21.68 15.75
N PHE A 40 -22.16 -21.45 14.71
CA PHE A 40 -22.27 -22.37 13.58
C PHE A 40 -21.40 -21.86 12.43
N ALA A 41 -20.27 -22.54 12.20
CA ALA A 41 -19.27 -22.10 11.24
C ALA A 41 -19.60 -22.55 9.82
N CYS A 42 -19.80 -21.57 8.94
CA CYS A 42 -20.15 -21.85 7.55
C CYS A 42 -19.23 -21.10 6.59
N ASP A 43 -17.95 -21.04 6.94
CA ASP A 43 -16.97 -20.28 6.17
C ASP A 43 -16.02 -21.19 5.37
N GLN A 44 -16.19 -22.50 5.51
CA GLN A 44 -15.20 -23.47 5.04
C GLN A 44 -15.23 -23.75 3.53
N LYS A 45 -16.22 -23.17 2.83
CA LYS A 45 -16.28 -23.26 1.37
C LYS A 45 -15.07 -22.60 0.70
N VAL A 46 -14.54 -21.54 1.32
CA VAL A 46 -13.28 -20.98 0.86
C VAL A 46 -12.11 -21.74 1.50
N GLU A 47 -12.12 -21.84 2.83
CA GLU A 47 -11.02 -22.41 3.60
C GLU A 47 -10.54 -23.78 3.11
N HIS A 48 -11.49 -24.68 2.82
CA HIS A 48 -11.15 -26.03 2.37
C HIS A 48 -11.76 -26.34 1.04
N LEU A 49 -12.10 -25.28 0.29
CA LEU A 49 -12.75 -25.39 -1.01
C LEU A 49 -14.01 -26.27 -0.93
N ASN A 50 -14.14 -27.27 -1.79
CA ASN A 50 -15.30 -28.16 -1.76
C ASN A 50 -15.06 -29.46 -0.94
N GLY A 51 -13.91 -29.50 -0.27
CA GLY A 51 -13.48 -30.68 0.47
C GLY A 51 -14.35 -31.08 1.64
N ASP A 52 -14.96 -30.10 2.31
CA ASP A 52 -15.83 -30.39 3.46
C ASP A 52 -17.29 -30.60 3.05
N PHE A 53 -17.60 -30.39 1.78
CA PHE A 53 -19.00 -30.30 1.35
C PHE A 53 -19.45 -31.39 0.38
N TYR A 54 -18.47 -32.12 -0.16
CA TYR A 54 -18.73 -33.21 -1.09
C TYR A 54 -17.64 -34.27 -0.98
N GLY A 55 -18.04 -35.53 -1.03
CA GLY A 55 -17.12 -36.66 -0.97
C GLY A 55 -17.59 -37.76 -0.03
N GLU A 56 -16.71 -38.74 0.18
CA GLU A 56 -17.00 -39.91 1.00
C GLU A 56 -17.30 -39.52 2.45
N GLY A 57 -18.38 -40.07 3.00
CA GLY A 57 -18.79 -39.81 4.38
C GLY A 57 -19.54 -38.51 4.57
N ILE A 58 -19.77 -37.77 3.48
CA ILE A 58 -20.46 -36.48 3.55
C ILE A 58 -21.81 -36.60 2.85
N ASP A 59 -22.88 -36.27 3.57
CA ASP A 59 -24.24 -36.38 3.03
C ASP A 59 -24.43 -35.52 1.77
N ILE A 60 -25.10 -36.09 0.78
CA ILE A 60 -25.31 -35.44 -0.53
C ILE A 60 -25.97 -34.06 -0.43
N SER A 61 -26.77 -33.84 0.61
CA SER A 61 -27.43 -32.55 0.81
C SER A 61 -26.43 -31.41 1.07
N ASP A 62 -25.25 -31.74 1.58
CA ASP A 62 -24.22 -30.74 1.86
C ASP A 62 -23.57 -30.13 0.62
N SER A 63 -23.80 -30.72 -0.55
CA SER A 63 -23.25 -30.18 -1.79
C SER A 63 -24.00 -28.94 -2.29
N ASP A 64 -25.20 -28.72 -1.75
CA ASP A 64 -25.97 -27.50 -1.99
C ASP A 64 -25.77 -26.57 -0.79
N PRO A 65 -25.23 -25.35 -1.03
CA PRO A 65 -24.96 -24.38 0.05
C PRO A 65 -26.21 -23.93 0.82
N GLU A 66 -27.39 -24.05 0.22
CA GLU A 66 -28.63 -23.71 0.91
C GLU A 66 -28.86 -24.61 2.14
N HIS A 67 -28.23 -25.78 2.13
CA HIS A 67 -28.19 -26.70 3.29
C HIS A 67 -27.83 -25.99 4.57
N LEU A 68 -26.81 -25.13 4.49
CA LEU A 68 -26.29 -24.41 5.65
C LEU A 68 -27.31 -23.45 6.24
N PHE A 69 -28.05 -22.76 5.37
CA PHE A 69 -29.07 -21.83 5.81
C PHE A 69 -30.29 -22.55 6.37
N LYS A 70 -30.62 -23.71 5.81
CA LYS A 70 -31.71 -24.53 6.34
C LYS A 70 -31.39 -25.01 7.76
N ILE A 71 -30.14 -25.40 7.98
CA ILE A 71 -29.67 -25.83 9.31
C ILE A 71 -29.75 -24.68 10.32
N ALA A 72 -29.21 -23.53 9.96
CA ALA A 72 -29.24 -22.35 10.83
C ALA A 72 -30.66 -21.92 11.19
N ASP A 73 -31.59 -22.10 10.25
CA ASP A 73 -32.96 -21.64 10.42
C ASP A 73 -33.83 -22.65 11.19
N GLN A 74 -33.65 -23.93 10.89
CA GLN A 74 -34.46 -24.99 11.50
C GLN A 74 -33.83 -25.55 12.76
N GLY A 75 -32.51 -25.41 12.88
CA GLY A 75 -31.82 -25.83 14.09
C GLY A 75 -31.82 -24.73 15.13
N VAL A 76 -31.05 -24.95 16.20
CA VAL A 76 -30.89 -23.93 17.23
C VAL A 76 -29.40 -23.57 17.28
N CYS A 77 -29.10 -22.31 16.97
N CYS A 77 -29.10 -22.31 16.98
CA CYS A 77 -27.75 -21.80 16.98
CA CYS A 77 -27.73 -21.81 17.01
C CYS A 77 -27.74 -20.41 17.60
C CYS A 77 -27.71 -20.37 17.50
N GLY A 78 -26.56 -19.94 18.01
CA GLY A 78 -26.38 -18.56 18.44
C GLY A 78 -26.19 -17.68 17.22
N VAL A 79 -25.11 -17.94 16.49
CA VAL A 79 -24.82 -17.23 15.25
C VAL A 79 -24.42 -18.17 14.11
N MSE A 80 -24.71 -17.75 12.89
N MSE A 80 -24.69 -17.72 12.88
CA MSE A 80 -24.19 -18.39 11.70
CA MSE A 80 -24.21 -18.39 11.68
C MSE A 80 -23.09 -17.51 11.16
C MSE A 80 -23.10 -17.54 11.08
O MSE A 80 -23.32 -16.34 10.82
O MSE A 80 -23.35 -16.42 10.63
CB MSE A 80 -25.28 -18.57 10.64
CB MSE A 80 -25.35 -18.57 10.69
CG MSE A 80 -24.79 -19.28 9.39
CG MSE A 80 -25.01 -19.36 9.43
SE MSE A 80 -26.17 -19.40 8.01
SE MSE A 80 -24.06 -18.31 8.08
CE MSE A 80 -25.12 -20.18 6.58
CE MSE A 80 -24.44 -19.40 6.52
N ALA A 81 -21.88 -18.06 11.09
CA ALA A 81 -20.71 -17.35 10.57
C ALA A 81 -20.42 -17.75 9.13
N GLY A 82 -20.44 -16.77 8.23
CA GLY A 82 -20.12 -16.98 6.83
C GLY A 82 -19.61 -15.72 6.15
N GLN A 83 -19.04 -15.88 4.96
CA GLN A 83 -18.57 -14.75 4.16
C GLN A 83 -19.72 -13.82 3.77
N ARG A 84 -19.40 -12.54 3.56
CA ARG A 84 -20.40 -11.53 3.18
C ARG A 84 -21.24 -11.96 1.97
N GLY A 85 -20.57 -12.40 0.91
CA GLY A 85 -21.23 -12.81 -0.31
C GLY A 85 -22.17 -14.00 -0.17
N LEU A 86 -21.73 -15.02 0.58
CA LEU A 86 -22.57 -16.19 0.84
C LEU A 86 -23.87 -15.80 1.55
N ILE A 87 -23.73 -14.96 2.57
CA ILE A 87 -24.87 -14.44 3.31
C ILE A 87 -25.77 -13.59 2.39
N ALA A 88 -25.15 -12.71 1.61
CA ALA A 88 -25.88 -11.85 0.67
C ALA A 88 -26.85 -12.63 -0.22
N ARG A 89 -26.41 -13.78 -0.72
CA ARG A 89 -27.19 -14.56 -1.69
C ARG A 89 -28.38 -15.32 -1.10
N TYR A 90 -28.42 -15.49 0.22
CA TYR A 90 -29.48 -16.29 0.84
C TYR A 90 -30.27 -15.59 1.95
N ALA A 91 -29.68 -14.55 2.55
CA ALA A 91 -30.24 -13.91 3.77
C ALA A 91 -31.69 -13.43 3.64
N ALA A 92 -32.09 -12.99 2.45
CA ALA A 92 -33.45 -12.48 2.26
C ALA A 92 -34.50 -13.57 2.49
N ASP A 93 -34.15 -14.80 2.14
CA ASP A 93 -35.04 -15.96 2.33
C ASP A 93 -34.83 -16.64 3.68
N TYR A 94 -33.83 -16.18 4.43
CA TYR A 94 -33.54 -16.69 5.78
C TYR A 94 -33.25 -15.55 6.75
N PRO A 95 -34.26 -14.68 6.99
CA PRO A 95 -34.01 -13.45 7.76
C PRO A 95 -33.85 -13.64 9.27
N ASN A 96 -34.43 -14.72 9.81
CA ASN A 96 -34.48 -14.94 11.26
C ASN A 96 -33.31 -15.76 11.76
N VAL A 97 -32.11 -15.33 11.41
CA VAL A 97 -30.86 -15.97 11.82
C VAL A 97 -29.95 -14.83 12.22
N ASN A 98 -29.14 -15.05 13.27
CA ASN A 98 -28.13 -14.07 13.68
C ASN A 98 -26.87 -14.29 12.85
N TYR A 99 -26.56 -13.33 11.98
CA TYR A 99 -25.39 -13.45 11.10
C TYR A 99 -24.13 -12.82 11.66
N LEU A 100 -23.05 -13.60 11.61
CA LEU A 100 -21.70 -13.11 11.87
C LEU A 100 -20.93 -13.16 10.54
N VAL A 101 -20.57 -11.98 10.02
CA VAL A 101 -19.86 -11.90 8.74
C VAL A 101 -18.37 -12.19 8.91
N LYS A 102 -17.91 -13.28 8.33
CA LYS A 102 -16.50 -13.63 8.34
C LYS A 102 -15.76 -12.72 7.38
N MSE A 103 -14.91 -11.83 7.92
CA MSE A 103 -14.30 -10.74 7.15
C MSE A 103 -13.16 -11.18 6.24
O MSE A 103 -12.92 -10.56 5.20
CB MSE A 103 -13.83 -9.61 8.07
CG MSE A 103 -14.94 -8.96 8.86
SE MSE A 103 -16.22 -8.04 7.72
CE MSE A 103 -15.05 -6.67 6.93
N ASN A 104 -12.42 -12.21 6.63
CA ASN A 104 -11.33 -12.71 5.81
C ASN A 104 -11.46 -14.19 5.47
N SER A 105 -10.83 -14.61 4.38
CA SER A 105 -10.79 -16.01 3.98
C SER A 105 -9.59 -16.27 3.07
N LYS A 106 -9.10 -17.51 3.10
CA LYS A 106 -8.11 -17.96 2.14
C LYS A 106 -8.46 -19.39 1.73
N THR A 107 -7.83 -19.90 0.68
CA THR A 107 -7.95 -21.30 0.32
C THR A 107 -6.83 -22.10 0.99
N ASN A 108 -6.96 -23.42 0.97
CA ASN A 108 -5.92 -24.29 1.52
C ASN A 108 -4.98 -24.87 0.45
N LEU A 109 -4.93 -24.23 -0.73
CA LEU A 109 -4.08 -24.72 -1.81
C LEU A 109 -2.59 -24.50 -1.55
N VAL A 110 -2.23 -23.33 -1.02
CA VAL A 110 -0.84 -23.06 -0.66
C VAL A 110 -0.59 -23.60 0.75
N LYS A 111 0.23 -24.65 0.85
CA LYS A 111 0.55 -25.23 2.16
C LYS A 111 1.61 -24.38 2.85
N THR A 112 1.67 -24.51 4.16
CA THR A 112 2.63 -23.78 5.00
C THR A 112 4.07 -23.98 4.54
N ALA A 113 4.42 -25.22 4.19
CA ALA A 113 5.75 -25.54 3.69
C ALA A 113 6.16 -24.72 2.46
N GLN A 114 5.19 -24.36 1.61
CA GLN A 114 5.46 -23.50 0.46
C GLN A 114 5.58 -22.03 0.88
N ASP A 115 4.58 -21.57 1.65
CA ASP A 115 4.57 -20.21 2.15
C ASP A 115 3.67 -20.12 3.38
N ASP A 116 4.08 -19.32 4.35
CA ASP A 116 3.29 -19.04 5.54
C ASP A 116 1.88 -18.55 5.18
N PRO A 117 0.89 -18.85 6.03
CA PRO A 117 -0.50 -18.48 5.71
C PRO A 117 -0.81 -16.99 5.88
N TYR A 118 -1.70 -16.49 5.03
CA TYR A 118 -2.25 -15.16 5.15
C TYR A 118 -3.69 -15.15 4.62
N SER A 119 -4.60 -14.69 5.46
CA SER A 119 -6.00 -14.58 5.08
C SER A 119 -6.39 -13.10 5.10
N PRO A 120 -6.66 -12.53 3.91
CA PRO A 120 -6.89 -11.09 3.77
C PRO A 120 -8.33 -10.67 4.00
N GLN A 121 -8.50 -9.50 4.60
CA GLN A 121 -9.83 -8.89 4.68
C GLN A 121 -10.40 -8.75 3.27
N LEU A 122 -11.61 -9.25 3.07
CA LEU A 122 -12.18 -9.38 1.74
C LEU A 122 -12.83 -8.09 1.21
N HIS A 123 -13.19 -7.20 2.12
CA HIS A 123 -13.87 -5.95 1.79
C HIS A 123 -13.88 -5.09 3.02
N ASP A 124 -14.25 -3.81 2.87
CA ASP A 124 -14.32 -2.93 4.02
C ASP A 124 -15.54 -3.24 4.90
N ILE A 125 -15.57 -2.63 6.08
CA ILE A 125 -16.68 -2.81 7.00
C ILE A 125 -17.96 -2.15 6.46
N GLU A 126 -17.80 -1.07 5.69
CA GLU A 126 -18.94 -0.33 5.12
C GLU A 126 -19.86 -1.20 4.29
N ALA A 127 -19.28 -2.19 3.60
CA ALA A 127 -20.03 -3.17 2.81
C ALA A 127 -20.98 -3.98 3.70
N VAL A 128 -20.50 -4.37 4.87
CA VAL A 128 -21.32 -5.09 5.85
C VAL A 128 -22.43 -4.19 6.42
N LEU A 129 -22.05 -2.97 6.79
CA LEU A 129 -23.02 -1.99 7.32
C LEU A 129 -24.14 -1.70 6.32
N ALA A 130 -23.80 -1.61 5.04
CA ALA A 130 -24.78 -1.37 3.99
C ALA A 130 -25.77 -2.53 3.91
N MSE A 131 -25.26 -3.75 4.09
CA MSE A 131 -26.08 -4.95 4.06
C MSE A 131 -26.98 -4.99 5.29
O MSE A 131 -28.15 -5.39 5.19
CB MSE A 131 -25.20 -6.19 3.98
CG MSE A 131 -25.90 -7.40 3.43
SE MSE A 131 -24.66 -8.85 3.01
CE MSE A 131 -24.00 -9.24 4.81
N ARG A 132 -26.44 -4.59 6.44
CA ARG A 132 -27.21 -4.47 7.69
C ARG A 132 -28.36 -3.48 7.53
N ASP A 133 -28.07 -2.35 6.90
CA ASP A 133 -29.07 -1.30 6.71
C ASP A 133 -30.08 -1.65 5.61
N ASN A 134 -29.78 -2.71 4.88
CA ASN A 134 -30.69 -3.24 3.88
C ASN A 134 -31.54 -4.38 4.46
N GLY A 135 -31.45 -4.57 5.77
CA GLY A 135 -32.34 -5.50 6.47
C GLY A 135 -31.76 -6.84 6.91
N VAL A 136 -30.46 -7.05 6.69
CA VAL A 136 -29.82 -8.30 7.11
C VAL A 136 -29.45 -8.21 8.60
N ASN A 137 -29.86 -9.24 9.36
CA ASN A 137 -29.60 -9.28 10.80
C ASN A 137 -28.14 -9.64 11.12
N VAL A 138 -27.24 -8.71 10.81
CA VAL A 138 -25.82 -8.83 11.13
C VAL A 138 -25.60 -8.40 12.57
N VAL A 139 -25.11 -9.32 13.40
CA VAL A 139 -24.90 -9.05 14.83
C VAL A 139 -23.42 -8.83 15.16
N GLY A 140 -22.54 -9.30 14.28
CA GLY A 140 -21.10 -9.18 14.51
C GLY A 140 -20.25 -9.62 13.36
N LEU A 141 -18.93 -9.56 13.56
CA LEU A 141 -17.95 -9.86 12.53
C LEU A 141 -16.96 -10.90 13.05
N GLY A 142 -16.34 -11.61 12.12
CA GLY A 142 -15.29 -12.58 12.44
C GLY A 142 -14.04 -12.31 11.64
N TYR A 143 -12.89 -12.75 12.16
CA TYR A 143 -11.59 -12.53 11.52
C TYR A 143 -10.59 -13.57 12.03
N THR A 144 -9.78 -14.11 11.12
CA THR A 144 -8.79 -15.12 11.47
C THR A 144 -7.38 -14.52 11.48
N LEU A 145 -6.64 -14.78 12.55
CA LEU A 145 -5.21 -14.41 12.63
C LEU A 145 -4.34 -15.65 12.76
N TYR A 146 -3.33 -15.76 11.89
CA TYR A 146 -2.30 -16.78 12.06
C TYR A 146 -1.08 -16.16 12.72
N LEU A 147 -1.04 -16.21 14.05
CA LEU A 147 0.13 -15.74 14.80
C LEU A 147 1.33 -16.60 14.45
N GLY A 148 2.49 -15.97 14.38
CA GLY A 148 3.72 -16.71 14.07
C GLY A 148 3.94 -16.97 12.60
N SER A 149 2.98 -16.57 11.77
CA SER A 149 3.16 -16.54 10.33
C SER A 149 4.08 -15.36 9.99
N GLU A 150 4.83 -15.47 8.92
CA GLU A 150 5.65 -14.34 8.46
C GLU A 150 4.78 -13.17 8.01
N TYR A 151 3.49 -13.45 7.79
CA TYR A 151 2.49 -12.43 7.43
C TYR A 151 1.63 -11.98 8.62
N GLU A 152 2.03 -12.39 9.83
CA GLU A 152 1.33 -12.02 11.07
C GLU A 152 0.99 -10.52 11.12
N ALA A 153 1.99 -9.68 10.86
CA ALA A 153 1.84 -8.23 11.00
C ALA A 153 0.64 -7.68 10.24
N THR A 154 0.43 -8.16 9.01
CA THR A 154 -0.67 -7.70 8.17
C THR A 154 -2.01 -8.05 8.82
N MSE A 155 -2.09 -9.24 9.39
CA MSE A 155 -3.32 -9.69 10.04
C MSE A 155 -3.59 -8.97 11.38
O MSE A 155 -4.73 -8.67 11.70
CB MSE A 155 -3.34 -11.21 10.20
CG MSE A 155 -3.71 -11.90 8.89
SE MSE A 155 -3.43 -13.82 8.90
CE MSE A 155 -1.49 -13.85 9.12
N LEU A 156 -2.53 -8.72 12.14
CA LEU A 156 -2.66 -7.93 13.37
C LEU A 156 -3.20 -6.52 13.08
N ALA A 157 -2.67 -5.90 12.03
CA ALA A 157 -3.10 -4.56 11.62
C ALA A 157 -4.56 -4.53 11.17
N GLU A 158 -4.95 -5.54 10.37
CA GLU A 158 -6.33 -5.63 9.91
C GLU A 158 -7.30 -5.92 11.05
N ALA A 159 -6.93 -6.84 11.94
CA ALA A 159 -7.79 -7.23 13.07
C ALA A 159 -7.99 -6.09 14.08
N GLY A 160 -6.89 -5.44 14.44
CA GLY A 160 -6.92 -4.35 15.41
C GLY A 160 -7.88 -3.24 14.99
N GLN A 161 -7.77 -2.82 13.72
CA GLN A 161 -8.62 -1.77 13.17
C GLN A 161 -10.08 -2.23 13.08
N LEU A 162 -10.27 -3.50 12.71
CA LEU A 162 -11.61 -4.07 12.56
C LEU A 162 -12.36 -4.10 13.90
N VAL A 163 -11.69 -4.50 14.97
CA VAL A 163 -12.32 -4.52 16.30
C VAL A 163 -12.82 -3.13 16.69
N ALA A 164 -11.97 -2.12 16.52
CA ALA A 164 -12.33 -0.72 16.82
C ALA A 164 -13.53 -0.24 16.00
N GLN A 165 -13.51 -0.50 14.70
CA GLN A 165 -14.59 -0.08 13.80
C GLN A 165 -15.89 -0.83 14.10
N ALA A 166 -15.79 -2.13 14.41
CA ALA A 166 -16.96 -2.95 14.75
C ALA A 166 -17.65 -2.46 16.02
N HIS A 167 -16.86 -2.14 17.03
CA HIS A 167 -17.40 -1.67 18.30
C HIS A 167 -17.95 -0.28 18.21
N GLU A 168 -17.37 0.52 17.31
CA GLU A 168 -17.92 1.84 16.97
C GLU A 168 -19.36 1.70 16.48
N GLU A 169 -19.63 0.60 15.78
CA GLU A 169 -20.96 0.34 15.22
C GLU A 169 -21.80 -0.57 16.11
N GLY A 170 -21.24 -0.96 17.26
CA GLY A 170 -21.93 -1.83 18.19
C GLY A 170 -22.12 -3.26 17.69
N LEU A 171 -21.18 -3.74 16.89
CA LEU A 171 -21.18 -5.14 16.47
C LEU A 171 -20.22 -5.91 17.37
N ILE A 172 -20.53 -7.19 17.61
CA ILE A 172 -19.61 -8.04 18.37
C ILE A 172 -18.51 -8.55 17.43
N VAL A 173 -17.39 -8.99 18.01
CA VAL A 173 -16.27 -9.47 17.22
C VAL A 173 -15.75 -10.79 17.76
N VAL A 174 -15.66 -11.79 16.88
CA VAL A 174 -15.09 -13.07 17.21
C VAL A 174 -13.78 -13.19 16.43
N LEU A 175 -12.69 -13.48 17.12
CA LEU A 175 -11.42 -13.71 16.46
C LEU A 175 -11.05 -15.19 16.48
N TRP A 176 -10.83 -15.77 15.31
CA TRP A 176 -10.22 -17.10 15.20
C TRP A 176 -8.75 -16.87 15.28
N ILE A 177 -8.10 -17.42 16.28
CA ILE A 177 -6.65 -17.28 16.37
C ILE A 177 -5.96 -18.63 16.33
N TYR A 178 -5.35 -18.93 15.18
CA TYR A 178 -4.65 -20.18 14.96
C TYR A 178 -3.18 -19.92 14.64
N PRO A 179 -2.33 -19.95 15.67
CA PRO A 179 -0.91 -19.80 15.37
C PRO A 179 -0.45 -20.87 14.37
N ARG A 180 0.03 -20.40 13.21
CA ARG A 180 0.40 -21.29 12.11
C ARG A 180 1.56 -20.69 11.33
N GLY A 181 2.51 -21.55 10.99
CA GLY A 181 3.66 -21.14 10.20
C GLY A 181 4.90 -21.96 10.49
N LYS A 182 5.90 -21.77 9.64
CA LYS A 182 7.28 -22.18 9.82
C LYS A 182 7.71 -22.15 11.30
N ALA A 183 7.47 -21.00 11.94
CA ALA A 183 7.91 -20.73 13.31
C ALA A 183 7.16 -21.55 14.36
N VAL A 184 5.95 -21.98 14.03
CA VAL A 184 5.06 -22.66 14.99
C VAL A 184 5.22 -24.19 14.90
N GLY A 185 4.84 -24.77 13.76
CA GLY A 185 4.99 -26.20 13.51
C GLY A 185 4.36 -27.10 14.54
N LYS A 186 5.18 -27.89 15.22
CA LYS A 186 4.73 -28.87 16.22
C LYS A 186 4.07 -28.25 17.46
N ASP A 187 4.29 -26.95 17.67
CA ASP A 187 3.72 -26.25 18.83
C ASP A 187 2.31 -25.69 18.58
N GLU A 188 1.72 -26.01 17.43
CA GLU A 188 0.38 -25.50 17.07
C GLU A 188 -0.65 -25.64 18.17
N LYS A 189 -0.68 -26.79 18.83
CA LYS A 189 -1.69 -27.07 19.84
C LYS A 189 -1.09 -27.32 21.23
N ALA A 190 0.12 -26.82 21.45
CA ALA A 190 0.71 -26.83 22.78
C ALA A 190 -0.08 -25.88 23.69
N PRO A 191 -0.28 -26.27 24.97
CA PRO A 191 -1.06 -25.45 25.90
C PRO A 191 -0.60 -23.98 25.96
N THR A 192 0.71 -23.76 25.97
CA THR A 192 1.26 -22.39 25.98
C THR A 192 0.82 -21.60 24.75
N THR A 193 0.82 -22.24 23.58
CA THR A 193 0.40 -21.64 22.32
C THR A 193 -1.08 -21.21 22.34
N ILE A 194 -1.96 -22.12 22.74
CA ILE A 194 -3.39 -21.84 22.86
C ILE A 194 -3.65 -20.69 23.84
N ALA A 195 -2.95 -20.73 24.98
CA ALA A 195 -3.05 -19.66 25.97
C ALA A 195 -2.56 -18.33 25.40
N GLY A 196 -1.43 -18.36 24.70
CA GLY A 196 -0.90 -17.18 24.05
C GLY A 196 -1.91 -16.58 23.09
N ALA A 197 -2.54 -17.44 22.29
CA ALA A 197 -3.53 -17.02 21.31
C ALA A 197 -4.71 -16.31 21.97
N ALA A 198 -5.20 -16.90 23.07
CA ALA A 198 -6.35 -16.35 23.78
C ALA A 198 -6.06 -14.96 24.35
N GLY A 199 -4.86 -14.81 24.92
CA GLY A 199 -4.42 -13.52 25.46
C GLY A 199 -4.32 -12.41 24.43
N VAL A 200 -3.89 -12.77 23.21
CA VAL A 200 -3.76 -11.79 22.12
C VAL A 200 -5.13 -11.20 21.75
N ALA A 201 -6.15 -12.05 21.66
CA ALA A 201 -7.50 -11.61 21.31
C ALA A 201 -8.06 -10.56 22.26
N LEU A 202 -7.78 -10.72 23.56
CA LEU A 202 -8.16 -9.73 24.56
C LEU A 202 -7.48 -8.39 24.30
N CYS A 203 -6.17 -8.43 24.04
CA CYS A 203 -5.40 -7.21 23.78
C CYS A 203 -5.90 -6.47 22.53
N LEU A 204 -6.42 -7.23 21.57
CA LEU A 204 -6.99 -6.65 20.36
C LEU A 204 -8.42 -6.15 20.60
N GLY A 205 -9.02 -6.61 21.69
CA GLY A 205 -10.33 -6.11 22.10
C GLY A 205 -11.52 -6.97 21.71
N ALA A 206 -11.25 -8.22 21.33
CA ALA A 206 -12.30 -9.14 20.88
C ALA A 206 -13.31 -9.47 21.97
N ASP A 207 -14.55 -9.70 21.58
CA ASP A 207 -15.58 -10.16 22.51
C ASP A 207 -15.45 -11.66 22.76
N PHE A 208 -15.04 -12.40 21.73
CA PHE A 208 -14.82 -13.83 21.83
C PHE A 208 -13.57 -14.23 21.05
N VAL A 209 -12.92 -15.29 21.50
CA VAL A 209 -11.78 -15.86 20.78
C VAL A 209 -12.01 -17.36 20.55
N LYS A 210 -11.86 -17.78 19.29
CA LYS A 210 -11.96 -19.18 18.92
C LYS A 210 -10.56 -19.75 18.77
N VAL A 211 -10.27 -20.76 19.58
CA VAL A 211 -8.97 -21.44 19.55
C VAL A 211 -9.15 -22.94 19.36
N ASN A 212 -8.08 -23.61 18.96
CA ASN A 212 -8.02 -25.05 18.98
C ASN A 212 -7.99 -25.54 20.43
N PRO A 213 -8.53 -26.74 20.70
CA PRO A 213 -8.29 -27.29 22.03
C PRO A 213 -6.81 -27.67 22.16
N PRO A 214 -6.19 -27.40 23.33
CA PRO A 214 -4.80 -27.79 23.48
C PRO A 214 -4.67 -29.31 23.67
N VAL A 215 -3.51 -29.85 23.34
CA VAL A 215 -3.21 -31.26 23.60
C VAL A 215 -3.17 -31.52 25.10
N ALA A 216 -3.45 -32.76 25.49
CA ALA A 216 -3.27 -33.19 26.88
C ALA A 216 -1.79 -33.36 27.16
N THR A 217 -1.38 -33.02 28.38
CA THR A 217 -0.01 -33.22 28.85
C THR A 217 0.02 -34.30 29.93
N GLU A 218 1.20 -34.58 30.47
CA GLU A 218 1.34 -35.52 31.58
C GLU A 218 0.54 -35.07 32.81
N ASP A 219 0.61 -33.78 33.11
CA ASP A 219 0.00 -33.22 34.30
C ASP A 219 -1.50 -32.92 34.17
N LYS A 220 -1.94 -32.53 32.97
CA LYS A 220 -3.30 -32.05 32.76
C LYS A 220 -3.97 -32.58 31.49
N THR A 221 -5.28 -32.72 31.55
CA THR A 221 -6.08 -33.07 30.37
C THR A 221 -6.17 -31.87 29.41
N SER A 222 -6.73 -32.10 28.23
CA SER A 222 -6.99 -31.04 27.27
C SER A 222 -7.84 -29.92 27.88
N ALA A 223 -8.95 -30.30 28.50
CA ALA A 223 -9.86 -29.34 29.13
C ALA A 223 -9.19 -28.58 30.29
N GLU A 224 -8.36 -29.28 31.05
CA GLU A 224 -7.64 -28.65 32.16
C GLU A 224 -6.61 -27.63 31.67
N ASN A 225 -5.92 -27.96 30.58
CA ASN A 225 -5.00 -27.02 29.93
C ASN A 225 -5.72 -25.82 29.33
N LEU A 226 -6.93 -26.04 28.83
CA LEU A 226 -7.76 -24.96 28.28
C LEU A 226 -8.09 -23.91 29.33
N ALA A 227 -8.20 -24.32 30.60
CA ALA A 227 -8.52 -23.40 31.69
C ALA A 227 -7.51 -22.25 31.79
N VAL A 228 -6.25 -22.55 31.50
CA VAL A 228 -5.17 -21.55 31.50
C VAL A 228 -5.42 -20.53 30.38
N ALA A 229 -5.91 -21.02 29.24
CA ALA A 229 -6.21 -20.18 28.10
C ALA A 229 -7.44 -19.30 28.37
N SER A 230 -8.49 -19.87 28.97
CA SER A 230 -9.68 -19.10 29.31
C SER A 230 -9.33 -17.99 30.29
N ALA A 231 -8.41 -18.27 31.20
CA ALA A 231 -7.93 -17.30 32.17
C ALA A 231 -7.17 -16.17 31.45
N ALA A 232 -6.22 -16.55 30.59
CA ALA A 232 -5.44 -15.59 29.77
C ALA A 232 -6.30 -14.64 28.96
N ALA A 233 -7.44 -15.14 28.49
CA ALA A 233 -8.40 -14.36 27.69
C ALA A 233 -9.15 -13.32 28.52
N GLY A 234 -9.15 -13.46 29.84
CA GLY A 234 -9.78 -12.49 30.74
C GLY A 234 -11.25 -12.27 30.43
N ARG A 235 -11.61 -11.02 30.15
CA ARG A 235 -12.99 -10.65 29.80
C ARG A 235 -13.36 -10.92 28.34
N THR A 236 -12.47 -11.55 27.58
CA THR A 236 -12.79 -12.06 26.25
C THR A 236 -13.21 -13.51 26.41
N GLY A 237 -14.44 -13.83 26.01
CA GLY A 237 -14.96 -15.20 26.10
C GLY A 237 -14.21 -16.13 25.17
N LEU A 238 -13.80 -17.29 25.69
CA LEU A 238 -13.10 -18.27 24.86
C LEU A 238 -14.09 -19.31 24.32
N VAL A 239 -14.10 -19.50 23.01
CA VAL A 239 -14.85 -20.60 22.42
C VAL A 239 -13.90 -21.62 21.81
N CYS A 240 -14.32 -22.88 21.85
CA CYS A 240 -13.47 -23.96 21.40
C CYS A 240 -14.24 -24.88 20.46
N ALA A 241 -13.62 -26.00 20.08
CA ALA A 241 -14.24 -26.97 19.18
C ALA A 241 -14.05 -28.42 19.65
N GLY A 242 -15.04 -29.26 19.37
CA GLY A 242 -14.91 -30.70 19.57
C GLY A 242 -14.35 -31.37 18.33
N GLY A 243 -13.81 -32.58 18.50
CA GLY A 243 -13.26 -33.36 17.39
C GLY A 243 -14.29 -33.70 16.33
N SER A 244 -13.97 -33.40 15.07
CA SER A 244 -14.87 -33.62 13.94
C SER A 244 -14.97 -35.11 13.59
N THR A 245 -14.11 -35.90 14.20
CA THR A 245 -13.90 -37.30 13.84
C THR A 245 -14.49 -38.32 14.82
N VAL A 246 -14.71 -37.89 16.07
CA VAL A 246 -15.17 -38.80 17.13
C VAL A 246 -16.69 -39.06 17.09
N GLU A 247 -17.14 -40.00 17.94
CA GLU A 247 -18.57 -40.29 18.11
C GLU A 247 -19.31 -39.11 18.75
N ALA A 248 -20.62 -39.04 18.50
CA ALA A 248 -21.45 -37.96 19.01
C ALA A 248 -21.38 -37.75 20.53
N LYS A 249 -21.40 -38.85 21.29
CA LYS A 249 -21.31 -38.77 22.75
C LYS A 249 -19.95 -38.20 23.20
N VAL A 250 -18.88 -38.66 22.55
CA VAL A 250 -17.54 -38.17 22.83
C VAL A 250 -17.45 -36.68 22.51
N PHE A 251 -18.04 -36.30 21.38
CA PHE A 251 -18.07 -34.90 20.95
C PHE A 251 -18.78 -34.02 21.97
N LEU A 252 -19.96 -34.44 22.42
CA LEU A 252 -20.74 -33.69 23.40
C LEU A 252 -20.07 -33.62 24.77
N GLN A 253 -19.33 -34.67 25.14
CA GLN A 253 -18.57 -34.69 26.38
C GLN A 253 -17.43 -33.67 26.33
N GLN A 254 -16.70 -33.65 25.22
CA GLN A 254 -15.64 -32.66 25.00
C GLN A 254 -16.18 -31.25 25.21
N LEU A 255 -17.30 -30.94 24.56
CA LEU A 255 -17.91 -29.61 24.68
C LEU A 255 -18.26 -29.27 26.12
N HIS A 256 -18.86 -30.23 26.83
CA HIS A 256 -19.22 -30.08 28.24
C HIS A 256 -18.00 -29.81 29.08
N ASP A 257 -16.96 -30.62 28.88
CA ASP A 257 -15.71 -30.50 29.63
C ASP A 257 -15.03 -29.16 29.39
N GLN A 258 -15.05 -28.70 28.14
CA GLN A 258 -14.45 -27.43 27.77
C GLN A 258 -15.08 -26.26 28.50
N ILE A 259 -16.41 -26.32 28.67
CA ILE A 259 -17.11 -25.27 29.39
C ILE A 259 -16.87 -25.38 30.90
N TYR A 260 -17.18 -26.54 31.47
CA TYR A 260 -17.21 -26.67 32.93
C TYR A 260 -15.86 -26.94 33.60
N ILE A 261 -14.94 -27.54 32.86
CA ILE A 261 -13.56 -27.70 33.35
C ILE A 261 -12.64 -26.65 32.71
N GLY A 262 -12.71 -26.53 31.38
CA GLY A 262 -11.83 -25.62 30.64
C GLY A 262 -12.19 -24.16 30.71
N GLY A 263 -13.38 -23.85 31.23
CA GLY A 263 -13.83 -22.48 31.41
C GLY A 263 -14.19 -21.76 30.11
N ALA A 264 -14.61 -22.50 29.09
CA ALA A 264 -15.01 -21.91 27.81
C ALA A 264 -16.37 -21.23 27.88
N SER A 265 -16.54 -20.16 27.12
CA SER A 265 -17.80 -19.41 27.07
C SER A 265 -18.67 -19.81 25.88
N GLY A 266 -18.35 -20.95 25.27
CA GLY A 266 -19.12 -21.46 24.14
C GLY A 266 -18.30 -22.31 23.21
N ASN A 267 -18.78 -22.46 21.97
CA ASN A 267 -18.14 -23.33 20.99
C ASN A 267 -18.41 -22.93 19.53
N ALA A 268 -17.55 -23.41 18.64
CA ALA A 268 -17.72 -23.20 17.22
C ALA A 268 -17.70 -24.56 16.53
N THR A 269 -18.79 -24.88 15.83
CA THR A 269 -18.90 -26.16 15.13
C THR A 269 -19.27 -25.93 13.66
N GLY A 270 -18.59 -26.66 12.78
CA GLY A 270 -18.77 -26.49 11.34
C GLY A 270 -19.14 -27.78 10.64
N ARG A 271 -18.13 -28.45 10.08
CA ARG A 271 -18.37 -29.65 9.28
C ARG A 271 -19.06 -30.78 10.04
N ASN A 272 -18.83 -30.88 11.34
CA ASN A 272 -19.50 -31.89 12.15
C ASN A 272 -21.03 -31.76 12.09
N ILE A 273 -21.51 -30.55 11.93
CA ILE A 273 -22.93 -30.31 11.70
C ILE A 273 -23.32 -30.52 10.23
N HIS A 274 -22.72 -29.75 9.31
CA HIS A 274 -23.25 -29.66 7.95
C HIS A 274 -23.01 -30.85 7.08
N GLN A 275 -22.06 -31.70 7.44
CA GLN A 275 -21.78 -32.92 6.68
C GLN A 275 -22.85 -34.00 6.86
N ARG A 276 -23.76 -33.76 7.79
CA ARG A 276 -24.86 -34.67 8.06
C ARG A 276 -26.11 -34.26 7.29
N SER A 277 -27.05 -35.19 7.15
CA SER A 277 -28.35 -34.89 6.55
C SER A 277 -29.04 -33.78 7.34
N LEU A 278 -29.94 -33.03 6.69
CA LEU A 278 -30.60 -31.89 7.32
C LEU A 278 -31.20 -32.22 8.69
N ASP A 279 -31.96 -33.31 8.77
CA ASP A 279 -32.59 -33.72 10.02
C ASP A 279 -31.59 -33.97 11.14
N GLU A 280 -30.59 -34.82 10.88
CA GLU A 280 -29.56 -35.14 11.85
C GLU A 280 -28.69 -33.92 12.19
N ALA A 281 -28.48 -33.04 11.21
CA ALA A 281 -27.72 -31.80 11.41
C ALA A 281 -28.47 -30.86 12.34
N VAL A 282 -29.79 -30.75 12.14
CA VAL A 282 -30.64 -29.95 13.00
C VAL A 282 -30.61 -30.50 14.44
N ARG A 283 -30.69 -31.82 14.57
CA ARG A 283 -30.65 -32.46 15.88
C ARG A 283 -29.33 -32.20 16.61
N LEU A 284 -28.23 -32.19 15.86
CA LEU A 284 -26.92 -31.92 16.45
C LEU A 284 -26.77 -30.47 16.93
N THR A 285 -27.35 -29.50 16.20
CA THR A 285 -27.33 -28.11 16.65
C THR A 285 -28.12 -27.97 17.96
N LYS A 286 -29.23 -28.70 18.03
CA LYS A 286 -30.07 -28.70 19.22
C LYS A 286 -29.37 -29.32 20.43
N ALA A 287 -28.65 -30.42 20.20
CA ALA A 287 -27.86 -31.08 21.26
C ALA A 287 -26.74 -30.18 21.78
N ILE A 288 -26.00 -29.56 20.86
CA ILE A 288 -24.92 -28.62 21.20
C ILE A 288 -25.47 -27.43 22.00
N SER A 289 -26.55 -26.84 21.49
CA SER A 289 -27.16 -25.69 22.14
C SER A 289 -27.76 -26.06 23.49
N ALA A 290 -28.24 -27.29 23.62
CA ALA A 290 -28.75 -27.80 24.89
C ALA A 290 -27.69 -27.70 25.98
N ILE A 291 -26.45 -28.09 25.65
CA ILE A 291 -25.34 -27.98 26.60
C ILE A 291 -24.90 -26.52 26.78
N THR A 292 -24.65 -25.86 25.67
CA THR A 292 -24.08 -24.51 25.67
C THR A 292 -25.04 -23.46 26.23
N LEU A 293 -26.30 -23.54 25.83
CA LEU A 293 -27.28 -22.52 26.21
C LEU A 293 -28.18 -22.90 27.39
N ALA A 294 -28.37 -24.20 27.61
CA ALA A 294 -29.34 -24.65 28.62
C ALA A 294 -28.77 -25.61 29.68
N ASP A 295 -27.45 -25.74 29.72
CA ASP A 295 -26.73 -26.47 30.77
C ASP A 295 -27.05 -27.96 30.87
N TYR A 296 -27.57 -28.54 29.79
CA TYR A 296 -27.91 -29.96 29.77
C TYR A 296 -26.71 -30.84 30.12
N ASP A 297 -26.99 -31.93 30.82
CA ASP A 297 -26.03 -33.01 31.00
C ASP A 297 -25.75 -33.66 29.65
N VAL A 298 -24.60 -34.30 29.54
CA VAL A 298 -24.21 -35.03 28.33
C VAL A 298 -25.28 -36.06 27.94
N ASP A 299 -25.76 -36.81 28.94
CA ASP A 299 -26.81 -37.81 28.74
C ASP A 299 -28.07 -37.23 28.11
N ARG A 300 -28.53 -36.10 28.65
CA ARG A 300 -29.75 -35.49 28.15
C ARG A 300 -29.55 -34.86 26.77
N ALA A 301 -28.37 -34.29 26.52
CA ALA A 301 -28.02 -33.76 25.21
C ALA A 301 -27.98 -34.87 24.15
N LEU A 302 -27.42 -36.02 24.53
CA LEU A 302 -27.35 -37.17 23.63
C LEU A 302 -28.74 -37.64 23.21
N ALA A 303 -29.70 -37.54 24.13
CA ALA A 303 -31.10 -37.88 23.84
C ALA A 303 -31.70 -36.95 22.79
N VAL A 304 -31.30 -35.68 22.81
CA VAL A 304 -31.73 -34.72 21.80
C VAL A 304 -31.13 -35.08 20.44
N PHE A 305 -29.84 -35.40 20.42
CA PHE A 305 -29.16 -35.81 19.20
C PHE A 305 -29.82 -37.06 18.58
N ASN A 306 -30.19 -38.01 19.44
CA ASN A 306 -30.80 -39.26 18.99
C ASN A 306 -32.31 -39.14 18.72
N GLY A 307 -32.85 -37.94 18.85
CA GLY A 307 -34.24 -37.67 18.49
C GLY A 307 -35.28 -38.14 19.51
N GLU A 308 -34.82 -38.51 20.69
CA GLU A 308 -35.70 -38.97 21.77
C GLU A 308 -36.42 -37.80 22.45
N GLU A 309 -35.76 -36.65 22.46
CA GLU A 309 -36.35 -35.41 22.99
C GLU A 309 -36.10 -34.28 22.01
N ASP A 310 -37.02 -33.33 21.96
CA ASP A 310 -36.82 -32.10 21.21
C ASP A 310 -36.11 -31.09 22.11
N PHE A 311 -35.65 -29.99 21.52
CA PHE A 311 -35.07 -28.88 22.27
C PHE A 311 -35.42 -27.55 21.61
N ALA A 312 -35.87 -26.62 22.43
CA ALA A 312 -36.10 -25.25 22.01
C ALA A 312 -35.57 -24.29 23.07
N LEU A 313 -35.44 -23.01 22.72
CA LEU A 313 -34.92 -22.01 23.64
C LEU A 313 -35.88 -21.70 24.79
N HIS A 314 -35.29 -21.48 25.97
CA HIS A 314 -36.01 -21.34 27.23
C HIS A 314 -36.52 -19.95 27.44
N HIS A 315 -35.74 -18.98 26.99
CA HIS A 315 -36.05 -17.57 27.12
C HIS A 315 -35.63 -16.84 25.87
N HIS A 316 -36.42 -15.84 25.47
CA HIS A 316 -36.20 -15.13 24.21
C HIS A 316 -36.01 -13.66 24.44
N HIS A 317 -34.78 -13.20 24.19
CA HIS A 317 -34.45 -11.77 24.18
C HIS A 317 -33.07 -11.55 23.61
N PRO B 2 -34.73 -20.91 -21.87
CA PRO B 2 -35.72 -20.64 -20.84
C PRO B 2 -36.30 -19.23 -20.96
N LYS B 3 -37.22 -18.90 -20.06
CA LYS B 3 -37.81 -17.56 -20.00
C LYS B 3 -38.11 -17.20 -18.55
N ILE B 4 -37.71 -16.00 -18.15
CA ILE B 4 -37.95 -15.51 -16.80
C ILE B 4 -38.60 -14.12 -16.80
N THR B 5 -39.34 -13.81 -15.75
CA THR B 5 -39.89 -12.47 -15.55
C THR B 5 -39.02 -11.71 -14.56
N ARG B 6 -39.25 -10.40 -14.46
CA ARG B 6 -38.52 -9.54 -13.52
C ARG B 6 -38.65 -10.03 -12.07
N ASP B 7 -39.84 -10.47 -11.71
CA ASP B 7 -40.14 -10.96 -10.36
C ASP B 7 -39.37 -12.23 -10.01
N GLN B 8 -39.02 -13.02 -11.03
CA GLN B 8 -38.26 -14.25 -10.83
C GLN B 8 -36.77 -14.02 -10.55
N VAL B 9 -36.27 -12.82 -10.84
CA VAL B 9 -34.88 -12.47 -10.53
C VAL B 9 -34.73 -12.39 -9.01
N LYS B 10 -33.81 -13.19 -8.47
CA LYS B 10 -33.52 -13.17 -7.05
C LYS B 10 -32.48 -12.12 -6.72
N VAL B 11 -32.93 -11.02 -6.13
CA VAL B 11 -32.06 -9.89 -5.81
C VAL B 11 -31.31 -10.18 -4.50
N PRO B 12 -29.98 -10.29 -4.57
CA PRO B 12 -29.19 -10.54 -3.36
C PRO B 12 -29.27 -9.35 -2.40
N ALA B 13 -29.08 -9.62 -1.11
CA ALA B 13 -29.28 -8.63 -0.06
C ALA B 13 -28.20 -7.53 0.00
N ASP B 14 -27.13 -7.66 -0.80
CA ASP B 14 -26.12 -6.59 -0.90
C ASP B 14 -26.44 -5.59 -2.01
N VAL B 15 -27.50 -5.85 -2.77
CA VAL B 15 -28.03 -4.86 -3.70
C VAL B 15 -28.97 -3.97 -2.88
N LEU B 16 -28.61 -2.70 -2.74
CA LEU B 16 -29.37 -1.79 -1.87
C LEU B 16 -30.71 -1.40 -2.51
N ALA B 17 -31.66 -1.00 -1.68
CA ALA B 17 -33.03 -0.72 -2.12
C ALA B 17 -33.09 0.19 -3.35
N ASP B 18 -32.29 1.25 -3.36
CA ASP B 18 -32.31 2.23 -4.45
C ASP B 18 -31.62 1.77 -5.73
N ALA B 19 -30.95 0.62 -5.69
CA ALA B 19 -30.33 0.03 -6.88
C ALA B 19 -31.07 -1.23 -7.36
N ARG B 20 -32.11 -1.61 -6.64
CA ARG B 20 -32.85 -2.85 -6.92
C ARG B 20 -33.36 -2.96 -8.36
N GLU B 21 -34.04 -1.91 -8.82
CA GLU B 21 -34.59 -1.93 -10.18
C GLU B 21 -33.50 -1.91 -11.25
N THR B 22 -32.42 -1.17 -10.99
CA THR B 22 -31.26 -1.14 -11.87
C THR B 22 -30.64 -2.53 -12.01
N TYR B 23 -30.46 -3.22 -10.89
CA TYR B 23 -29.92 -4.59 -10.88
C TYR B 23 -30.78 -5.52 -11.74
N ILE B 24 -32.10 -5.46 -11.54
CA ILE B 24 -33.04 -6.31 -12.31
C ILE B 24 -32.95 -5.98 -13.80
N ASP B 25 -32.91 -4.69 -14.14
CA ASP B 25 -32.70 -4.25 -15.52
C ASP B 25 -31.47 -4.95 -16.10
N ASN B 26 -30.36 -4.86 -15.38
CA ASN B 26 -29.08 -5.41 -15.83
C ASN B 26 -29.06 -6.93 -15.92
N TYR B 27 -29.72 -7.59 -14.98
CA TYR B 27 -29.81 -9.04 -14.97
C TYR B 27 -30.65 -9.49 -16.16
N MSE B 28 -31.75 -8.78 -16.41
CA MSE B 28 -32.65 -9.10 -17.52
C MSE B 28 -31.98 -8.85 -18.88
O MSE B 28 -32.17 -9.64 -19.81
CB MSE B 28 -33.97 -8.33 -17.41
CG MSE B 28 -34.83 -8.76 -16.24
SE MSE B 28 -35.58 -10.57 -16.46
CE MSE B 28 -36.89 -10.15 -17.84
N LYS B 29 -31.21 -7.78 -18.99
CA LYS B 29 -30.44 -7.50 -20.20
C LYS B 29 -29.37 -8.56 -20.42
N ALA B 30 -28.50 -8.75 -19.43
CA ALA B 30 -27.37 -9.66 -19.53
C ALA B 30 -27.77 -11.10 -19.85
N THR B 31 -28.89 -11.55 -19.27
CA THR B 31 -29.41 -12.90 -19.54
C THR B 31 -30.47 -12.89 -20.64
N GLN B 32 -30.70 -11.72 -21.23
CA GLN B 32 -31.70 -11.54 -22.28
C GLN B 32 -33.07 -12.08 -21.86
N GLY B 33 -33.42 -11.91 -20.59
CA GLY B 33 -34.70 -12.36 -20.04
C GLY B 33 -34.87 -13.87 -20.00
N THR B 34 -33.76 -14.61 -19.91
CA THR B 34 -33.81 -16.06 -19.89
C THR B 34 -33.24 -16.66 -18.60
N GLY B 35 -32.45 -15.86 -17.88
CA GLY B 35 -31.75 -16.33 -16.69
C GLY B 35 -30.41 -16.99 -17.05
N ARG B 36 -30.19 -17.18 -18.34
CA ARG B 36 -28.97 -17.83 -18.84
C ARG B 36 -28.02 -16.78 -19.40
N LEU B 37 -26.72 -16.95 -19.14
CA LEU B 37 -25.72 -16.01 -19.60
C LEU B 37 -24.94 -16.53 -20.79
N MSE B 38 -25.11 -15.86 -21.93
CA MSE B 38 -24.28 -16.08 -23.12
C MSE B 38 -23.25 -14.97 -23.15
O MSE B 38 -23.55 -13.83 -23.49
CB MSE B 38 -25.14 -16.08 -24.40
CG MSE B 38 -24.41 -16.54 -25.68
SE MSE B 38 -22.89 -15.41 -26.26
CE MSE B 38 -22.64 -16.12 -28.06
N LEU B 39 -22.01 -15.31 -22.79
CA LEU B 39 -20.96 -14.32 -22.70
C LEU B 39 -19.99 -14.41 -23.87
N PHE B 40 -19.88 -13.30 -24.62
CA PHE B 40 -18.86 -13.16 -25.66
C PHE B 40 -17.63 -12.49 -25.04
N ALA B 41 -16.54 -13.25 -24.92
CA ALA B 41 -15.31 -12.78 -24.28
C ALA B 41 -14.39 -12.11 -25.27
N CYS B 42 -14.10 -10.83 -25.03
CA CYS B 42 -13.28 -10.02 -25.91
C CYS B 42 -12.11 -9.36 -25.16
N ASP B 43 -11.62 -10.03 -24.13
CA ASP B 43 -10.59 -9.46 -23.26
C ASP B 43 -9.20 -10.02 -23.52
N GLN B 44 -9.09 -10.89 -24.52
CA GLN B 44 -7.84 -11.63 -24.76
C GLN B 44 -6.70 -10.86 -25.44
N LYS B 45 -6.97 -9.61 -25.86
CA LYS B 45 -5.92 -8.77 -26.43
C LYS B 45 -4.82 -8.47 -25.40
N VAL B 46 -5.20 -8.44 -24.12
CA VAL B 46 -4.20 -8.32 -23.06
C VAL B 46 -3.70 -9.71 -22.65
N GLU B 47 -4.62 -10.63 -22.40
CA GLU B 47 -4.31 -11.95 -21.85
C GLU B 47 -3.31 -12.76 -22.67
N HIS B 48 -3.51 -12.80 -23.99
CA HIS B 48 -2.62 -13.56 -24.87
C HIS B 48 -1.96 -12.68 -25.89
N LEU B 49 -1.97 -11.37 -25.63
CA LEU B 49 -1.42 -10.37 -26.52
C LEU B 49 -2.08 -10.40 -27.91
N ASN B 50 -1.30 -10.50 -28.98
CA ASN B 50 -1.88 -10.61 -30.31
C ASN B 50 -2.06 -12.05 -30.79
N GLY B 51 -1.73 -13.01 -29.92
CA GLY B 51 -1.76 -14.43 -30.24
C GLY B 51 -3.08 -14.98 -30.75
N ASP B 52 -4.19 -14.52 -30.18
CA ASP B 52 -5.51 -15.01 -30.56
C ASP B 52 -6.13 -14.23 -31.72
N PHE B 53 -5.40 -13.24 -32.23
CA PHE B 53 -5.99 -12.27 -33.17
C PHE B 53 -5.33 -12.20 -34.55
N TYR B 54 -4.14 -12.76 -34.65
CA TYR B 54 -3.40 -12.78 -35.91
C TYR B 54 -2.49 -14.00 -35.95
N GLY B 55 -2.44 -14.66 -37.10
CA GLY B 55 -1.63 -15.86 -37.26
C GLY B 55 -2.35 -16.98 -38.01
N GLU B 56 -1.70 -18.14 -38.07
CA GLU B 56 -2.22 -19.28 -38.81
C GLU B 56 -3.58 -19.74 -38.26
N GLY B 57 -4.51 -20.04 -39.16
CA GLY B 57 -5.85 -20.48 -38.80
C GLY B 57 -6.77 -19.38 -38.32
N ILE B 58 -6.27 -18.15 -38.29
CA ILE B 58 -7.05 -17.00 -37.82
C ILE B 58 -7.42 -16.11 -39.00
N ASP B 59 -8.70 -15.82 -39.14
CA ASP B 59 -9.20 -14.96 -40.22
C ASP B 59 -8.63 -13.55 -40.11
N ILE B 60 -8.25 -12.98 -41.26
CA ILE B 60 -7.58 -11.68 -41.34
C ILE B 60 -8.40 -10.51 -40.75
N SER B 61 -9.72 -10.65 -40.74
CA SER B 61 -10.58 -9.63 -40.15
C SER B 61 -10.39 -9.50 -38.63
N ASP B 62 -9.91 -10.57 -38.00
CA ASP B 62 -9.67 -10.58 -36.56
C ASP B 62 -8.49 -9.70 -36.12
N SER B 63 -7.67 -9.27 -37.08
CA SER B 63 -6.53 -8.41 -36.76
C SER B 63 -6.96 -6.96 -36.48
N ASP B 64 -8.21 -6.64 -36.84
CA ASP B 64 -8.82 -5.36 -36.53
C ASP B 64 -9.78 -5.56 -35.36
N PRO B 65 -9.54 -4.84 -34.24
CA PRO B 65 -10.37 -4.90 -33.03
C PRO B 65 -11.85 -4.58 -33.26
N GLU B 66 -12.17 -3.77 -34.27
CA GLU B 66 -13.57 -3.42 -34.54
C GLU B 66 -14.40 -4.66 -34.90
N HIS B 67 -13.71 -5.70 -35.36
CA HIS B 67 -14.27 -7.03 -35.63
C HIS B 67 -15.12 -7.53 -34.48
N LEU B 68 -14.59 -7.39 -33.26
CA LEU B 68 -15.28 -7.85 -32.04
C LEU B 68 -16.60 -7.13 -31.81
N PHE B 69 -16.62 -5.82 -32.04
CA PHE B 69 -17.81 -5.01 -31.88
C PHE B 69 -18.84 -5.28 -32.97
N LYS B 70 -18.36 -5.56 -34.18
CA LYS B 70 -19.23 -5.95 -35.29
C LYS B 70 -19.96 -7.25 -34.98
N ILE B 71 -19.22 -8.23 -34.45
CA ILE B 71 -19.78 -9.53 -34.09
C ILE B 71 -20.82 -9.36 -32.99
N ALA B 72 -20.45 -8.61 -31.95
CA ALA B 72 -21.36 -8.34 -30.85
C ALA B 72 -22.63 -7.63 -31.32
N ASP B 73 -22.49 -6.71 -32.27
CA ASP B 73 -23.63 -5.93 -32.76
C ASP B 73 -24.51 -6.72 -33.71
N GLN B 74 -23.90 -7.45 -34.64
CA GLN B 74 -24.64 -8.17 -35.67
C GLN B 74 -25.06 -9.57 -35.22
N GLY B 75 -24.26 -10.19 -34.37
CA GLY B 75 -24.58 -11.52 -33.84
C GLY B 75 -25.57 -11.45 -32.68
N VAL B 76 -25.77 -12.58 -32.03
CA VAL B 76 -26.61 -12.64 -30.83
C VAL B 76 -25.75 -13.05 -29.63
N CYS B 77 -25.68 -12.15 -28.65
N CYS B 77 -25.67 -12.16 -28.64
CA CYS B 77 -24.92 -12.39 -27.42
CA CYS B 77 -24.90 -12.42 -27.43
C CYS B 77 -25.68 -11.85 -26.24
C CYS B 77 -25.60 -11.77 -26.24
N GLY B 78 -25.34 -12.31 -25.04
CA GLY B 78 -25.90 -11.75 -23.81
C GLY B 78 -25.13 -10.51 -23.43
N VAL B 79 -23.83 -10.69 -23.19
CA VAL B 79 -22.94 -9.57 -22.90
C VAL B 79 -21.65 -9.67 -23.69
N MSE B 80 -21.05 -8.52 -23.95
N MSE B 80 -21.04 -8.52 -23.93
CA MSE B 80 -19.72 -8.46 -24.49
CA MSE B 80 -19.71 -8.45 -24.52
C MSE B 80 -18.80 -8.04 -23.36
C MSE B 80 -18.75 -8.00 -23.42
O MSE B 80 -18.99 -6.96 -22.78
O MSE B 80 -18.87 -6.88 -22.91
CB MSE B 80 -19.65 -7.45 -25.64
CB MSE B 80 -19.70 -7.47 -25.69
CG MSE B 80 -18.55 -7.74 -26.64
CG MSE B 80 -18.37 -7.35 -26.42
SE MSE B 80 -17.98 -6.14 -27.59
SE MSE B 80 -17.10 -6.20 -25.49
CE MSE B 80 -16.76 -5.41 -26.26
CE MSE B 80 -15.89 -5.80 -26.97
N ALA B 81 -17.82 -8.89 -23.05
CA ALA B 81 -16.88 -8.63 -21.98
C ALA B 81 -15.54 -8.14 -22.53
N GLY B 82 -15.15 -6.93 -22.14
CA GLY B 82 -13.88 -6.35 -22.56
C GLY B 82 -13.36 -5.33 -21.56
N GLN B 83 -12.10 -4.95 -21.71
CA GLN B 83 -11.48 -3.92 -20.86
C GLN B 83 -12.18 -2.56 -21.03
N ARG B 84 -12.12 -1.73 -20.00
CA ARG B 84 -12.74 -0.41 -20.03
C ARG B 84 -12.32 0.41 -21.25
N GLY B 85 -11.02 0.47 -21.51
CA GLY B 85 -10.47 1.28 -22.59
C GLY B 85 -10.87 0.80 -23.97
N LEU B 86 -10.90 -0.51 -24.16
CA LEU B 86 -11.33 -1.12 -25.41
C LEU B 86 -12.78 -0.74 -25.71
N ILE B 87 -13.64 -0.87 -24.70
CA ILE B 87 -15.05 -0.49 -24.82
C ILE B 87 -15.17 1.02 -25.07
N ALA B 88 -14.38 1.81 -24.35
CA ALA B 88 -14.39 3.27 -24.48
C ALA B 88 -14.18 3.79 -25.91
N ARG B 89 -13.28 3.15 -26.66
CA ARG B 89 -12.94 3.63 -28.00
C ARG B 89 -13.96 3.27 -29.08
N TYR B 90 -14.90 2.36 -28.79
CA TYR B 90 -15.85 1.90 -29.81
C TYR B 90 -17.34 2.02 -29.47
N ALA B 91 -17.67 2.11 -28.18
CA ALA B 91 -19.06 2.05 -27.69
C ALA B 91 -20.01 3.10 -28.27
N ALA B 92 -19.47 4.26 -28.63
CA ALA B 92 -20.27 5.32 -29.22
C ALA B 92 -20.88 4.86 -30.54
N ASP B 93 -20.10 4.11 -31.32
CA ASP B 93 -20.57 3.59 -32.59
C ASP B 93 -21.28 2.25 -32.46
N TYR B 94 -21.28 1.69 -31.25
CA TYR B 94 -21.96 0.41 -30.98
C TYR B 94 -22.73 0.43 -29.67
N PRO B 95 -23.73 1.33 -29.57
CA PRO B 95 -24.40 1.53 -28.28
C PRO B 95 -25.36 0.41 -27.87
N ASN B 96 -25.76 -0.43 -28.81
CA ASN B 96 -26.80 -1.44 -28.56
C ASN B 96 -26.27 -2.81 -28.13
N VAL B 97 -25.19 -2.79 -27.38
CA VAL B 97 -24.57 -4.01 -26.86
C VAL B 97 -24.62 -3.92 -25.33
N ASN B 98 -24.80 -5.07 -24.66
CA ASN B 98 -24.70 -5.14 -23.21
C ASN B 98 -23.25 -5.34 -22.82
N TYR B 99 -22.64 -4.30 -22.27
CA TYR B 99 -21.21 -4.35 -21.95
C TYR B 99 -20.93 -4.84 -20.55
N LEU B 100 -19.96 -5.74 -20.44
CA LEU B 100 -19.44 -6.18 -19.16
C LEU B 100 -17.98 -5.75 -19.11
N VAL B 101 -17.65 -4.83 -18.20
CA VAL B 101 -16.30 -4.32 -18.12
C VAL B 101 -15.41 -5.24 -17.28
N LYS B 102 -14.45 -5.87 -17.95
CA LYS B 102 -13.44 -6.71 -17.29
C LYS B 102 -12.45 -5.81 -16.53
N MSE B 103 -12.46 -5.93 -15.21
CA MSE B 103 -11.79 -4.98 -14.30
C MSE B 103 -10.29 -5.22 -14.13
O MSE B 103 -9.55 -4.31 -13.76
CB MSE B 103 -12.45 -5.01 -12.92
CG MSE B 103 -13.91 -4.64 -12.92
SE MSE B 103 -14.19 -2.78 -13.46
CE MSE B 103 -13.20 -1.88 -12.03
N ASN B 104 -9.85 -6.44 -14.39
CA ASN B 104 -8.43 -6.76 -14.31
C ASN B 104 -7.94 -7.50 -15.54
N SER B 105 -6.64 -7.42 -15.81
CA SER B 105 -6.00 -8.13 -16.91
C SER B 105 -4.50 -8.25 -16.67
N LYS B 106 -3.91 -9.32 -17.19
CA LYS B 106 -2.46 -9.47 -17.21
C LYS B 106 -2.06 -10.05 -18.56
N THR B 107 -0.78 -9.96 -18.91
CA THR B 107 -0.28 -10.61 -20.12
C THR B 107 0.17 -12.03 -19.77
N ASN B 108 0.46 -12.83 -20.79
CA ASN B 108 0.94 -14.20 -20.56
C ASN B 108 2.44 -14.33 -20.77
N LEU B 109 3.15 -13.20 -20.68
CA LEU B 109 4.58 -13.21 -20.88
C LEU B 109 5.32 -13.91 -19.74
N VAL B 110 4.91 -13.62 -18.51
CA VAL B 110 5.47 -14.31 -17.34
C VAL B 110 4.71 -15.61 -17.12
N LYS B 111 5.39 -16.74 -17.33
CA LYS B 111 4.78 -18.06 -17.12
C LYS B 111 4.79 -18.41 -15.64
N THR B 112 3.86 -19.27 -15.25
CA THR B 112 3.74 -19.76 -13.87
C THR B 112 5.10 -20.18 -13.29
N ALA B 113 5.84 -20.98 -14.05
CA ALA B 113 7.14 -21.49 -13.60
C ALA B 113 8.11 -20.39 -13.19
N GLN B 114 8.02 -19.23 -13.82
CA GLN B 114 8.83 -18.06 -13.44
C GLN B 114 8.28 -17.42 -12.18
N ASP B 115 6.97 -17.16 -12.17
CA ASP B 115 6.30 -16.57 -11.02
C ASP B 115 4.80 -16.83 -11.10
N ASP B 116 4.17 -17.03 -9.93
CA ASP B 116 2.72 -17.23 -9.86
C ASP B 116 1.95 -16.06 -10.47
N PRO B 117 0.75 -16.34 -11.04
CA PRO B 117 0.00 -15.31 -11.75
C PRO B 117 -0.67 -14.29 -10.84
N TYR B 118 -0.66 -13.03 -11.26
CA TYR B 118 -1.44 -11.97 -10.61
C TYR B 118 -2.00 -11.01 -11.66
N SER B 119 -3.31 -10.79 -11.59
CA SER B 119 -4.00 -9.92 -12.53
C SER B 119 -4.64 -8.76 -11.75
N PRO B 120 -4.06 -7.55 -11.88
CA PRO B 120 -4.47 -6.42 -11.05
C PRO B 120 -5.69 -5.68 -11.59
N GLN B 121 -6.55 -5.21 -10.68
CA GLN B 121 -7.58 -4.26 -11.04
C GLN B 121 -6.94 -3.07 -11.75
N LEU B 122 -7.46 -2.74 -12.93
CA LEU B 122 -6.81 -1.77 -13.80
C LEU B 122 -7.17 -0.32 -13.46
N HIS B 123 -8.28 -0.14 -12.75
CA HIS B 123 -8.79 1.19 -12.38
C HIS B 123 -9.91 1.01 -11.38
N ASP B 124 -10.35 2.11 -10.77
CA ASP B 124 -11.44 2.01 -9.78
C ASP B 124 -12.80 1.84 -10.47
N ILE B 125 -13.83 1.54 -9.68
CA ILE B 125 -15.17 1.36 -10.20
C ILE B 125 -15.76 2.68 -10.72
N GLU B 126 -15.38 3.79 -10.11
CA GLU B 126 -15.90 5.11 -10.47
C GLU B 126 -15.67 5.46 -11.95
N ALA B 127 -14.54 5.01 -12.49
CA ALA B 127 -14.25 5.17 -13.92
C ALA B 127 -15.27 4.46 -14.80
N VAL B 128 -15.71 3.28 -14.37
CA VAL B 128 -16.78 2.56 -15.08
C VAL B 128 -18.13 3.28 -14.93
N LEU B 129 -18.42 3.76 -13.71
CA LEU B 129 -19.66 4.47 -13.43
C LEU B 129 -19.78 5.76 -14.25
N ALA B 130 -18.67 6.47 -14.40
CA ALA B 130 -18.62 7.70 -15.20
C ALA B 130 -18.93 7.41 -16.67
N MSE B 131 -18.42 6.28 -17.16
CA MSE B 131 -18.66 5.85 -18.53
C MSE B 131 -20.12 5.45 -18.72
O MSE B 131 -20.74 5.80 -19.74
CB MSE B 131 -17.73 4.69 -18.88
CG MSE B 131 -17.51 4.50 -20.36
SE MSE B 131 -15.97 3.38 -20.75
CE MSE B 131 -16.65 1.68 -20.09
N ARG B 132 -20.68 4.72 -17.76
CA ARG B 132 -22.11 4.39 -17.75
C ARG B 132 -22.96 5.66 -17.79
N ASP B 133 -22.60 6.64 -16.97
CA ASP B 133 -23.30 7.92 -16.89
C ASP B 133 -23.11 8.77 -18.15
N ASN B 134 -22.18 8.37 -19.00
CA ASN B 134 -21.91 9.07 -20.26
C ASN B 134 -22.59 8.39 -21.45
N GLY B 135 -23.51 7.48 -21.17
CA GLY B 135 -24.30 6.83 -22.22
C GLY B 135 -23.96 5.37 -22.52
N VAL B 136 -22.85 4.87 -21.97
CA VAL B 136 -22.44 3.49 -22.26
C VAL B 136 -23.27 2.47 -21.46
N ASN B 137 -23.82 1.51 -22.18
CA ASN B 137 -24.68 0.48 -21.59
C ASN B 137 -23.86 -0.60 -20.88
N VAL B 138 -23.28 -0.23 -19.74
CA VAL B 138 -22.56 -1.17 -18.88
C VAL B 138 -23.56 -1.85 -17.95
N VAL B 139 -23.64 -3.19 -18.04
CA VAL B 139 -24.61 -3.95 -17.25
C VAL B 139 -23.95 -4.70 -16.08
N GLY B 140 -22.62 -4.82 -16.15
CA GLY B 140 -21.89 -5.48 -15.09
C GLY B 140 -20.38 -5.43 -15.24
N LEU B 141 -19.70 -6.08 -14.30
CA LEU B 141 -18.24 -6.11 -14.25
C LEU B 141 -17.73 -7.54 -14.22
N GLY B 142 -16.49 -7.72 -14.67
CA GLY B 142 -15.81 -9.01 -14.60
C GLY B 142 -14.50 -8.91 -13.87
N TYR B 143 -14.08 -10.00 -13.24
CA TYR B 143 -12.80 -10.07 -12.52
C TYR B 143 -12.26 -11.50 -12.45
N THR B 144 -10.95 -11.64 -12.66
CA THR B 144 -10.29 -12.95 -12.64
C THR B 144 -9.52 -13.19 -11.34
N LEU B 145 -9.75 -14.35 -10.72
CA LEU B 145 -8.98 -14.77 -9.55
C LEU B 145 -8.19 -16.03 -9.84
N TYR B 146 -6.89 -16.00 -9.57
CA TYR B 146 -6.09 -17.22 -9.61
C TYR B 146 -5.91 -17.76 -8.20
N LEU B 147 -6.83 -18.65 -7.79
CA LEU B 147 -6.73 -19.30 -6.49
C LEU B 147 -5.51 -20.21 -6.49
N GLY B 148 -4.82 -20.29 -5.35
CA GLY B 148 -3.62 -21.11 -5.25
C GLY B 148 -2.36 -20.40 -5.72
N SER B 149 -2.52 -19.23 -6.33
CA SER B 149 -1.38 -18.38 -6.66
C SER B 149 -0.85 -17.81 -5.34
N GLU B 150 0.45 -17.55 -5.29
CA GLU B 150 1.02 -16.87 -4.13
C GLU B 150 0.50 -15.45 -3.99
N TYR B 151 -0.17 -14.96 -5.03
CA TYR B 151 -0.78 -13.63 -5.01
C TYR B 151 -2.29 -13.72 -4.82
N GLU B 152 -2.77 -14.91 -4.42
CA GLU B 152 -4.20 -15.15 -4.21
C GLU B 152 -4.85 -14.07 -3.33
N ALA B 153 -4.17 -13.73 -2.23
CA ALA B 153 -4.70 -12.80 -1.24
C ALA B 153 -5.10 -11.47 -1.86
N THR B 154 -4.23 -10.96 -2.72
CA THR B 154 -4.43 -9.67 -3.36
C THR B 154 -5.70 -9.67 -4.22
N MSE B 155 -5.88 -10.74 -4.99
CA MSE B 155 -7.04 -10.88 -5.85
C MSE B 155 -8.34 -11.13 -5.06
O MSE B 155 -9.38 -10.62 -5.45
CB MSE B 155 -6.81 -11.93 -6.92
CG MSE B 155 -5.92 -11.42 -8.02
SE MSE B 155 -5.30 -12.80 -9.21
CE MSE B 155 -4.11 -13.78 -8.02
N LEU B 156 -8.25 -11.90 -3.98
CA LEU B 156 -9.40 -12.09 -3.08
C LEU B 156 -9.89 -10.77 -2.50
N ALA B 157 -8.96 -9.96 -2.02
CA ALA B 157 -9.26 -8.65 -1.46
C ALA B 157 -9.88 -7.73 -2.51
N GLU B 158 -9.30 -7.69 -3.69
CA GLU B 158 -9.83 -6.89 -4.80
C GLU B 158 -11.22 -7.38 -5.23
N ALA B 159 -11.37 -8.69 -5.43
CA ALA B 159 -12.63 -9.27 -5.89
C ALA B 159 -13.79 -9.05 -4.92
N GLY B 160 -13.51 -9.24 -3.63
CA GLY B 160 -14.52 -9.11 -2.59
C GLY B 160 -15.09 -7.72 -2.47
N GLN B 161 -14.20 -6.72 -2.49
CA GLN B 161 -14.59 -5.30 -2.44
C GLN B 161 -15.37 -4.91 -3.70
N LEU B 162 -14.89 -5.40 -4.83
CA LEU B 162 -15.52 -5.13 -6.12
C LEU B 162 -16.97 -5.59 -6.19
N VAL B 163 -17.24 -6.83 -5.77
CA VAL B 163 -18.60 -7.39 -5.79
C VAL B 163 -19.55 -6.53 -4.95
N ALA B 164 -19.08 -6.11 -3.77
CA ALA B 164 -19.85 -5.24 -2.89
C ALA B 164 -20.20 -3.92 -3.57
N GLN B 165 -19.18 -3.28 -4.16
CA GLN B 165 -19.37 -1.99 -4.82
C GLN B 165 -20.24 -2.11 -6.07
N ALA B 166 -20.05 -3.19 -6.82
CA ALA B 166 -20.86 -3.46 -8.00
C ALA B 166 -22.35 -3.59 -7.65
N HIS B 167 -22.64 -4.39 -6.63
CA HIS B 167 -24.02 -4.60 -6.20
C HIS B 167 -24.64 -3.39 -5.58
N GLU B 168 -23.80 -2.55 -4.97
CA GLU B 168 -24.24 -1.26 -4.46
C GLU B 168 -24.84 -0.43 -5.60
N GLU B 169 -24.26 -0.58 -6.80
CA GLU B 169 -24.64 0.19 -7.96
C GLU B 169 -25.64 -0.56 -8.85
N GLY B 170 -25.97 -1.79 -8.48
CA GLY B 170 -26.90 -2.61 -9.26
C GLY B 170 -26.29 -3.17 -10.53
N LEU B 171 -24.97 -3.34 -10.53
CA LEU B 171 -24.27 -4.04 -11.61
C LEU B 171 -24.16 -5.52 -11.29
N ILE B 172 -24.27 -6.39 -12.30
CA ILE B 172 -24.02 -7.82 -12.10
C ILE B 172 -22.52 -8.09 -12.08
N VAL B 173 -22.12 -9.22 -11.52
CA VAL B 173 -20.70 -9.55 -11.41
C VAL B 173 -20.42 -10.97 -11.87
N VAL B 174 -19.51 -11.09 -12.83
CA VAL B 174 -19.03 -12.37 -13.30
C VAL B 174 -17.57 -12.54 -12.87
N LEU B 175 -17.29 -13.61 -12.12
CA LEU B 175 -15.92 -13.91 -11.74
C LEU B 175 -15.35 -15.07 -12.55
N TRP B 176 -14.19 -14.82 -13.16
CA TRP B 176 -13.39 -15.86 -13.77
C TRP B 176 -12.55 -16.41 -12.66
N ILE B 177 -12.73 -17.68 -12.35
CA ILE B 177 -11.91 -18.29 -11.30
C ILE B 177 -11.10 -19.44 -11.87
N TYR B 178 -9.80 -19.19 -12.04
CA TYR B 178 -8.87 -20.14 -12.62
C TYR B 178 -7.76 -20.46 -11.62
N PRO B 179 -7.96 -21.51 -10.82
CA PRO B 179 -6.88 -21.90 -9.89
C PRO B 179 -5.61 -22.17 -10.69
N ARG B 180 -4.56 -21.43 -10.37
CA ARG B 180 -3.31 -21.49 -11.14
C ARG B 180 -2.13 -21.10 -10.25
N GLY B 181 -1.05 -21.84 -10.40
CA GLY B 181 0.15 -21.60 -9.62
C GLY B 181 0.91 -22.86 -9.31
N LYS B 182 2.18 -22.68 -8.97
CA LYS B 182 3.05 -23.64 -8.31
C LYS B 182 2.25 -24.70 -7.53
N ALA B 183 1.40 -24.23 -6.62
CA ALA B 183 0.60 -25.07 -5.72
C ALA B 183 -0.43 -25.95 -6.43
N VAL B 184 -0.85 -25.53 -7.62
CA VAL B 184 -1.97 -26.17 -8.29
C VAL B 184 -1.47 -27.20 -9.30
N GLY B 185 -0.59 -26.76 -10.20
CA GLY B 185 0.06 -27.65 -11.16
C GLY B 185 -0.90 -28.58 -11.88
N LYS B 186 -0.68 -29.88 -11.69
CA LYS B 186 -1.47 -30.92 -12.38
C LYS B 186 -2.96 -30.92 -12.03
N ASP B 187 -3.31 -30.32 -10.89
CA ASP B 187 -4.69 -30.32 -10.40
C ASP B 187 -5.57 -29.23 -10.99
N GLU B 188 -5.05 -28.51 -11.98
CA GLU B 188 -5.71 -27.32 -12.56
C GLU B 188 -7.16 -27.54 -13.00
N LYS B 189 -7.44 -28.70 -13.57
CA LYS B 189 -8.77 -29.02 -14.10
C LYS B 189 -9.34 -30.30 -13.50
N ALA B 190 -8.83 -30.67 -12.32
CA ALA B 190 -9.42 -31.73 -11.52
C ALA B 190 -10.84 -31.33 -11.08
N PRO B 191 -11.77 -32.30 -11.03
CA PRO B 191 -13.17 -32.00 -10.66
C PRO B 191 -13.30 -31.21 -9.35
N THR B 192 -12.53 -31.61 -8.33
CA THR B 192 -12.55 -30.94 -7.02
C THR B 192 -12.07 -29.48 -7.11
N THR B 193 -11.12 -29.23 -8.00
CA THR B 193 -10.58 -27.88 -8.20
C THR B 193 -11.63 -26.95 -8.81
N ILE B 194 -12.33 -27.43 -9.82
CA ILE B 194 -13.38 -26.67 -10.48
C ILE B 194 -14.54 -26.40 -9.51
N ALA B 195 -14.92 -27.44 -8.75
CA ALA B 195 -15.98 -27.30 -7.75
C ALA B 195 -15.59 -26.30 -6.65
N GLY B 196 -14.34 -26.38 -6.20
CA GLY B 196 -13.81 -25.44 -5.22
C GLY B 196 -13.91 -24.01 -5.72
N ALA B 197 -13.45 -23.80 -6.95
CA ALA B 197 -13.50 -22.51 -7.61
C ALA B 197 -14.93 -21.97 -7.63
N ALA B 198 -15.88 -22.83 -7.96
CA ALA B 198 -17.30 -22.46 -8.06
C ALA B 198 -17.87 -22.00 -6.72
N GLY B 199 -17.52 -22.71 -5.64
CA GLY B 199 -17.97 -22.35 -4.30
C GLY B 199 -17.44 -21.00 -3.83
N VAL B 200 -16.19 -20.71 -4.17
CA VAL B 200 -15.55 -19.46 -3.74
C VAL B 200 -16.24 -18.23 -4.34
N ALA B 201 -16.66 -18.34 -5.60
CA ALA B 201 -17.39 -17.26 -6.25
C ALA B 201 -18.69 -16.94 -5.54
N LEU B 202 -19.40 -17.97 -5.11
CA LEU B 202 -20.60 -17.80 -4.31
C LEU B 202 -20.28 -17.05 -3.01
N CYS B 203 -19.24 -17.50 -2.31
CA CYS B 203 -18.86 -16.87 -1.04
C CYS B 203 -18.48 -15.41 -1.19
N LEU B 204 -17.88 -15.06 -2.32
CA LEU B 204 -17.54 -13.68 -2.64
C LEU B 204 -18.75 -12.85 -3.06
N GLY B 205 -19.83 -13.52 -3.50
CA GLY B 205 -21.10 -12.84 -3.79
C GLY B 205 -21.43 -12.63 -5.25
N ALA B 206 -20.64 -13.27 -6.13
CA ALA B 206 -20.80 -13.14 -7.57
C ALA B 206 -22.16 -13.65 -8.07
N ASP B 207 -22.64 -13.06 -9.16
CA ASP B 207 -23.87 -13.51 -9.80
C ASP B 207 -23.60 -14.69 -10.73
N PHE B 208 -22.43 -14.69 -11.36
CA PHE B 208 -21.99 -15.78 -12.22
C PHE B 208 -20.52 -16.06 -12.00
N VAL B 209 -20.15 -17.33 -12.19
CA VAL B 209 -18.76 -17.76 -12.15
C VAL B 209 -18.36 -18.48 -13.44
N LYS B 210 -17.24 -18.07 -14.02
CA LYS B 210 -16.68 -18.73 -15.19
C LYS B 210 -15.53 -19.65 -14.77
N VAL B 211 -15.66 -20.93 -15.13
CA VAL B 211 -14.64 -21.93 -14.80
C VAL B 211 -14.22 -22.71 -16.04
N ASN B 212 -13.06 -23.36 -15.96
CA ASN B 212 -12.69 -24.38 -16.94
C ASN B 212 -13.59 -25.59 -16.79
N PRO B 213 -13.87 -26.30 -17.90
CA PRO B 213 -14.51 -27.59 -17.75
C PRO B 213 -13.55 -28.58 -17.08
N PRO B 214 -14.06 -29.40 -16.15
CA PRO B 214 -13.20 -30.38 -15.49
C PRO B 214 -12.90 -31.57 -16.40
N VAL B 215 -11.77 -32.24 -16.16
CA VAL B 215 -11.44 -33.46 -16.91
C VAL B 215 -12.46 -34.56 -16.62
N ALA B 216 -12.67 -35.44 -17.59
CA ALA B 216 -13.43 -36.65 -17.34
C ALA B 216 -12.61 -37.54 -16.43
N THR B 217 -13.30 -38.37 -15.65
CA THR B 217 -12.64 -39.38 -14.83
C THR B 217 -13.16 -40.75 -15.24
N GLU B 218 -12.61 -41.81 -14.63
CA GLU B 218 -13.13 -43.16 -14.85
C GLU B 218 -14.61 -43.20 -14.48
N ASP B 219 -14.92 -42.54 -13.37
CA ASP B 219 -16.28 -42.47 -12.83
C ASP B 219 -17.24 -41.66 -13.71
N LYS B 220 -16.79 -40.50 -14.18
CA LYS B 220 -17.69 -39.50 -14.76
C LYS B 220 -17.15 -38.79 -16.00
N THR B 221 -18.06 -38.37 -16.87
CA THR B 221 -17.74 -37.48 -17.98
C THR B 221 -17.43 -36.07 -17.45
N SER B 222 -16.79 -35.26 -18.28
CA SER B 222 -16.50 -33.86 -17.94
C SER B 222 -17.76 -33.12 -17.47
N ALA B 223 -18.84 -33.27 -18.23
CA ALA B 223 -20.12 -32.64 -17.91
C ALA B 223 -20.69 -33.14 -16.59
N GLU B 224 -20.58 -34.45 -16.34
CA GLU B 224 -21.02 -35.04 -15.07
C GLU B 224 -20.26 -34.52 -13.86
N ASN B 225 -18.95 -34.34 -14.03
CA ASN B 225 -18.12 -33.70 -12.99
C ASN B 225 -18.51 -32.24 -12.76
N LEU B 226 -18.89 -31.55 -13.84
CA LEU B 226 -19.31 -30.15 -13.76
C LEU B 226 -20.56 -29.95 -12.91
N ALA B 227 -21.41 -30.98 -12.84
CA ALA B 227 -22.63 -30.93 -12.03
C ALA B 227 -22.32 -30.66 -10.55
N VAL B 228 -21.25 -31.26 -10.05
CA VAL B 228 -20.79 -31.05 -8.68
C VAL B 228 -20.41 -29.58 -8.47
N ALA B 229 -19.70 -29.01 -9.43
CA ALA B 229 -19.30 -27.61 -9.38
C ALA B 229 -20.50 -26.68 -9.47
N SER B 230 -21.46 -27.01 -10.34
CA SER B 230 -22.69 -26.22 -10.47
C SER B 230 -23.48 -26.23 -9.18
N ALA B 231 -23.52 -27.39 -8.52
CA ALA B 231 -24.16 -27.51 -7.21
C ALA B 231 -23.45 -26.64 -6.16
N ALA B 232 -22.12 -26.75 -6.10
CA ALA B 232 -21.29 -26.00 -5.15
C ALA B 232 -21.48 -24.48 -5.26
N ALA B 233 -21.74 -23.99 -6.47
CA ALA B 233 -21.90 -22.57 -6.72
C ALA B 233 -23.25 -22.03 -6.21
N GLY B 234 -24.18 -22.94 -5.91
CA GLY B 234 -25.48 -22.57 -5.38
C GLY B 234 -26.23 -21.56 -6.22
N ARG B 235 -26.57 -20.41 -5.63
CA ARG B 235 -27.34 -19.37 -6.32
C ARG B 235 -26.51 -18.51 -7.27
N THR B 236 -25.20 -18.80 -7.33
CA THR B 236 -24.33 -18.22 -8.34
C THR B 236 -24.38 -19.13 -9.57
N GLY B 237 -24.73 -18.56 -10.72
CA GLY B 237 -24.79 -19.32 -11.97
C GLY B 237 -23.39 -19.67 -12.44
N LEU B 238 -23.20 -20.93 -12.84
CA LEU B 238 -21.91 -21.37 -13.37
C LEU B 238 -21.93 -21.29 -14.90
N VAL B 239 -20.89 -20.69 -15.47
CA VAL B 239 -20.70 -20.71 -16.92
C VAL B 239 -19.36 -21.32 -17.29
N CYS B 240 -19.35 -22.02 -18.42
CA CYS B 240 -18.21 -22.83 -18.80
C CYS B 240 -17.77 -22.48 -20.22
N ALA B 241 -16.83 -23.27 -20.76
CA ALA B 241 -16.37 -23.08 -22.14
C ALA B 241 -16.27 -24.40 -22.91
N GLY B 242 -16.57 -24.35 -24.20
CA GLY B 242 -16.27 -25.46 -25.10
C GLY B 242 -14.84 -25.35 -25.61
N GLY B 243 -14.30 -26.45 -26.12
CA GLY B 243 -12.94 -26.48 -26.67
C GLY B 243 -12.80 -25.62 -27.92
N SER B 244 -11.74 -24.80 -27.96
CA SER B 244 -11.47 -23.91 -29.09
C SER B 244 -10.98 -24.67 -30.31
N THR B 245 -10.51 -25.89 -30.07
CA THR B 245 -9.83 -26.70 -31.07
C THR B 245 -10.77 -27.57 -31.93
N VAL B 246 -11.99 -27.79 -31.47
CA VAL B 246 -12.88 -28.80 -32.08
C VAL B 246 -13.80 -28.27 -33.20
N GLU B 247 -14.42 -29.23 -33.90
CA GLU B 247 -15.46 -28.96 -34.90
C GLU B 247 -16.62 -28.18 -34.29
N ALA B 248 -17.40 -27.52 -35.14
CA ALA B 248 -18.56 -26.73 -34.70
C ALA B 248 -19.64 -27.57 -34.00
N LYS B 249 -19.88 -28.79 -34.50
CA LYS B 249 -20.89 -29.66 -33.90
C LYS B 249 -20.42 -30.22 -32.56
N VAL B 250 -19.16 -30.63 -32.51
CA VAL B 250 -18.56 -31.13 -31.27
C VAL B 250 -18.62 -30.04 -30.19
N PHE B 251 -18.30 -28.82 -30.58
CA PHE B 251 -18.38 -27.66 -29.70
C PHE B 251 -19.79 -27.40 -29.16
N LEU B 252 -20.78 -27.41 -30.04
CA LEU B 252 -22.17 -27.17 -29.63
C LEU B 252 -22.71 -28.30 -28.75
N GLN B 253 -22.24 -29.51 -28.98
CA GLN B 253 -22.58 -30.67 -28.17
C GLN B 253 -22.04 -30.51 -26.74
N GLN B 254 -20.81 -30.02 -26.63
CA GLN B 254 -20.19 -29.77 -25.32
C GLN B 254 -21.00 -28.78 -24.50
N LEU B 255 -21.40 -27.67 -25.12
CA LEU B 255 -22.21 -26.65 -24.47
C LEU B 255 -23.57 -27.16 -24.04
N HIS B 256 -24.16 -28.02 -24.87
CA HIS B 256 -25.45 -28.63 -24.54
C HIS B 256 -25.32 -29.51 -23.34
N ASP B 257 -24.28 -30.35 -23.31
CA ASP B 257 -24.00 -31.22 -22.17
C ASP B 257 -23.72 -30.44 -20.89
N GLN B 258 -22.96 -29.37 -21.01
CA GLN B 258 -22.65 -28.51 -19.86
C GLN B 258 -23.89 -27.94 -19.21
N ILE B 259 -24.86 -27.54 -20.03
CA ILE B 259 -26.11 -27.02 -19.51
C ILE B 259 -27.00 -28.12 -18.92
N TYR B 260 -27.30 -29.14 -19.72
CA TYR B 260 -28.32 -30.11 -19.35
C TYR B 260 -27.87 -31.27 -18.47
N ILE B 261 -26.59 -31.60 -18.52
CA ILE B 261 -26.01 -32.63 -17.65
C ILE B 261 -25.12 -31.96 -16.58
N GLY B 262 -24.36 -30.95 -16.96
CA GLY B 262 -23.44 -30.26 -16.06
C GLY B 262 -24.05 -29.19 -15.18
N GLY B 263 -25.29 -28.79 -15.49
CA GLY B 263 -26.01 -27.80 -14.69
C GLY B 263 -25.57 -26.36 -14.84
N ALA B 264 -24.82 -26.06 -15.90
CA ALA B 264 -24.35 -24.70 -16.17
C ALA B 264 -25.50 -23.74 -16.48
N SER B 265 -25.32 -22.47 -16.12
CA SER B 265 -26.30 -21.43 -16.41
C SER B 265 -25.92 -20.59 -17.64
N GLY B 266 -25.04 -21.15 -18.47
CA GLY B 266 -24.61 -20.47 -19.68
C GLY B 266 -23.18 -20.82 -20.07
N ASN B 267 -22.58 -19.94 -20.87
CA ASN B 267 -21.23 -20.16 -21.39
C ASN B 267 -20.46 -18.88 -21.70
N ALA B 268 -19.15 -19.03 -21.82
CA ALA B 268 -18.26 -17.94 -22.19
C ALA B 268 -17.40 -18.39 -23.37
N THR B 269 -17.60 -17.74 -24.50
CA THR B 269 -16.86 -18.10 -25.71
C THR B 269 -16.12 -16.89 -26.25
N GLY B 270 -14.84 -17.09 -26.56
CA GLY B 270 -13.99 -16.01 -27.06
C GLY B 270 -13.45 -16.28 -28.45
N ARG B 271 -12.21 -16.77 -28.51
CA ARG B 271 -11.50 -16.95 -29.78
C ARG B 271 -12.22 -17.86 -30.76
N ASN B 272 -12.98 -18.81 -30.25
CA ASN B 272 -13.73 -19.72 -31.12
C ASN B 272 -14.70 -18.95 -32.00
N ILE B 273 -15.19 -17.83 -31.49
CA ILE B 273 -16.01 -16.94 -32.29
C ILE B 273 -15.17 -15.99 -33.15
N HIS B 274 -14.32 -15.18 -32.52
CA HIS B 274 -13.73 -14.03 -33.22
C HIS B 274 -12.64 -14.36 -34.21
N GLN B 275 -12.09 -15.56 -34.14
CA GLN B 275 -11.07 -15.98 -35.11
C GLN B 275 -11.67 -16.37 -36.48
N ARG B 276 -12.99 -16.38 -36.56
CA ARG B 276 -13.69 -16.67 -37.82
C ARG B 276 -13.99 -15.38 -38.58
N SER B 277 -14.34 -15.51 -39.86
CA SER B 277 -14.83 -14.39 -40.65
C SER B 277 -16.11 -13.85 -40.02
N LEU B 278 -16.38 -12.57 -40.22
CA LEU B 278 -17.53 -11.91 -39.62
C LEU B 278 -18.85 -12.68 -39.81
N ASP B 279 -19.10 -13.15 -41.03
CA ASP B 279 -20.32 -13.90 -41.34
C ASP B 279 -20.44 -15.20 -40.55
N GLU B 280 -19.36 -15.97 -40.51
CA GLU B 280 -19.33 -17.25 -39.81
C GLU B 280 -19.35 -17.04 -38.29
N ALA B 281 -18.71 -15.99 -37.83
CA ALA B 281 -18.68 -15.63 -36.41
C ALA B 281 -20.08 -15.27 -35.90
N VAL B 282 -20.79 -14.45 -36.68
CA VAL B 282 -22.17 -14.08 -36.38
C VAL B 282 -23.07 -15.32 -36.32
N ARG B 283 -22.90 -16.23 -37.29
CA ARG B 283 -23.66 -17.47 -37.31
C ARG B 283 -23.36 -18.36 -36.10
N LEU B 284 -22.11 -18.38 -35.64
CA LEU B 284 -21.74 -19.15 -34.45
C LEU B 284 -22.39 -18.60 -33.19
N THR B 285 -22.38 -17.27 -33.02
CA THR B 285 -23.01 -16.66 -31.84
C THR B 285 -24.50 -16.97 -31.81
N LYS B 286 -25.12 -17.01 -32.98
CA LYS B 286 -26.54 -17.32 -33.13
C LYS B 286 -26.84 -18.78 -32.75
N ALA B 287 -25.97 -19.68 -33.16
CA ALA B 287 -26.05 -21.11 -32.79
C ALA B 287 -25.81 -21.33 -31.29
N ILE B 288 -24.85 -20.60 -30.73
CA ILE B 288 -24.56 -20.67 -29.31
C ILE B 288 -25.75 -20.16 -28.51
N SER B 289 -26.24 -18.98 -28.89
CA SER B 289 -27.39 -18.36 -28.23
C SER B 289 -28.67 -19.18 -28.36
N ALA B 290 -28.81 -19.92 -29.47
CA ALA B 290 -29.98 -20.77 -29.68
C ALA B 290 -30.06 -21.88 -28.63
N ILE B 291 -28.94 -22.52 -28.34
CA ILE B 291 -28.86 -23.50 -27.26
C ILE B 291 -29.03 -22.82 -25.90
N THR B 292 -28.17 -21.84 -25.62
CA THR B 292 -28.10 -21.17 -24.32
C THR B 292 -29.38 -20.46 -23.91
N LEU B 293 -29.99 -19.72 -24.85
CA LEU B 293 -31.13 -18.88 -24.49
C LEU B 293 -32.48 -19.45 -24.95
N ALA B 294 -32.50 -20.24 -26.01
CA ALA B 294 -33.79 -20.67 -26.60
C ALA B 294 -34.08 -22.16 -26.52
N ASP B 295 -33.16 -22.93 -25.92
CA ASP B 295 -33.34 -24.37 -25.67
C ASP B 295 -33.34 -25.25 -26.92
N TYR B 296 -32.67 -24.79 -27.97
CA TYR B 296 -32.49 -25.57 -29.19
C TYR B 296 -31.62 -26.78 -28.91
N ASP B 297 -31.98 -27.93 -29.47
CA ASP B 297 -31.09 -29.10 -29.44
C ASP B 297 -29.90 -28.87 -30.39
N VAL B 298 -28.89 -29.73 -30.28
CA VAL B 298 -27.66 -29.60 -31.07
C VAL B 298 -27.95 -29.55 -32.57
N ASP B 299 -28.84 -30.41 -33.04
CA ASP B 299 -29.20 -30.49 -34.46
C ASP B 299 -29.68 -29.15 -35.03
N ARG B 300 -30.65 -28.53 -34.37
CA ARG B 300 -31.19 -27.26 -34.84
C ARG B 300 -30.19 -26.12 -34.70
N ALA B 301 -29.33 -26.19 -33.69
CA ALA B 301 -28.28 -25.19 -33.49
C ALA B 301 -27.26 -25.26 -34.62
N LEU B 302 -26.93 -26.48 -35.04
CA LEU B 302 -26.01 -26.70 -36.14
C LEU B 302 -26.58 -26.18 -37.45
N ALA B 303 -27.91 -26.28 -37.60
CA ALA B 303 -28.60 -25.73 -38.76
C ALA B 303 -28.44 -24.21 -38.80
N VAL B 304 -28.52 -23.57 -37.63
CA VAL B 304 -28.35 -22.12 -37.53
C VAL B 304 -26.92 -21.72 -37.91
N PHE B 305 -25.94 -22.45 -37.37
CA PHE B 305 -24.53 -22.23 -37.71
C PHE B 305 -24.26 -22.38 -39.20
N ASN B 306 -24.87 -23.39 -39.81
CA ASN B 306 -24.69 -23.66 -41.24
C ASN B 306 -25.48 -22.72 -42.13
N GLY B 307 -26.31 -21.88 -41.51
CA GLY B 307 -27.07 -20.85 -42.22
C GLY B 307 -28.35 -21.35 -42.87
N GLU B 308 -28.75 -22.57 -42.52
CA GLU B 308 -29.97 -23.16 -43.04
C GLU B 308 -31.20 -22.54 -42.39
N GLU B 309 -31.04 -22.11 -41.15
CA GLU B 309 -32.07 -21.38 -40.42
C GLU B 309 -31.44 -20.13 -39.82
N ASP B 310 -32.27 -19.12 -39.58
CA ASP B 310 -31.81 -17.92 -38.88
C ASP B 310 -32.26 -17.98 -37.43
N PHE B 311 -31.67 -17.13 -36.59
CA PHE B 311 -32.07 -17.00 -35.20
C PHE B 311 -32.04 -15.55 -34.75
N ALA B 312 -33.16 -15.10 -34.17
CA ALA B 312 -33.27 -13.78 -33.57
C ALA B 312 -34.03 -13.90 -32.26
N LEU B 313 -33.72 -13.00 -31.31
CA LEU B 313 -34.33 -13.07 -29.97
C LEU B 313 -35.82 -12.74 -29.92
N HIS B 314 -36.25 -11.76 -30.73
CA HIS B 314 -37.67 -11.41 -30.81
C HIS B 314 -38.49 -12.46 -31.54
N HIS B 315 -37.85 -13.61 -31.79
CA HIS B 315 -38.43 -14.74 -32.53
C HIS B 315 -38.73 -14.37 -33.96
N PRO C 2 -1.40 15.76 -43.43
CA PRO C 2 -2.84 15.78 -43.65
C PRO C 2 -3.52 16.94 -42.94
N LYS C 3 -4.84 16.97 -43.01
CA LYS C 3 -5.65 17.90 -42.23
C LYS C 3 -6.94 17.24 -41.80
N ILE C 4 -7.32 17.45 -40.54
CA ILE C 4 -8.61 17.02 -40.02
C ILE C 4 -9.34 18.23 -39.44
N THR C 5 -10.65 18.15 -39.38
CA THR C 5 -11.47 19.16 -38.71
C THR C 5 -11.84 18.65 -37.32
N ARG C 6 -12.38 19.53 -36.48
CA ARG C 6 -12.81 19.16 -35.14
C ARG C 6 -13.80 18.00 -35.15
N ASP C 7 -14.77 18.06 -36.05
CA ASP C 7 -15.80 17.02 -36.19
C ASP C 7 -15.25 15.64 -36.54
N GLN C 8 -14.05 15.60 -37.10
CA GLN C 8 -13.41 14.32 -37.48
C GLN C 8 -12.68 13.63 -36.34
N VAL C 9 -12.50 14.33 -35.22
CA VAL C 9 -11.89 13.74 -34.02
C VAL C 9 -12.90 12.78 -33.39
N LYS C 10 -12.52 11.50 -33.29
CA LYS C 10 -13.33 10.51 -32.58
C LYS C 10 -13.10 10.62 -31.07
N VAL C 11 -14.13 11.11 -30.37
CA VAL C 11 -14.06 11.27 -28.93
C VAL C 11 -14.47 9.96 -28.27
N PRO C 12 -13.53 9.32 -27.54
CA PRO C 12 -13.87 8.07 -26.84
C PRO C 12 -14.89 8.31 -25.73
N ALA C 13 -15.58 7.24 -25.35
CA ALA C 13 -16.74 7.32 -24.46
C ALA C 13 -16.39 7.59 -22.99
N ASP C 14 -15.09 7.55 -22.67
CA ASP C 14 -14.62 7.87 -21.32
C ASP C 14 -14.24 9.34 -21.16
N VAL C 15 -14.34 10.10 -22.25
CA VAL C 15 -14.23 11.56 -22.19
C VAL C 15 -15.62 12.11 -21.93
N LEU C 16 -15.82 12.65 -20.72
CA LEU C 16 -17.13 13.04 -20.26
C LEU C 16 -17.66 14.27 -20.99
N ALA C 17 -18.98 14.44 -20.96
CA ALA C 17 -19.67 15.52 -21.68
C ALA C 17 -19.01 16.90 -21.48
N ASP C 18 -18.72 17.26 -20.23
CA ASP C 18 -18.16 18.57 -19.93
C ASP C 18 -16.64 18.67 -20.15
N ALA C 19 -16.04 17.61 -20.68
CA ALA C 19 -14.61 17.62 -21.01
C ALA C 19 -14.37 17.48 -22.52
N ARG C 20 -15.46 17.27 -23.27
CA ARG C 20 -15.41 16.98 -24.71
C ARG C 20 -14.68 18.02 -25.55
N GLU C 21 -15.05 19.29 -25.39
CA GLU C 21 -14.45 20.38 -26.17
C GLU C 21 -12.96 20.54 -25.85
N THR C 22 -12.63 20.41 -24.57
CA THR C 22 -11.24 20.42 -24.12
C THR C 22 -10.45 19.29 -24.75
N TYR C 23 -11.04 18.10 -24.81
CA TYR C 23 -10.39 16.93 -25.41
C TYR C 23 -10.08 17.18 -26.88
N ILE C 24 -11.05 17.74 -27.59
CA ILE C 24 -10.88 18.04 -29.00
C ILE C 24 -9.82 19.13 -29.17
N ASP C 25 -9.92 20.19 -28.35
CA ASP C 25 -8.88 21.22 -28.33
C ASP C 25 -7.49 20.60 -28.24
N ASN C 26 -7.34 19.67 -27.30
CA ASN C 26 -6.03 19.06 -27.03
C ASN C 26 -5.58 18.09 -28.11
N TYR C 27 -6.52 17.36 -28.68
CA TYR C 27 -6.22 16.46 -29.79
C TYR C 27 -5.79 17.26 -31.04
N MSE C 28 -6.49 18.35 -31.30
CA MSE C 28 -6.14 19.26 -32.41
C MSE C 28 -4.78 19.90 -32.19
O MSE C 28 -3.97 19.96 -33.13
CB MSE C 28 -7.22 20.33 -32.62
CG MSE C 28 -8.55 19.80 -33.11
SE MSE C 28 -8.50 19.09 -34.93
CE MSE C 28 -8.50 20.79 -35.90
N LYS C 29 -4.51 20.39 -30.99
CA LYS C 29 -3.21 20.98 -30.66
C LYS C 29 -2.09 19.95 -30.83
N ALA C 30 -2.24 18.79 -30.20
CA ALA C 30 -1.21 17.75 -30.19
C ALA C 30 -0.84 17.28 -31.59
N THR C 31 -1.85 17.15 -32.45
CA THR C 31 -1.64 16.67 -33.82
C THR C 31 -1.51 17.83 -34.83
N GLN C 32 -1.47 19.06 -34.31
CA GLN C 32 -1.41 20.28 -35.13
C GLN C 32 -2.50 20.29 -36.20
N GLY C 33 -3.67 19.79 -35.84
CA GLY C 33 -4.83 19.76 -36.73
C GLY C 33 -4.71 18.78 -37.88
N THR C 34 -3.83 17.79 -37.74
CA THR C 34 -3.57 16.84 -38.81
C THR C 34 -4.04 15.40 -38.52
N GLY C 35 -4.19 15.08 -37.23
CA GLY C 35 -4.47 13.71 -36.83
C GLY C 35 -3.22 12.87 -36.68
N ARG C 36 -2.06 13.49 -36.93
CA ARG C 36 -0.76 12.82 -36.83
C ARG C 36 0.03 13.39 -35.66
N LEU C 37 0.74 12.53 -34.93
CA LEU C 37 1.47 12.98 -33.76
C LEU C 37 2.98 13.02 -33.97
N MSE C 38 3.53 14.22 -33.98
CA MSE C 38 4.98 14.42 -33.95
C MSE C 38 5.36 14.72 -32.51
O MSE C 38 5.10 15.81 -32.00
CB MSE C 38 5.40 15.57 -34.89
CG MSE C 38 6.90 15.69 -35.14
SE MSE C 38 7.93 16.20 -33.54
CE MSE C 38 9.65 16.59 -34.40
N LEU C 39 5.97 13.73 -31.85
CA LEU C 39 6.32 13.84 -30.44
C LEU C 39 7.83 14.07 -30.25
N PHE C 40 8.16 15.18 -29.59
CA PHE C 40 9.54 15.47 -29.22
C PHE C 40 9.77 15.00 -27.78
N ALA C 41 10.52 13.91 -27.66
CA ALA C 41 10.77 13.26 -26.36
C ALA C 41 11.93 13.91 -25.61
N CYS C 42 11.63 14.42 -24.42
CA CYS C 42 12.61 15.11 -23.59
C CYS C 42 12.64 14.55 -22.16
N ASP C 43 12.39 13.24 -22.04
CA ASP C 43 12.27 12.59 -20.74
C ASP C 43 13.51 11.77 -20.36
N GLN C 44 14.51 11.75 -21.25
CA GLN C 44 15.68 10.87 -21.08
C GLN C 44 16.72 11.31 -20.03
N LYS C 45 16.56 12.50 -19.44
CA LYS C 45 17.45 12.93 -18.35
C LYS C 45 17.34 12.01 -17.12
N VAL C 46 16.15 11.44 -16.91
CA VAL C 46 15.99 10.42 -15.87
C VAL C 46 16.33 9.05 -16.46
N GLU C 47 15.70 8.71 -17.59
CA GLU C 47 15.85 7.37 -18.20
C GLU C 47 17.29 6.91 -18.40
N HIS C 48 18.13 7.77 -18.98
CA HIS C 48 19.51 7.41 -19.26
C HIS C 48 20.48 8.29 -18.52
N LEU C 49 19.96 9.00 -17.52
CA LEU C 49 20.74 9.97 -16.74
C LEU C 49 21.33 11.05 -17.64
N ASN C 50 22.64 11.29 -17.54
CA ASN C 50 23.27 12.31 -18.38
C ASN C 50 23.91 11.70 -19.63
N GLY C 51 23.67 10.41 -19.86
CA GLY C 51 24.23 9.68 -21.00
C GLY C 51 23.85 10.22 -22.37
N ASP C 52 22.62 10.72 -22.51
CA ASP C 52 22.17 11.26 -23.79
C ASP C 52 22.45 12.75 -23.98
N PHE C 53 23.04 13.40 -22.97
CA PHE C 53 23.14 14.86 -22.98
C PHE C 53 24.56 15.42 -22.90
N TYR C 54 25.54 14.56 -22.63
CA TYR C 54 26.95 14.95 -22.57
C TYR C 54 27.83 13.76 -22.92
N GLY C 55 28.84 14.01 -23.75
CA GLY C 55 29.75 12.96 -24.19
C GLY C 55 30.13 13.09 -25.66
N GLU C 56 30.92 12.14 -26.15
CA GLU C 56 31.42 12.16 -27.51
C GLU C 56 30.28 12.05 -28.53
N GLY C 57 30.31 12.95 -29.52
CA GLY C 57 29.30 12.97 -30.57
C GLY C 57 28.00 13.67 -30.19
N ILE C 58 28.00 14.32 -29.02
CA ILE C 58 26.86 15.08 -28.55
C ILE C 58 27.29 16.55 -28.46
N ASP C 59 26.54 17.42 -29.12
CA ASP C 59 26.84 18.85 -29.10
C ASP C 59 26.86 19.40 -27.68
N ILE C 60 27.85 20.23 -27.39
CA ILE C 60 28.01 20.85 -26.07
C ILE C 60 26.77 21.60 -25.58
N SER C 61 25.96 22.14 -26.49
CA SER C 61 24.73 22.84 -26.11
C SER C 61 23.69 21.93 -25.47
N ASP C 62 23.77 20.62 -25.71
CA ASP C 62 22.84 19.65 -25.12
C ASP C 62 23.04 19.41 -23.61
N SER C 63 24.17 19.89 -23.08
CA SER C 63 24.44 19.78 -21.65
C SER C 63 23.61 20.78 -20.83
N ASP C 64 23.03 21.79 -21.48
CA ASP C 64 22.12 22.72 -20.81
C ASP C 64 20.68 22.31 -21.16
N PRO C 65 19.86 22.00 -20.13
CA PRO C 65 18.48 21.58 -20.34
C PRO C 65 17.59 22.57 -21.08
N GLU C 66 17.91 23.86 -21.03
CA GLU C 66 17.12 24.87 -21.74
C GLU C 66 17.15 24.64 -23.27
N HIS C 67 18.22 24.00 -23.73
CA HIS C 67 18.35 23.51 -25.10
C HIS C 67 17.09 22.85 -25.59
N LEU C 68 16.52 21.97 -24.76
CA LEU C 68 15.31 21.22 -25.13
C LEU C 68 14.13 22.15 -25.39
N PHE C 69 13.99 23.17 -24.56
CA PHE C 69 12.87 24.11 -24.68
C PHE C 69 13.05 25.08 -25.84
N LYS C 70 14.31 25.42 -26.14
CA LYS C 70 14.63 26.25 -27.30
C LYS C 70 14.28 25.51 -28.60
N ILE C 71 14.60 24.22 -28.64
CA ILE C 71 14.27 23.37 -29.78
C ILE C 71 12.76 23.28 -29.99
N ALA C 72 12.03 22.99 -28.91
CA ALA C 72 10.58 22.89 -28.97
C ALA C 72 9.94 24.19 -29.44
N ASP C 73 10.55 25.32 -29.08
CA ASP C 73 10.00 26.64 -29.37
C ASP C 73 10.35 27.12 -30.78
N GLN C 74 11.58 26.87 -31.22
CA GLN C 74 12.07 27.37 -32.51
C GLN C 74 11.83 26.38 -33.64
N GLY C 75 11.77 25.09 -33.30
CA GLY C 75 11.47 24.06 -34.29
C GLY C 75 9.97 23.89 -34.45
N VAL C 76 9.57 22.86 -35.18
CA VAL C 76 8.17 22.54 -35.34
C VAL C 76 7.96 21.14 -34.77
N CYS C 77 7.13 21.06 -33.74
N CYS C 77 7.11 21.05 -33.75
CA CYS C 77 6.80 19.80 -33.06
CA CYS C 77 6.79 19.77 -33.12
C CYS C 77 5.31 19.76 -32.76
C CYS C 77 5.32 19.75 -32.74
N GLY C 78 4.78 18.55 -32.56
CA GLY C 78 3.39 18.39 -32.14
C GLY C 78 3.30 18.62 -30.65
N VAL C 79 3.95 17.73 -29.88
CA VAL C 79 4.07 17.88 -28.44
C VAL C 79 5.52 17.74 -27.96
N MSE C 80 5.83 18.43 -26.86
N MSE C 80 5.82 18.41 -26.85
CA MSE C 80 7.06 18.19 -26.15
CA MSE C 80 7.09 18.22 -26.13
C MSE C 80 6.72 17.38 -24.91
C MSE C 80 6.81 17.42 -24.86
O MSE C 80 5.94 17.83 -24.07
O MSE C 80 6.15 17.93 -23.95
CB MSE C 80 7.74 19.49 -25.75
CB MSE C 80 7.71 19.58 -25.79
CG MSE C 80 9.03 19.28 -24.98
CG MSE C 80 9.05 19.51 -25.07
SE MSE C 80 9.70 20.95 -24.24
SE MSE C 80 8.91 19.15 -23.15
CE MSE C 80 11.23 20.25 -23.26
CE MSE C 80 10.69 19.72 -22.60
N ALA C 81 7.29 16.18 -24.82
CA ALA C 81 7.06 15.29 -23.68
C ALA C 81 8.20 15.37 -22.68
N GLY C 82 7.87 15.69 -21.44
CA GLY C 82 8.85 15.75 -20.36
C GLY C 82 8.24 15.60 -18.98
N GLN C 83 9.10 15.40 -17.97
CA GLN C 83 8.63 15.28 -16.59
C GLN C 83 8.00 16.59 -16.10
N ARG C 84 7.07 16.46 -15.17
CA ARG C 84 6.36 17.60 -14.56
C ARG C 84 7.33 18.68 -14.07
N GLY C 85 8.36 18.25 -13.34
CA GLY C 85 9.34 19.18 -12.75
C GLY C 85 10.13 19.95 -13.78
N LEU C 86 10.62 19.24 -14.79
CA LEU C 86 11.38 19.83 -15.89
C LEU C 86 10.57 20.92 -16.58
N ILE C 87 9.34 20.56 -16.96
CA ILE C 87 8.40 21.50 -17.56
C ILE C 87 8.13 22.70 -16.64
N ALA C 88 7.94 22.45 -15.34
CA ALA C 88 7.65 23.50 -14.37
C ALA C 88 8.74 24.58 -14.28
N ARG C 89 10.00 24.18 -14.48
CA ARG C 89 11.13 25.09 -14.29
C ARG C 89 11.33 26.03 -15.48
N TYR C 90 10.77 25.68 -16.63
CA TYR C 90 11.00 26.44 -17.86
C TYR C 90 9.74 26.95 -18.57
N ALA C 91 8.60 26.32 -18.30
CA ALA C 91 7.36 26.59 -19.05
C ALA C 91 6.92 28.04 -19.08
N ALA C 92 7.18 28.79 -18.00
CA ALA C 92 6.80 30.21 -17.96
C ALA C 92 7.51 31.02 -19.04
N ASP C 93 8.74 30.63 -19.37
CA ASP C 93 9.51 31.29 -20.42
C ASP C 93 9.28 30.70 -21.80
N TYR C 94 8.54 29.59 -21.86
CA TYR C 94 8.25 28.91 -23.11
C TYR C 94 6.79 28.48 -23.19
N PRO C 95 5.86 29.46 -23.14
CA PRO C 95 4.44 29.12 -23.02
C PRO C 95 3.79 28.54 -24.28
N ASN C 96 4.37 28.82 -25.46
CA ASN C 96 3.75 28.41 -26.72
C ASN C 96 4.25 27.06 -27.20
N VAL C 97 4.13 26.07 -26.34
CA VAL C 97 4.50 24.70 -26.65
C VAL C 97 3.36 23.84 -26.12
N ASN C 98 3.00 22.80 -26.86
CA ASN C 98 2.04 21.82 -26.37
C ASN C 98 2.79 20.80 -25.51
N TYR C 99 2.59 20.87 -24.20
CA TYR C 99 3.29 20.00 -23.26
C TYR C 99 2.54 18.70 -22.97
N LEU C 100 3.29 17.60 -23.05
CA LEU C 100 2.82 16.30 -22.60
C LEU C 100 3.63 15.91 -21.38
N VAL C 101 2.96 15.80 -20.23
CA VAL C 101 3.64 15.48 -18.97
C VAL C 101 3.86 13.98 -18.83
N LYS C 102 5.13 13.57 -18.83
CA LYS C 102 5.50 12.19 -18.65
C LYS C 102 5.37 11.81 -17.18
N MSE C 103 4.37 11.01 -16.87
CA MSE C 103 3.95 10.73 -15.49
C MSE C 103 4.88 9.81 -14.70
O MSE C 103 4.98 9.93 -13.49
CB MSE C 103 2.55 10.12 -15.47
CG MSE C 103 1.48 11.03 -16.04
SE MSE C 103 1.30 12.69 -15.05
CE MSE C 103 0.57 11.97 -13.37
N ASN C 104 5.53 8.88 -15.38
CA ASN C 104 6.49 8.00 -14.72
C ASN C 104 7.89 8.09 -15.31
N SER C 105 8.89 7.69 -14.53
CA SER C 105 10.28 7.64 -14.96
C SER C 105 11.10 6.74 -14.05
N LYS C 106 12.18 6.18 -14.58
CA LYS C 106 13.14 5.42 -13.79
C LYS C 106 14.54 5.67 -14.37
N THR C 107 15.58 5.32 -13.62
CA THR C 107 16.94 5.38 -14.16
C THR C 107 17.32 4.04 -14.80
N ASN C 108 18.41 4.03 -15.55
CA ASN C 108 18.92 2.81 -16.18
C ASN C 108 20.06 2.17 -15.39
N LEU C 109 20.17 2.51 -14.10
CA LEU C 109 21.24 1.99 -13.25
C LEU C 109 21.06 0.51 -12.92
N VAL C 110 19.82 0.11 -12.65
CA VAL C 110 19.52 -1.28 -12.37
C VAL C 110 19.21 -1.94 -13.71
N LYS C 111 20.08 -2.87 -14.12
CA LYS C 111 19.87 -3.59 -15.37
C LYS C 111 18.89 -4.75 -15.18
N THR C 112 18.23 -5.15 -16.27
CA THR C 112 17.27 -6.25 -16.27
C THR C 112 17.82 -7.53 -15.62
N ALA C 113 19.07 -7.86 -15.94
CA ALA C 113 19.75 -9.04 -15.38
C ALA C 113 19.77 -9.03 -13.84
N GLN C 114 19.80 -7.84 -13.25
CA GLN C 114 19.74 -7.68 -11.80
C GLN C 114 18.30 -7.79 -11.30
N ASP C 115 17.40 -7.02 -11.91
CA ASP C 115 15.99 -6.98 -11.53
C ASP C 115 15.16 -6.44 -12.70
N ASP C 116 13.98 -7.02 -12.90
CA ASP C 116 13.03 -6.54 -13.91
C ASP C 116 12.70 -5.06 -13.69
N PRO C 117 12.42 -4.32 -14.77
CA PRO C 117 12.20 -2.88 -14.64
C PRO C 117 10.85 -2.49 -14.05
N TYR C 118 10.84 -1.38 -13.31
CA TYR C 118 9.63 -0.73 -12.85
C TYR C 118 9.81 0.78 -12.90
N SER C 119 8.89 1.45 -13.59
CA SER C 119 8.87 2.91 -13.65
C SER C 119 7.61 3.43 -12.95
N PRO C 120 7.78 4.08 -11.77
CA PRO C 120 6.65 4.47 -10.93
C PRO C 120 6.04 5.82 -11.31
N GLN C 121 4.73 5.94 -11.17
CA GLN C 121 4.08 7.23 -11.29
C GLN C 121 4.71 8.16 -10.26
N LEU C 122 5.14 9.34 -10.72
CA LEU C 122 5.96 10.22 -9.91
C LEU C 122 5.16 11.15 -8.99
N HIS C 123 3.88 11.34 -9.31
CA HIS C 123 2.99 12.22 -8.55
C HIS C 123 1.59 11.99 -9.03
N ASP C 124 0.60 12.50 -8.31
CA ASP C 124 -0.78 12.35 -8.76
C ASP C 124 -1.12 13.25 -9.97
N ILE C 125 -2.26 12.97 -10.59
CA ILE C 125 -2.72 13.76 -11.73
C ILE C 125 -3.04 15.20 -11.31
N GLU C 126 -3.53 15.36 -10.07
CA GLU C 126 -3.88 16.68 -9.54
C GLU C 126 -2.73 17.68 -9.61
N ALA C 127 -1.51 17.21 -9.43
CA ALA C 127 -0.31 18.06 -9.56
C ALA C 127 -0.23 18.67 -10.96
N VAL C 128 -0.56 17.88 -11.98
CA VAL C 128 -0.53 18.33 -13.37
C VAL C 128 -1.68 19.30 -13.65
N LEU C 129 -2.85 18.99 -13.08
CA LEU C 129 -4.04 19.83 -13.22
C LEU C 129 -3.83 21.22 -12.63
N ALA C 130 -3.13 21.28 -11.49
CA ALA C 130 -2.82 22.54 -10.82
C ALA C 130 -1.92 23.39 -11.70
N MSE C 131 -0.96 22.74 -12.35
CA MSE C 131 -0.03 23.42 -13.23
C MSE C 131 -0.75 23.94 -14.49
O MSE C 131 -0.50 25.06 -14.92
CB MSE C 131 1.10 22.47 -13.59
CG MSE C 131 2.34 23.16 -14.03
SE MSE C 131 3.85 21.92 -14.02
CE MSE C 131 4.53 22.34 -15.77
N ARG C 132 -1.64 23.13 -15.05
CA ARG C 132 -2.51 23.50 -16.17
C ARG C 132 -3.34 24.74 -15.82
N ASP C 133 -3.89 24.76 -14.62
CA ASP C 133 -4.70 25.88 -14.17
C ASP C 133 -3.86 27.09 -13.75
N ASN C 134 -2.55 26.90 -13.68
CA ASN C 134 -1.61 27.99 -13.42
C ASN C 134 -1.06 28.58 -14.73
N GLY C 135 -1.61 28.14 -15.86
CA GLY C 135 -1.27 28.71 -17.15
C GLY C 135 -0.40 27.89 -18.09
N VAL C 136 -0.02 26.68 -17.68
CA VAL C 136 0.83 25.85 -18.54
C VAL C 136 0.00 25.06 -19.55
N ASN C 137 0.41 25.11 -20.81
CA ASN C 137 -0.33 24.49 -21.91
C ASN C 137 -0.15 22.96 -21.97
N VAL C 138 -0.67 22.29 -20.95
CA VAL C 138 -0.61 20.83 -20.88
C VAL C 138 -1.75 20.26 -21.73
N VAL C 139 -1.38 19.49 -22.74
CA VAL C 139 -2.37 18.91 -23.65
C VAL C 139 -2.61 17.43 -23.35
N GLY C 140 -1.66 16.79 -22.67
CA GLY C 140 -1.79 15.38 -22.39
C GLY C 140 -0.79 14.81 -21.41
N LEU C 141 -0.87 13.50 -21.23
CA LEU C 141 -0.03 12.78 -20.31
C LEU C 141 0.64 11.61 -21.00
N GLY C 142 1.80 11.22 -20.48
CA GLY C 142 2.53 10.05 -20.95
C GLY C 142 2.85 9.09 -19.82
N TYR C 143 2.93 7.81 -20.14
CA TYR C 143 3.25 6.77 -19.16
C TYR C 143 3.90 5.58 -19.86
N THR C 144 4.94 5.03 -19.24
CA THR C 144 5.64 3.85 -19.76
C THR C 144 5.23 2.56 -19.05
N LEU C 145 4.97 1.50 -19.82
CA LEU C 145 4.72 0.17 -19.25
C LEU C 145 5.71 -0.84 -19.81
N TYR C 146 6.33 -1.60 -18.92
CA TYR C 146 7.16 -2.74 -19.33
C TYR C 146 6.36 -4.02 -19.16
N LEU C 147 5.67 -4.42 -20.21
CA LEU C 147 4.94 -5.69 -20.20
C LEU C 147 5.94 -6.82 -20.07
N GLY C 148 5.55 -7.88 -19.35
CA GLY C 148 6.41 -9.03 -19.17
C GLY C 148 7.45 -8.87 -18.08
N SER C 149 7.55 -7.68 -17.50
CA SER C 149 8.34 -7.47 -16.29
C SER C 149 7.60 -8.09 -15.11
N GLU C 150 8.34 -8.53 -14.10
CA GLU C 150 7.70 -9.02 -12.88
C GLU C 150 6.91 -7.92 -12.14
N TYR C 151 7.14 -6.67 -12.53
CA TYR C 151 6.39 -5.55 -11.97
C TYR C 151 5.30 -5.02 -12.91
N GLU C 152 4.99 -5.81 -13.94
CA GLU C 152 3.93 -5.48 -14.92
C GLU C 152 2.63 -5.05 -14.27
N ALA C 153 2.20 -5.78 -13.25
CA ALA C 153 0.92 -5.55 -12.58
C ALA C 153 0.77 -4.13 -12.03
N THR C 154 1.83 -3.64 -11.38
CA THR C 154 1.82 -2.30 -10.79
C THR C 154 1.63 -1.24 -11.86
N MSE C 155 2.33 -1.41 -12.98
CA MSE C 155 2.26 -0.45 -14.08
C MSE C 155 0.94 -0.53 -14.84
O MSE C 155 0.39 0.51 -15.22
CB MSE C 155 3.46 -0.62 -15.00
CG MSE C 155 4.73 -0.06 -14.40
SE MSE C 155 6.32 -0.40 -15.46
CE MSE C 155 6.51 -2.32 -15.14
N LEU C 156 0.43 -1.74 -15.04
CA LEU C 156 -0.92 -1.90 -15.61
C LEU C 156 -1.97 -1.13 -14.81
N ALA C 157 -1.91 -1.26 -13.48
CA ALA C 157 -2.86 -0.61 -12.57
C ALA C 157 -2.73 0.90 -12.58
N GLU C 158 -1.49 1.40 -12.57
CA GLU C 158 -1.27 2.84 -12.63
C GLU C 158 -1.74 3.39 -13.98
N ALA C 159 -1.38 2.71 -15.07
CA ALA C 159 -1.73 3.18 -16.42
C ALA C 159 -3.25 3.22 -16.66
N GLY C 160 -3.93 2.13 -16.30
CA GLY C 160 -5.36 2.03 -16.48
C GLY C 160 -6.12 3.15 -15.79
N GLN C 161 -5.74 3.42 -14.53
CA GLN C 161 -6.34 4.48 -13.73
C GLN C 161 -6.04 5.86 -14.32
N LEU C 162 -4.81 6.01 -14.81
CA LEU C 162 -4.35 7.26 -15.39
C LEU C 162 -5.14 7.63 -16.65
N VAL C 163 -5.37 6.64 -17.51
CA VAL C 163 -6.10 6.87 -18.75
C VAL C 163 -7.52 7.35 -18.45
N ALA C 164 -8.19 6.65 -17.53
CA ALA C 164 -9.53 7.03 -17.09
C ALA C 164 -9.56 8.46 -16.55
N GLN C 165 -8.58 8.82 -15.74
CA GLN C 165 -8.55 10.14 -15.10
C GLN C 165 -8.20 11.25 -16.07
N ALA C 166 -7.28 10.98 -16.99
CA ALA C 166 -6.89 11.96 -18.01
C ALA C 166 -8.07 12.30 -18.91
N HIS C 167 -8.80 11.28 -19.35
CA HIS C 167 -9.93 11.48 -20.24
C HIS C 167 -11.08 12.16 -19.56
N GLU C 168 -11.19 11.96 -18.25
CA GLU C 168 -12.14 12.68 -17.41
C GLU C 168 -11.85 14.19 -17.49
N GLU C 169 -10.57 14.53 -17.67
CA GLU C 169 -10.12 15.92 -17.72
C GLU C 169 -9.97 16.46 -19.13
N GLY C 170 -10.22 15.62 -20.14
CA GLY C 170 -10.06 16.02 -21.53
C GLY C 170 -8.62 16.11 -22.00
N LEU C 171 -7.73 15.37 -21.33
CA LEU C 171 -6.33 15.28 -21.72
C LEU C 171 -6.13 14.06 -22.59
N ILE C 172 -5.24 14.17 -23.57
CA ILE C 172 -4.89 13.00 -24.38
C ILE C 172 -3.89 12.14 -23.61
N VAL C 173 -3.75 10.87 -24.02
CA VAL C 173 -2.84 9.96 -23.35
C VAL C 173 -1.97 9.19 -24.34
N VAL C 174 -0.66 9.30 -24.17
CA VAL C 174 0.30 8.51 -24.93
C VAL C 174 0.94 7.50 -23.99
N LEU C 175 0.86 6.22 -24.36
CA LEU C 175 1.53 5.18 -23.60
C LEU C 175 2.76 4.69 -24.35
N TRP C 176 3.91 4.70 -23.68
CA TRP C 176 5.09 4.00 -24.17
C TRP C 176 4.97 2.59 -23.71
N ILE C 177 5.01 1.64 -24.63
CA ILE C 177 4.93 0.25 -24.21
C ILE C 177 6.11 -0.55 -24.74
N TYR C 178 7.03 -0.85 -23.84
CA TYR C 178 8.24 -1.58 -24.16
C TYR C 178 8.28 -2.88 -23.36
N PRO C 179 7.80 -3.98 -23.94
CA PRO C 179 7.92 -5.25 -23.23
C PRO C 179 9.38 -5.52 -22.88
N ARG C 180 9.66 -5.60 -21.58
CA ARG C 180 11.02 -5.72 -21.09
C ARG C 180 11.04 -6.54 -19.82
N GLY C 181 12.03 -7.43 -19.73
CA GLY C 181 12.19 -8.28 -18.57
C GLY C 181 12.81 -9.60 -18.92
N LYS C 182 13.25 -10.28 -17.87
CA LYS C 182 13.64 -11.69 -17.85
C LYS C 182 12.81 -12.54 -18.81
N ALA C 183 11.49 -12.40 -18.75
CA ALA C 183 10.55 -13.18 -19.56
C ALA C 183 10.58 -12.80 -21.04
N VAL C 184 11.04 -11.60 -21.34
CA VAL C 184 11.00 -11.07 -22.70
C VAL C 184 12.31 -11.36 -23.44
N GLY C 185 13.41 -10.78 -22.94
CA GLY C 185 14.75 -11.01 -23.50
C GLY C 185 14.87 -10.79 -25.01
N LYS C 186 15.24 -11.86 -25.72
CA LYS C 186 15.46 -11.83 -27.17
C LYS C 186 14.21 -11.48 -27.99
N ASP C 187 13.03 -11.58 -27.38
CA ASP C 187 11.76 -11.30 -28.06
C ASP C 187 11.33 -9.83 -27.99
N GLU C 188 12.20 -8.96 -27.46
CA GLU C 188 11.88 -7.53 -27.28
C GLU C 188 11.28 -6.85 -28.52
N LYS C 189 11.87 -7.12 -29.69
CA LYS C 189 11.46 -6.44 -30.91
C LYS C 189 10.95 -7.40 -31.99
N ALA C 190 10.50 -8.59 -31.58
CA ALA C 190 9.81 -9.49 -32.47
C ALA C 190 8.49 -8.85 -32.91
N PRO C 191 8.07 -9.10 -34.16
CA PRO C 191 6.81 -8.56 -34.67
C PRO C 191 5.60 -8.81 -33.75
N THR C 192 5.47 -10.02 -33.21
CA THR C 192 4.35 -10.38 -32.34
C THR C 192 4.38 -9.60 -31.02
N THR C 193 5.58 -9.36 -30.52
CA THR C 193 5.77 -8.59 -29.29
C THR C 193 5.28 -7.15 -29.47
N ILE C 194 5.68 -6.54 -30.57
CA ILE C 194 5.30 -5.16 -30.90
C ILE C 194 3.81 -5.05 -31.12
N ALA C 195 3.23 -6.04 -31.81
CA ALA C 195 1.79 -6.09 -32.05
C ALA C 195 1.01 -6.26 -30.75
N GLY C 196 1.50 -7.14 -29.88
CA GLY C 196 0.90 -7.36 -28.56
C GLY C 196 0.86 -6.08 -27.73
N ALA C 197 2.00 -5.39 -27.68
CA ALA C 197 2.14 -4.13 -26.96
C ALA C 197 1.15 -3.08 -27.48
N ALA C 198 1.04 -2.99 -28.81
CA ALA C 198 0.13 -2.05 -29.44
C ALA C 198 -1.33 -2.33 -29.07
N GLY C 199 -1.72 -3.60 -29.03
CA GLY C 199 -3.08 -4.00 -28.66
C GLY C 199 -3.44 -3.70 -27.21
N VAL C 200 -2.46 -3.83 -26.32
CA VAL C 200 -2.68 -3.55 -24.90
C VAL C 200 -3.04 -2.08 -24.69
N ALA C 201 -2.33 -1.19 -25.38
CA ALA C 201 -2.57 0.25 -25.27
C ALA C 201 -4.01 0.62 -25.58
N LEU C 202 -4.57 -0.03 -26.61
CA LEU C 202 -6.00 0.14 -26.93
C LEU C 202 -6.90 -0.29 -25.78
N CYS C 203 -6.62 -1.47 -25.22
CA CYS C 203 -7.44 -2.01 -24.14
C CYS C 203 -7.43 -1.12 -22.89
N LEU C 204 -6.30 -0.46 -22.62
CA LEU C 204 -6.22 0.51 -21.53
C LEU C 204 -6.89 1.83 -21.91
N GLY C 205 -7.06 2.07 -23.21
CA GLY C 205 -7.81 3.22 -23.70
C GLY C 205 -6.98 4.41 -24.13
N ALA C 206 -5.70 4.16 -24.43
CA ALA C 206 -4.79 5.22 -24.88
C ALA C 206 -5.22 5.86 -26.20
N ASP C 207 -4.89 7.13 -26.37
CA ASP C 207 -5.08 7.81 -27.64
C ASP C 207 -3.98 7.46 -28.63
N PHE C 208 -2.75 7.32 -28.11
CA PHE C 208 -1.59 6.93 -28.91
C PHE C 208 -0.74 5.93 -28.14
N VAL C 209 -0.05 5.07 -28.90
CA VAL C 209 0.88 4.11 -28.33
C VAL C 209 2.24 4.23 -29.01
N LYS C 210 3.29 4.38 -28.21
CA LYS C 210 4.65 4.42 -28.72
C LYS C 210 5.32 3.07 -28.51
N VAL C 211 5.76 2.45 -29.60
CA VAL C 211 6.44 1.15 -29.57
C VAL C 211 7.77 1.24 -30.28
N ASN C 212 8.62 0.24 -30.07
CA ASN C 212 9.83 0.07 -30.88
C ASN C 212 9.46 -0.42 -32.26
N PRO C 213 10.29 -0.08 -33.27
CA PRO C 213 10.11 -0.75 -34.57
C PRO C 213 10.43 -2.24 -34.44
N PRO C 214 9.58 -3.11 -35.01
CA PRO C 214 9.90 -4.54 -35.02
C PRO C 214 11.04 -4.87 -35.98
N VAL C 215 11.78 -5.94 -35.70
CA VAL C 215 12.82 -6.40 -36.63
C VAL C 215 12.21 -6.86 -37.97
N ALA C 216 13.03 -6.80 -39.02
CA ALA C 216 12.68 -7.41 -40.29
C ALA C 216 12.75 -8.93 -40.13
N THR C 217 11.93 -9.63 -40.89
CA THR C 217 11.96 -11.10 -40.94
C THR C 217 12.17 -11.54 -42.39
N GLU C 218 12.33 -12.85 -42.60
CA GLU C 218 12.46 -13.38 -43.96
C GLU C 218 11.29 -12.95 -44.82
N ASP C 219 10.09 -13.00 -44.23
CA ASP C 219 8.84 -12.72 -44.93
C ASP C 219 8.62 -11.22 -45.18
N LYS C 220 8.92 -10.40 -44.18
CA LYS C 220 8.51 -8.98 -44.19
C LYS C 220 9.61 -8.01 -43.76
N THR C 221 9.54 -6.78 -44.26
CA THR C 221 10.41 -5.70 -43.79
C THR C 221 9.91 -5.20 -42.44
N SER C 222 10.74 -4.42 -41.76
CA SER C 222 10.36 -3.82 -40.48
C SER C 222 9.01 -3.11 -40.57
N ALA C 223 8.87 -2.25 -41.58
CA ALA C 223 7.67 -1.45 -41.77
C ALA C 223 6.44 -2.29 -42.10
N GLU C 224 6.66 -3.39 -42.83
CA GLU C 224 5.58 -4.32 -43.15
C GLU C 224 5.09 -5.06 -41.90
N ASN C 225 6.03 -5.44 -41.03
CA ASN C 225 5.72 -6.03 -39.73
C ASN C 225 4.96 -5.08 -38.81
N LEU C 226 5.32 -3.80 -38.86
CA LEU C 226 4.66 -2.75 -38.07
C LEU C 226 3.18 -2.57 -38.44
N ALA C 227 2.83 -2.83 -39.70
CA ALA C 227 1.43 -2.75 -40.16
C ALA C 227 0.49 -3.61 -39.31
N VAL C 228 0.97 -4.79 -38.90
CA VAL C 228 0.20 -5.70 -38.05
C VAL C 228 -0.08 -5.06 -36.68
N ALA C 229 0.92 -4.36 -36.15
CA ALA C 229 0.80 -3.67 -34.87
C ALA C 229 -0.17 -2.48 -34.95
N SER C 230 -0.08 -1.73 -36.04
CA SER C 230 -0.97 -0.60 -36.27
C SER C 230 -2.42 -1.07 -36.36
N ALA C 231 -2.61 -2.25 -36.95
CA ALA C 231 -3.93 -2.87 -37.04
C ALA C 231 -4.43 -3.29 -35.66
N ALA C 232 -3.56 -3.95 -34.89
CA ALA C 232 -3.89 -4.41 -33.53
C ALA C 232 -4.28 -3.27 -32.60
N ALA C 233 -3.65 -2.11 -32.77
CA ALA C 233 -3.94 -0.91 -31.97
C ALA C 233 -5.30 -0.27 -32.29
N GLY C 234 -5.93 -0.69 -33.39
CA GLY C 234 -7.26 -0.21 -33.77
C GLY C 234 -7.38 1.31 -33.77
N ARG C 235 -8.31 1.83 -32.97
CA ARG C 235 -8.54 3.27 -32.88
C ARG C 235 -7.54 4.02 -31.98
N THR C 236 -6.53 3.32 -31.50
CA THR C 236 -5.39 3.95 -30.84
C THR C 236 -4.29 4.14 -31.89
N GLY C 237 -3.84 5.37 -32.06
CA GLY C 237 -2.82 5.70 -33.04
C GLY C 237 -1.44 5.22 -32.59
N LEU C 238 -0.75 4.51 -33.49
CA LEU C 238 0.57 4.00 -33.16
C LEU C 238 1.64 4.97 -33.61
N VAL C 239 2.57 5.28 -32.71
CA VAL C 239 3.73 6.08 -33.10
C VAL C 239 4.97 5.25 -32.91
N CYS C 240 5.96 5.45 -33.77
CA CYS C 240 7.16 4.66 -33.73
C CYS C 240 8.39 5.57 -33.67
N ALA C 241 9.56 4.99 -33.94
CA ALA C 241 10.81 5.74 -33.91
C ALA C 241 11.77 5.28 -35.00
N GLY C 242 12.56 6.20 -35.54
CA GLY C 242 13.67 5.85 -36.42
C GLY C 242 14.93 5.59 -35.60
N GLY C 243 15.92 4.95 -36.23
CA GLY C 243 17.20 4.67 -35.58
C GLY C 243 17.96 5.94 -35.24
N SER C 244 18.58 5.96 -34.05
CA SER C 244 19.28 7.14 -33.55
C SER C 244 20.68 7.32 -34.14
N THR C 245 21.18 6.27 -34.80
CA THR C 245 22.57 6.24 -35.26
C THR C 245 22.73 6.17 -36.78
N VAL C 246 21.64 6.27 -37.52
CA VAL C 246 21.69 6.26 -38.99
C VAL C 246 21.81 7.67 -39.56
N GLU C 247 22.13 7.75 -40.86
CA GLU C 247 22.18 9.03 -41.59
C GLU C 247 20.79 9.66 -41.65
N ALA C 248 20.75 10.99 -41.69
CA ALA C 248 19.49 11.74 -41.72
C ALA C 248 18.51 11.25 -42.79
N LYS C 249 19.02 10.95 -43.99
CA LYS C 249 18.19 10.43 -45.08
C LYS C 249 17.56 9.07 -44.75
N VAL C 250 18.36 8.15 -44.22
CA VAL C 250 17.89 6.83 -43.82
C VAL C 250 16.83 6.96 -42.72
N PHE C 251 17.12 7.82 -41.75
CA PHE C 251 16.19 8.13 -40.66
C PHE C 251 14.83 8.62 -41.18
N LEU C 252 14.87 9.58 -42.11
CA LEU C 252 13.64 10.18 -42.63
C LEU C 252 12.88 9.20 -43.51
N GLN C 253 13.61 8.28 -44.13
CA GLN C 253 13.03 7.19 -44.93
C GLN C 253 12.33 6.16 -44.04
N GLN C 254 12.91 5.86 -42.89
CA GLN C 254 12.29 4.96 -41.92
C GLN C 254 10.94 5.53 -41.46
N LEU C 255 10.93 6.80 -41.09
CA LEU C 255 9.71 7.47 -40.62
C LEU C 255 8.63 7.49 -41.68
N HIS C 256 9.04 7.71 -42.93
CA HIS C 256 8.13 7.73 -44.06
C HIS C 256 7.54 6.36 -44.28
N ASP C 257 8.38 5.34 -44.29
CA ASP C 257 7.94 3.94 -44.42
C ASP C 257 6.98 3.54 -43.31
N GLN C 258 7.28 3.95 -42.07
CA GLN C 258 6.46 3.62 -40.92
C GLN C 258 5.03 4.15 -41.06
N ILE C 259 4.89 5.36 -41.61
CA ILE C 259 3.59 5.96 -41.81
C ILE C 259 2.84 5.28 -42.97
N TYR C 260 3.45 5.26 -44.14
CA TYR C 260 2.73 4.89 -45.36
C TYR C 260 2.71 3.38 -45.62
N ILE C 261 3.70 2.66 -45.10
CA ILE C 261 3.70 1.20 -45.20
C ILE C 261 3.26 0.57 -43.87
N GLY C 262 3.79 1.09 -42.76
CA GLY C 262 3.54 0.51 -41.44
C GLY C 262 2.25 0.96 -40.76
N GLY C 263 1.60 1.97 -41.32
CA GLY C 263 0.33 2.46 -40.78
C GLY C 263 0.44 3.29 -39.51
N ALA C 264 1.63 3.79 -39.20
CA ALA C 264 1.83 4.66 -38.04
C ALA C 264 1.04 5.97 -38.14
N SER C 265 0.59 6.48 -37.00
CA SER C 265 -0.10 7.75 -36.92
C SER C 265 0.83 8.87 -36.45
N GLY C 266 2.12 8.60 -36.47
CA GLY C 266 3.11 9.60 -36.10
C GLY C 266 4.43 9.00 -35.67
N ASN C 267 5.21 9.80 -34.95
CA ASN C 267 6.53 9.39 -34.50
C ASN C 267 6.94 10.04 -33.17
N ALA C 268 7.91 9.43 -32.51
CA ALA C 268 8.49 9.97 -31.29
C ALA C 268 10.01 9.99 -31.44
N THR C 269 10.59 11.19 -31.28
CA THR C 269 12.03 11.37 -31.47
C THR C 269 12.61 12.15 -30.30
N GLY C 270 13.73 11.64 -29.77
CA GLY C 270 14.39 12.25 -28.63
C GLY C 270 15.80 12.68 -28.95
N ARG C 271 16.76 11.84 -28.59
CA ARG C 271 18.18 12.20 -28.67
C ARG C 271 18.69 12.52 -30.07
N ASN C 272 18.07 11.92 -31.09
CA ASN C 272 18.46 12.22 -32.47
C ASN C 272 18.28 13.70 -32.79
N ILE C 273 17.31 14.33 -32.14
CA ILE C 273 17.14 15.77 -32.25
C ILE C 273 18.10 16.52 -31.33
N HIS C 274 17.97 16.30 -30.01
CA HIS C 274 18.62 17.17 -29.04
C HIS C 274 20.11 17.06 -28.91
N GLN C 275 20.70 15.95 -29.38
CA GLN C 275 22.17 15.81 -29.39
C GLN C 275 22.87 16.69 -30.43
N ARG C 276 22.10 17.30 -31.32
CA ARG C 276 22.62 18.19 -32.35
C ARG C 276 22.63 19.64 -31.85
N SER C 277 23.40 20.49 -32.52
CA SER C 277 23.40 21.92 -32.22
C SER C 277 22.01 22.50 -32.45
N LEU C 278 21.71 23.61 -31.78
CA LEU C 278 20.38 24.21 -31.84
C LEU C 278 19.86 24.37 -33.28
N ASP C 279 20.67 24.94 -34.16
CA ASP C 279 20.25 25.17 -35.55
C ASP C 279 19.90 23.87 -36.28
N GLU C 280 20.77 22.88 -36.19
CA GLU C 280 20.58 21.59 -36.85
C GLU C 280 19.40 20.82 -36.26
N ALA C 281 19.27 20.88 -34.94
CA ALA C 281 18.19 20.24 -34.21
C ALA C 281 16.85 20.79 -34.67
N VAL C 282 16.75 22.12 -34.70
CA VAL C 282 15.56 22.81 -35.21
C VAL C 282 15.23 22.36 -36.64
N ARG C 283 16.23 22.30 -37.50
CA ARG C 283 16.04 21.84 -38.88
C ARG C 283 15.56 20.40 -38.98
N LEU C 284 16.02 19.54 -38.07
CA LEU C 284 15.56 18.15 -38.07
C LEU C 284 14.10 18.02 -37.63
N THR C 285 13.69 18.79 -36.64
CA THR C 285 12.28 18.78 -36.21
C THR C 285 11.40 19.19 -37.39
N LYS C 286 11.89 20.17 -38.15
CA LYS C 286 11.17 20.70 -39.30
C LYS C 286 11.06 19.64 -40.39
N ALA C 287 12.14 18.90 -40.61
CA ALA C 287 12.17 17.77 -41.55
C ALA C 287 11.18 16.67 -41.15
N ILE C 288 11.23 16.28 -39.88
CA ILE C 288 10.32 15.27 -39.34
C ILE C 288 8.87 15.73 -39.45
N SER C 289 8.59 16.94 -39.00
CA SER C 289 7.24 17.52 -39.05
C SER C 289 6.72 17.69 -40.47
N ALA C 290 7.62 17.90 -41.43
CA ALA C 290 7.22 18.04 -42.83
C ALA C 290 6.69 16.73 -43.38
N ILE C 291 7.37 15.63 -43.08
CA ILE C 291 6.87 14.29 -43.41
C ILE C 291 5.57 13.99 -42.67
N THR C 292 5.60 14.18 -41.35
CA THR C 292 4.54 13.74 -40.46
C THR C 292 3.25 14.55 -40.60
N LEU C 293 3.39 15.87 -40.64
CA LEU C 293 2.24 16.77 -40.66
C LEU C 293 1.83 17.27 -42.05
N ALA C 294 2.80 17.36 -42.96
CA ALA C 294 2.57 17.97 -44.28
C ALA C 294 2.78 17.04 -45.48
N ASP C 295 3.09 15.77 -45.21
CA ASP C 295 3.13 14.71 -46.25
C ASP C 295 4.31 14.77 -47.23
N TYR C 296 5.35 15.52 -46.91
CA TYR C 296 6.54 15.62 -47.76
C TYR C 296 7.10 14.27 -48.15
N ASP C 297 7.64 14.19 -49.37
CA ASP C 297 8.53 13.11 -49.77
C ASP C 297 9.81 13.20 -48.94
N VAL C 298 10.55 12.09 -48.90
CA VAL C 298 11.84 12.04 -48.19
C VAL C 298 12.81 13.11 -48.72
N ASP C 299 12.89 13.22 -50.05
CA ASP C 299 13.80 14.16 -50.71
C ASP C 299 13.56 15.62 -50.34
N ARG C 300 12.30 16.03 -50.32
CA ARG C 300 11.97 17.41 -49.95
C ARG C 300 12.17 17.65 -48.46
N ALA C 301 11.92 16.62 -47.65
CA ALA C 301 12.18 16.69 -46.21
C ALA C 301 13.68 16.83 -45.93
N LEU C 302 14.49 16.09 -46.68
CA LEU C 302 15.94 16.15 -46.55
C LEU C 302 16.49 17.54 -46.90
N ALA C 303 15.85 18.19 -47.88
CA ALA C 303 16.17 19.57 -48.25
C ALA C 303 15.90 20.54 -47.10
N VAL C 304 14.84 20.27 -46.35
CA VAL C 304 14.51 21.05 -45.15
C VAL C 304 15.58 20.81 -44.07
N PHE C 305 15.95 19.55 -43.85
CA PHE C 305 17.00 19.22 -42.90
C PHE C 305 18.31 19.92 -43.24
N ASN C 306 18.65 19.93 -44.53
CA ASN C 306 19.90 20.51 -45.01
C ASN C 306 19.88 22.04 -45.11
N GLY C 307 18.74 22.65 -44.80
CA GLY C 307 18.62 24.10 -44.77
C GLY C 307 18.38 24.75 -46.12
N GLU C 308 18.14 23.92 -47.13
CA GLU C 308 17.87 24.38 -48.50
C GLU C 308 16.49 25.03 -48.59
N GLU C 309 15.55 24.55 -47.79
CA GLU C 309 14.21 25.12 -47.71
C GLU C 309 13.82 25.27 -46.25
N ASP C 310 13.00 26.27 -45.95
CA ASP C 310 12.42 26.39 -44.61
C ASP C 310 11.16 25.53 -44.52
N PHE C 311 10.64 25.33 -43.32
CA PHE C 311 9.33 24.69 -43.13
C PHE C 311 8.53 25.33 -42.00
N ALA C 312 7.28 25.62 -42.30
CA ALA C 312 6.31 26.09 -41.32
C ALA C 312 4.99 25.35 -41.51
N LEU C 313 4.11 25.42 -40.51
CA LEU C 313 2.82 24.73 -40.56
C LEU C 313 1.89 25.36 -41.58
N HIS C 314 1.05 24.54 -42.18
CA HIS C 314 0.18 24.92 -43.29
C HIS C 314 -1.12 25.53 -42.82
N HIS C 315 -1.62 24.99 -41.71
CA HIS C 315 -2.91 25.36 -41.17
C HIS C 315 -2.88 25.48 -39.67
N HIS C 316 -3.59 26.49 -39.16
CA HIS C 316 -3.62 26.81 -37.74
C HIS C 316 -5.05 27.01 -37.27
N HIS C 317 -5.97 26.22 -37.82
CA HIS C 317 -7.39 26.27 -37.45
C HIS C 317 -7.63 25.87 -35.99
N HIS C 318 -6.59 25.32 -35.36
CA HIS C 318 -6.58 24.95 -33.95
C HIS C 318 -6.06 26.07 -33.07
N HIS C 319 -6.05 27.29 -33.62
CA HIS C 319 -5.60 28.51 -32.93
C HIS C 319 -4.22 28.38 -32.29
N PRO D 2 26.94 37.08 -3.85
CA PRO D 2 26.10 37.76 -4.82
C PRO D 2 24.89 38.42 -4.16
N LYS D 3 24.08 39.14 -4.95
CA LYS D 3 22.88 39.79 -4.45
C LYS D 3 21.76 39.70 -5.47
N ILE D 4 20.56 39.35 -5.01
CA ILE D 4 19.39 39.28 -5.88
C ILE D 4 18.21 40.06 -5.28
N THR D 5 17.31 40.54 -6.15
CA THR D 5 16.07 41.15 -5.70
C THR D 5 14.93 40.15 -5.85
N ARG D 6 13.79 40.44 -5.24
CA ARG D 6 12.60 39.62 -5.33
C ARG D 6 12.21 39.32 -6.79
N ASP D 7 12.34 40.32 -7.65
CA ASP D 7 12.02 40.20 -9.08
C ASP D 7 12.92 39.24 -9.83
N GLN D 8 14.14 39.04 -9.34
CA GLN D 8 15.09 38.14 -10.01
C GLN D 8 14.84 36.67 -9.68
N VAL D 9 14.00 36.40 -8.69
CA VAL D 9 13.65 35.04 -8.32
C VAL D 9 12.76 34.44 -9.41
N LYS D 10 13.25 33.39 -10.06
CA LYS D 10 12.47 32.68 -11.07
C LYS D 10 11.50 31.73 -10.40
N VAL D 11 10.22 32.09 -10.43
CA VAL D 11 9.17 31.27 -9.82
C VAL D 11 8.76 30.18 -10.79
N PRO D 12 8.98 28.90 -10.43
CA PRO D 12 8.58 27.81 -11.32
C PRO D 12 7.06 27.71 -11.42
N ALA D 13 6.58 27.11 -12.49
CA ALA D 13 5.15 27.14 -12.83
C ALA D 13 4.27 26.24 -11.96
N ASP D 14 4.88 25.43 -11.11
CA ASP D 14 4.13 24.59 -10.15
C ASP D 14 3.88 25.30 -8.82
N VAL D 15 4.49 26.48 -8.65
CA VAL D 15 4.16 27.36 -7.55
C VAL D 15 2.91 28.13 -7.96
N LEU D 16 1.80 27.86 -7.29
CA LEU D 16 0.52 28.44 -7.66
C LEU D 16 0.44 29.93 -7.37
N ALA D 17 -0.48 30.61 -8.05
CA ALA D 17 -0.66 32.06 -7.91
C ALA D 17 -0.74 32.53 -6.45
N ASP D 18 -1.53 31.83 -5.65
CA ASP D 18 -1.72 32.21 -4.24
C ASP D 18 -0.54 31.89 -3.32
N ALA D 19 0.43 31.13 -3.84
CA ALA D 19 1.64 30.79 -3.09
C ALA D 19 2.88 31.52 -3.59
N ARG D 20 2.71 32.36 -4.61
CA ARG D 20 3.83 33.02 -5.30
C ARG D 20 4.72 33.87 -4.38
N GLU D 21 4.09 34.78 -3.62
CA GLU D 21 4.84 35.68 -2.73
C GLU D 21 5.53 34.92 -1.59
N THR D 22 4.86 33.89 -1.09
CA THR D 22 5.40 33.02 -0.05
C THR D 22 6.67 32.31 -0.53
N TYR D 23 6.62 31.80 -1.77
CA TYR D 23 7.77 31.14 -2.39
C TYR D 23 8.96 32.08 -2.47
N ILE D 24 8.69 33.31 -2.93
CA ILE D 24 9.73 34.33 -3.04
C ILE D 24 10.29 34.66 -1.66
N ASP D 25 9.40 34.86 -0.68
CA ASP D 25 9.81 35.08 0.71
C ASP D 25 10.80 34.00 1.16
N ASN D 26 10.41 32.75 0.93
CA ASN D 26 11.20 31.60 1.36
C ASN D 26 12.52 31.45 0.61
N TYR D 27 12.49 31.73 -0.69
CA TYR D 27 13.69 31.68 -1.52
C TYR D 27 14.70 32.77 -1.08
N MSE D 28 14.18 33.95 -0.79
CA MSE D 28 14.98 35.08 -0.32
C MSE D 28 15.57 34.81 1.07
O MSE D 28 16.70 35.19 1.36
CB MSE D 28 14.17 36.38 -0.32
CG MSE D 28 13.78 36.90 -1.71
SE MSE D 28 15.32 37.48 -2.79
CE MSE D 28 15.73 39.15 -1.84
N LYS D 29 14.78 34.16 1.93
CA LYS D 29 15.25 33.78 3.27
C LYS D 29 16.31 32.70 3.19
N ALA D 30 15.99 31.63 2.47
CA ALA D 30 16.88 30.47 2.37
C ALA D 30 18.22 30.84 1.77
N THR D 31 18.21 31.71 0.76
CA THR D 31 19.44 32.15 0.10
C THR D 31 19.97 33.47 0.65
N GLN D 32 19.31 33.99 1.69
CA GLN D 32 19.67 35.25 2.34
C GLN D 32 19.79 36.42 1.34
N GLY D 33 18.90 36.42 0.35
CA GLY D 33 18.87 37.44 -0.69
C GLY D 33 20.06 37.43 -1.64
N THR D 34 20.72 36.28 -1.78
CA THR D 34 21.91 36.17 -2.63
C THR D 34 21.72 35.20 -3.80
N GLY D 35 20.71 34.35 -3.71
CA GLY D 35 20.49 33.30 -4.72
C GLY D 35 21.35 32.07 -4.48
N ARG D 36 22.27 32.16 -3.52
CA ARG D 36 23.17 31.06 -3.15
C ARG D 36 22.67 30.40 -1.87
N LEU D 37 22.78 29.06 -1.82
CA LEU D 37 22.31 28.31 -0.66
C LEU D 37 23.43 27.82 0.26
N MSE D 38 23.45 28.34 1.49
CA MSE D 38 24.33 27.83 2.54
C MSE D 38 23.49 26.96 3.47
O MSE D 38 22.76 27.46 4.32
CB MSE D 38 24.99 28.97 3.31
CG MSE D 38 26.13 28.55 4.25
SE MSE D 38 25.59 27.41 5.77
CE MSE D 38 27.20 27.63 6.87
N LEU D 39 23.62 25.65 3.30
CA LEU D 39 22.81 24.72 4.09
C LEU D 39 23.65 24.11 5.19
N PHE D 40 23.14 24.23 6.42
CA PHE D 40 23.73 23.62 7.60
C PHE D 40 22.96 22.33 7.91
N ALA D 41 23.61 21.20 7.69
CA ALA D 41 22.98 19.87 7.81
C ALA D 41 22.99 19.31 9.25
N CYS D 42 21.79 19.12 9.80
CA CYS D 42 21.63 18.67 11.17
C CYS D 42 20.71 17.45 11.26
N ASP D 43 20.75 16.60 10.23
CA ASP D 43 19.87 15.44 10.12
C ASP D 43 20.57 14.11 10.42
N GLN D 44 21.87 14.18 10.74
CA GLN D 44 22.70 12.96 10.83
C GLN D 44 22.53 12.13 12.12
N LYS D 45 21.71 12.60 13.06
CA LYS D 45 21.41 11.85 14.28
C LYS D 45 20.64 10.56 13.98
N VAL D 46 19.89 10.56 12.88
CA VAL D 46 19.28 9.32 12.41
C VAL D 46 20.26 8.61 11.47
N GLU D 47 20.78 9.35 10.48
CA GLU D 47 21.62 8.77 9.43
C GLU D 47 22.80 7.94 9.93
N HIS D 48 23.58 8.49 10.85
CA HIS D 48 24.74 7.76 11.39
C HIS D 48 24.61 7.57 12.88
N LEU D 49 23.37 7.58 13.36
CA LEU D 49 23.08 7.43 14.80
C LEU D 49 23.89 8.42 15.64
N ASN D 50 24.58 7.95 16.68
CA ASN D 50 25.38 8.86 17.51
C ASN D 50 26.84 8.98 17.09
N GLY D 51 27.17 8.35 15.95
CA GLY D 51 28.54 8.29 15.44
C GLY D 51 29.18 9.61 15.09
N ASP D 52 28.39 10.58 14.63
CA ASP D 52 28.91 11.90 14.25
C ASP D 52 28.91 12.90 15.42
N PHE D 53 28.40 12.47 16.57
CA PHE D 53 28.14 13.40 17.68
C PHE D 53 28.89 13.11 18.97
N TYR D 54 29.43 11.90 19.09
CA TYR D 54 30.19 11.51 20.28
C TYR D 54 31.32 10.56 19.90
N GLY D 55 32.51 10.80 20.42
CA GLY D 55 33.66 9.95 20.16
C GLY D 55 34.94 10.71 19.87
N GLU D 56 35.97 9.97 19.48
CA GLU D 56 37.31 10.52 19.21
C GLU D 56 37.29 11.60 18.12
N GLY D 57 37.94 12.71 18.41
CA GLY D 57 38.01 13.84 17.47
C GLY D 57 36.73 14.66 17.37
N ILE D 58 35.75 14.33 18.20
CA ILE D 58 34.48 15.08 18.24
C ILE D 58 34.41 15.83 19.57
N ASP D 59 34.21 17.15 19.48
CA ASP D 59 34.11 17.98 20.68
C ASP D 59 32.95 17.55 21.55
N ILE D 60 33.17 17.55 22.86
CA ILE D 60 32.18 17.10 23.85
C ILE D 60 30.83 17.81 23.77
N SER D 61 30.84 19.09 23.36
N SER D 61 30.84 19.09 23.36
CA SER D 61 29.61 19.87 23.25
CA SER D 61 29.62 19.88 23.24
C SER D 61 28.64 19.32 22.20
C SER D 61 28.65 19.31 22.20
N ASP D 62 29.18 18.59 21.23
CA ASP D 62 28.36 17.98 20.17
C ASP D 62 27.47 16.82 20.66
N SER D 63 27.70 16.35 21.88
CA SER D 63 26.91 15.24 22.44
C SER D 63 25.51 15.69 22.88
N ASP D 64 25.33 17.00 23.04
CA ASP D 64 24.04 17.61 23.33
C ASP D 64 23.46 18.19 22.03
N PRO D 65 22.27 17.72 21.61
CA PRO D 65 21.61 18.19 20.39
C PRO D 65 21.38 19.70 20.34
N GLU D 66 21.26 20.34 21.50
CA GLU D 66 21.09 21.79 21.55
C GLU D 66 22.27 22.55 20.91
N HIS D 67 23.43 21.91 20.88
CA HIS D 67 24.61 22.42 20.16
C HIS D 67 24.27 22.85 18.76
N LEU D 68 23.47 22.03 18.07
CA LEU D 68 23.07 22.29 16.68
C LEU D 68 22.30 23.59 16.51
N PHE D 69 21.36 23.82 17.42
CA PHE D 69 20.52 25.02 17.36
C PHE D 69 21.30 26.28 17.75
N LYS D 70 22.20 26.15 18.72
CA LYS D 70 23.04 27.28 19.13
C LYS D 70 23.87 27.76 17.94
N ILE D 71 24.47 26.81 17.22
CA ILE D 71 25.27 27.10 16.04
C ILE D 71 24.43 27.80 14.97
N ALA D 72 23.24 27.24 14.71
CA ALA D 72 22.33 27.77 13.70
C ALA D 72 21.91 29.20 14.04
N ASP D 73 21.68 29.47 15.31
CA ASP D 73 21.21 30.78 15.74
C ASP D 73 22.34 31.81 15.87
N GLN D 74 23.49 31.37 16.39
CA GLN D 74 24.60 32.28 16.66
C GLN D 74 25.52 32.45 15.46
N GLY D 75 25.62 31.43 14.63
CA GLY D 75 26.43 31.50 13.42
C GLY D 75 25.69 32.14 12.28
N VAL D 76 26.24 32.04 11.07
CA VAL D 76 25.57 32.54 9.88
C VAL D 76 25.31 31.37 8.94
N CYS D 77 24.04 31.13 8.66
N CYS D 77 24.04 31.12 8.66
CA CYS D 77 23.62 30.05 7.78
CA CYS D 77 23.63 30.03 7.77
C CYS D 77 22.45 30.50 6.91
C CYS D 77 22.40 30.42 6.97
N GLY D 78 22.23 29.77 5.82
CA GLY D 78 21.07 30.00 4.97
C GLY D 78 19.88 29.27 5.55
N VAL D 79 19.97 27.95 5.60
CA VAL D 79 18.97 27.14 6.27
C VAL D 79 19.59 26.12 7.23
N MSE D 80 18.80 25.71 8.22
N MSE D 80 18.79 25.70 8.21
CA MSE D 80 19.14 24.58 9.08
CA MSE D 80 19.12 24.59 9.10
C MSE D 80 18.22 23.42 8.72
C MSE D 80 18.22 23.41 8.74
O MSE D 80 17.00 23.52 8.85
O MSE D 80 17.00 23.49 8.92
CB MSE D 80 18.99 24.95 10.55
CB MSE D 80 18.91 25.00 10.56
CG MSE D 80 19.44 23.84 11.49
CG MSE D 80 19.32 23.93 11.59
SE MSE D 80 18.71 24.09 13.28
SE MSE D 80 17.95 22.57 11.94
CE MSE D 80 19.40 22.48 14.15
CE MSE D 80 18.65 21.88 13.62
N ALA D 81 18.83 22.34 8.24
CA ALA D 81 18.09 21.15 7.81
C ALA D 81 18.09 20.11 8.92
N GLY D 82 16.90 19.75 9.37
CA GLY D 82 16.74 18.74 10.42
C GLY D 82 15.38 18.09 10.34
N GLN D 83 15.22 16.95 11.02
CA GLN D 83 13.93 16.25 11.07
C GLN D 83 12.86 17.10 11.76
N ARG D 84 11.59 16.80 11.46
CA ARG D 84 10.46 17.55 12.01
C ARG D 84 10.46 17.53 13.54
N GLY D 85 10.68 16.35 14.11
CA GLY D 85 10.69 16.16 15.55
C GLY D 85 11.81 16.91 16.25
N LEU D 86 13.01 16.87 15.69
CA LEU D 86 14.14 17.61 16.25
C LEU D 86 13.87 19.11 16.29
N ILE D 87 13.31 19.62 15.20
CA ILE D 87 12.94 21.02 15.11
C ILE D 87 11.82 21.34 16.10
N ALA D 88 10.85 20.44 16.24
CA ALA D 88 9.72 20.64 17.15
C ALA D 88 10.12 20.87 18.61
N ARG D 89 11.15 20.15 19.07
CA ARG D 89 11.56 20.22 20.47
C ARG D 89 12.41 21.46 20.83
N TYR D 90 12.89 22.20 19.84
CA TYR D 90 13.79 23.33 20.13
C TYR D 90 13.40 24.67 19.49
N ALA D 91 12.66 24.63 18.39
CA ALA D 91 12.36 25.82 17.58
C ALA D 91 11.73 26.97 18.36
N ALA D 92 10.93 26.64 19.37
CA ALA D 92 10.31 27.67 20.21
C ALA D 92 11.36 28.57 20.86
N ASP D 93 12.51 28.01 21.20
CA ASP D 93 13.59 28.75 21.84
C ASP D 93 14.61 29.28 20.84
N TYR D 94 14.44 28.92 19.57
CA TYR D 94 15.32 29.36 18.50
C TYR D 94 14.49 29.77 17.26
N PRO D 95 13.64 30.81 17.40
CA PRO D 95 12.71 31.14 16.31
C PRO D 95 13.34 31.81 15.09
N ASN D 96 14.49 32.46 15.26
CA ASN D 96 15.12 33.23 14.17
C ASN D 96 16.10 32.41 13.34
N VAL D 97 15.65 31.24 12.93
CA VAL D 97 16.42 30.36 12.06
C VAL D 97 15.49 30.00 10.90
N ASN D 98 16.05 29.89 9.70
CA ASN D 98 15.31 29.36 8.56
C ASN D 98 15.39 27.84 8.57
N TYR D 99 14.26 27.21 8.86
CA TYR D 99 14.20 25.76 8.99
C TYR D 99 13.84 25.05 7.69
N LEU D 100 14.63 24.04 7.35
CA LEU D 100 14.33 23.11 6.28
C LEU D 100 14.02 21.75 6.92
N VAL D 101 12.80 21.29 6.76
CA VAL D 101 12.38 20.02 7.36
C VAL D 101 12.79 18.86 6.47
N LYS D 102 13.74 18.06 6.97
CA LYS D 102 14.15 16.85 6.27
C LYS D 102 13.06 15.79 6.39
N MSE D 103 12.40 15.48 5.28
CA MSE D 103 11.17 14.68 5.27
C MSE D 103 11.40 13.18 5.43
O MSE D 103 10.50 12.48 5.88
CB MSE D 103 10.38 14.94 3.99
CG MSE D 103 9.96 16.39 3.80
SE MSE D 103 8.68 16.94 5.15
CE MSE D 103 7.26 15.62 4.78
N ASN D 104 12.56 12.69 5.01
CA ASN D 104 12.88 11.28 5.18
C ASN D 104 14.22 11.07 5.87
N SER D 105 14.36 9.92 6.52
CA SER D 105 15.61 9.51 7.16
C SER D 105 15.66 8.00 7.28
N LYS D 106 16.89 7.47 7.36
CA LYS D 106 17.12 6.09 7.69
C LYS D 106 18.37 6.02 8.57
N THR D 107 18.58 4.88 9.22
CA THR D 107 19.83 4.66 9.97
C THR D 107 20.87 4.00 9.05
N ASN D 108 22.10 3.88 9.53
CA ASN D 108 23.15 3.24 8.74
C ASN D 108 23.51 1.84 9.22
N LEU D 109 22.58 1.19 9.90
CA LEU D 109 22.81 -0.14 10.46
C LEU D 109 22.82 -1.22 9.38
N VAL D 110 21.89 -1.12 8.42
CA VAL D 110 21.84 -2.03 7.29
C VAL D 110 22.77 -1.48 6.20
N LYS D 111 23.90 -2.14 6.00
CA LYS D 111 24.84 -1.74 4.95
C LYS D 111 24.33 -2.18 3.59
N THR D 112 24.83 -1.53 2.53
CA THR D 112 24.43 -1.82 1.16
C THR D 112 24.54 -3.31 0.80
N ALA D 113 25.63 -3.95 1.21
CA ALA D 113 25.86 -5.37 0.93
C ALA D 113 24.77 -6.28 1.49
N GLN D 114 24.15 -5.89 2.60
CA GLN D 114 23.05 -6.66 3.16
C GLN D 114 21.77 -6.42 2.36
N ASP D 115 21.41 -5.14 2.19
CA ASP D 115 20.26 -4.75 1.39
C ASP D 115 20.43 -3.33 0.89
N ASP D 116 19.90 -3.05 -0.31
CA ASP D 116 19.91 -1.70 -0.92
C ASP D 116 19.20 -0.70 0.00
N PRO D 117 19.66 0.57 -0.01
CA PRO D 117 19.12 1.56 0.92
C PRO D 117 17.72 2.06 0.56
N TYR D 118 16.92 2.32 1.60
CA TYR D 118 15.63 2.98 1.45
C TYR D 118 15.38 3.91 2.62
N SER D 119 15.12 5.18 2.33
CA SER D 119 14.83 6.19 3.34
C SER D 119 13.38 6.67 3.17
N PRO D 120 12.50 6.31 4.12
CA PRO D 120 11.06 6.59 3.99
C PRO D 120 10.67 8.00 4.44
N GLN D 121 9.67 8.57 3.77
CA GLN D 121 9.03 9.80 4.26
C GLN D 121 8.47 9.50 5.64
N LEU D 122 8.78 10.37 6.59
CA LEU D 122 8.49 10.11 8.00
C LEU D 122 7.08 10.47 8.41
N HIS D 123 6.44 11.36 7.65
CA HIS D 123 5.09 11.85 7.96
C HIS D 123 4.61 12.61 6.76
N ASP D 124 3.35 13.03 6.77
CA ASP D 124 2.83 13.83 5.67
C ASP D 124 3.32 15.29 5.73
N ILE D 125 3.11 15.99 4.63
CA ILE D 125 3.45 17.41 4.54
C ILE D 125 2.57 18.25 5.48
N GLU D 126 1.34 17.82 5.71
CA GLU D 126 0.39 18.55 6.57
C GLU D 126 0.95 18.75 7.97
N ALA D 127 1.66 17.74 8.46
CA ALA D 127 2.35 17.82 9.75
C ALA D 127 3.30 19.02 9.80
N VAL D 128 4.04 19.24 8.72
CA VAL D 128 4.98 20.38 8.64
C VAL D 128 4.21 21.70 8.53
N LEU D 129 3.13 21.69 7.76
CA LEU D 129 2.30 22.88 7.58
C LEU D 129 1.66 23.34 8.89
N ALA D 130 1.23 22.37 9.70
CA ALA D 130 0.66 22.67 11.02
C ALA D 130 1.70 23.29 11.94
N MSE D 131 2.94 22.80 11.85
CA MSE D 131 4.04 23.37 12.62
C MSE D 131 4.39 24.78 12.14
O MSE D 131 4.61 25.67 12.96
CB MSE D 131 5.26 22.45 12.55
CG MSE D 131 6.28 22.73 13.64
SE MSE D 131 7.63 21.34 13.78
CE MSE D 131 8.56 21.61 12.10
N ARG D 132 4.40 24.98 10.82
CA ARG D 132 4.58 26.31 10.24
C ARG D 132 3.52 27.28 10.75
N ASP D 133 2.26 26.85 10.72
CA ASP D 133 1.13 27.67 11.17
C ASP D 133 1.13 27.90 12.68
N ASN D 134 1.92 27.09 13.40
CA ASN D 134 2.13 27.30 14.83
C ASN D 134 3.32 28.24 15.10
N GLY D 135 3.81 28.90 14.05
CA GLY D 135 4.86 29.91 14.21
C GLY D 135 6.29 29.48 13.97
N VAL D 136 6.49 28.23 13.54
CA VAL D 136 7.85 27.78 13.17
C VAL D 136 8.21 28.27 11.77
N ASN D 137 9.39 28.89 11.67
CA ASN D 137 9.89 29.45 10.41
C ASN D 137 10.40 28.40 9.43
N VAL D 138 9.48 27.58 8.91
CA VAL D 138 9.80 26.57 7.91
C VAL D 138 9.80 27.22 6.53
N VAL D 139 10.96 27.24 5.88
CA VAL D 139 11.08 27.83 4.54
C VAL D 139 11.05 26.78 3.42
N GLY D 140 11.22 25.51 3.80
CA GLY D 140 11.20 24.45 2.80
C GLY D 140 11.45 23.05 3.34
N LEU D 141 11.54 22.10 2.42
CA LEU D 141 11.64 20.69 2.75
C LEU D 141 12.88 20.06 2.11
N GLY D 142 13.38 19.01 2.75
CA GLY D 142 14.45 18.18 2.19
C GLY D 142 14.00 16.74 2.01
N TYR D 143 14.62 16.03 1.06
CA TYR D 143 14.32 14.61 0.82
C TYR D 143 15.50 13.93 0.11
N THR D 144 15.84 12.71 0.54
CA THR D 144 16.96 11.97 -0.02
C THR D 144 16.51 10.86 -0.97
N LEU D 145 17.14 10.79 -2.13
CA LEU D 145 16.93 9.69 -3.07
C LEU D 145 18.20 8.90 -3.32
N TYR D 146 18.11 7.58 -3.23
CA TYR D 146 19.19 6.69 -3.63
C TYR D 146 18.88 6.07 -5.00
N LEU D 147 19.27 6.77 -6.06
CA LEU D 147 19.11 6.27 -7.41
C LEU D 147 19.96 5.01 -7.59
N GLY D 148 19.44 4.04 -8.34
CA GLY D 148 20.13 2.78 -8.55
C GLY D 148 19.95 1.77 -7.44
N SER D 149 19.26 2.17 -6.36
CA SER D 149 18.84 1.24 -5.33
C SER D 149 17.66 0.43 -5.86
N GLU D 150 17.50 -0.79 -5.37
CA GLU D 150 16.32 -1.58 -5.74
C GLU D 150 15.02 -0.96 -5.22
N TYR D 151 15.15 -0.02 -4.28
CA TYR D 151 14.01 0.72 -3.74
C TYR D 151 13.87 2.11 -4.35
N GLU D 152 14.61 2.36 -5.44
CA GLU D 152 14.58 3.64 -6.17
C GLU D 152 13.15 4.12 -6.44
N ALA D 153 12.29 3.20 -6.90
CA ALA D 153 10.95 3.56 -7.35
C ALA D 153 10.13 4.21 -6.25
N THR D 154 10.26 3.69 -5.04
CA THR D 154 9.52 4.20 -3.89
C THR D 154 9.93 5.63 -3.56
N MSE D 155 11.23 5.91 -3.65
CA MSE D 155 11.73 7.25 -3.36
C MSE D 155 11.44 8.26 -4.47
O MSE D 155 11.21 9.44 -4.20
CB MSE D 155 13.22 7.21 -3.00
CG MSE D 155 13.47 6.68 -1.60
SE MSE D 155 15.34 6.29 -1.26
CE MSE D 155 15.56 4.68 -2.36
N LEU D 156 11.45 7.79 -5.72
CA LEU D 156 11.04 8.65 -6.85
C LEU D 156 9.59 9.08 -6.73
N ALA D 157 8.71 8.14 -6.38
CA ALA D 157 7.29 8.43 -6.21
C ALA D 157 7.04 9.39 -5.05
N GLU D 158 7.75 9.16 -3.94
CA GLU D 158 7.63 10.03 -2.78
C GLU D 158 8.16 11.43 -3.07
N ALA D 159 9.36 11.51 -3.65
CA ALA D 159 9.98 12.80 -3.94
C ALA D 159 9.18 13.60 -4.97
N GLY D 160 8.72 12.95 -6.03
CA GLY D 160 7.95 13.61 -7.07
C GLY D 160 6.70 14.29 -6.55
N GLN D 161 5.94 13.56 -5.72
CA GLN D 161 4.72 14.09 -5.11
C GLN D 161 5.05 15.20 -4.10
N LEU D 162 6.12 15.01 -3.34
CA LEU D 162 6.57 15.98 -2.35
C LEU D 162 6.90 17.35 -2.95
N VAL D 163 7.60 17.35 -4.09
CA VAL D 163 7.97 18.60 -4.76
C VAL D 163 6.71 19.36 -5.18
N ALA D 164 5.77 18.63 -5.77
CA ALA D 164 4.51 19.23 -6.22
C ALA D 164 3.76 19.90 -5.06
N GLN D 165 3.63 19.19 -3.95
CA GLN D 165 2.92 19.70 -2.79
C GLN D 165 3.64 20.86 -2.08
N ALA D 166 4.97 20.79 -2.03
CA ALA D 166 5.77 21.84 -1.42
C ALA D 166 5.61 23.16 -2.17
N HIS D 167 5.69 23.09 -3.50
CA HIS D 167 5.58 24.28 -4.34
C HIS D 167 4.19 24.84 -4.33
N GLU D 168 3.21 23.95 -4.23
CA GLU D 168 1.82 24.33 -3.99
C GLU D 168 1.69 25.23 -2.75
N GLU D 169 2.52 24.96 -1.75
CA GLU D 169 2.51 25.72 -0.50
C GLU D 169 3.55 26.85 -0.48
N GLY D 170 4.28 27.00 -1.58
CA GLY D 170 5.31 28.03 -1.68
C GLY D 170 6.53 27.76 -0.84
N LEU D 171 6.79 26.47 -0.58
CA LEU D 171 7.98 26.05 0.15
C LEU D 171 9.04 25.66 -0.86
N ILE D 172 10.32 25.91 -0.55
CA ILE D 172 11.39 25.45 -1.42
C ILE D 172 11.68 23.96 -1.16
N VAL D 173 12.32 23.30 -2.12
CA VAL D 173 12.66 21.89 -1.96
C VAL D 173 14.13 21.68 -2.32
N VAL D 174 14.86 21.06 -1.41
CA VAL D 174 16.21 20.60 -1.67
C VAL D 174 16.18 19.07 -1.69
N LEU D 175 16.72 18.47 -2.74
CA LEU D 175 16.83 17.02 -2.81
C LEU D 175 18.27 16.57 -2.63
N TRP D 176 18.49 15.67 -1.68
CA TRP D 176 19.76 14.97 -1.53
C TRP D 176 19.69 13.83 -2.50
N ILE D 177 20.60 13.79 -3.46
CA ILE D 177 20.59 12.66 -4.38
C ILE D 177 21.93 11.94 -4.35
N TYR D 178 21.92 10.75 -3.73
CA TYR D 178 23.10 9.92 -3.58
C TYR D 178 22.85 8.56 -4.23
N PRO D 179 23.26 8.40 -5.50
CA PRO D 179 23.10 7.09 -6.12
C PRO D 179 23.87 6.04 -5.32
N ARG D 180 23.13 5.02 -4.85
CA ARG D 180 23.68 4.03 -3.94
C ARG D 180 22.95 2.70 -4.08
N GLY D 181 23.72 1.62 -3.99
CA GLY D 181 23.17 0.28 -4.14
C GLY D 181 24.12 -0.64 -4.88
N LYS D 182 23.78 -1.93 -4.84
CA LYS D 182 24.35 -3.00 -5.64
C LYS D 182 24.79 -2.52 -7.03
N ALA D 183 23.85 -1.92 -7.74
CA ALA D 183 24.03 -1.47 -9.11
C ALA D 183 25.07 -0.36 -9.27
N VAL D 184 25.30 0.42 -8.21
CA VAL D 184 26.18 1.58 -8.28
C VAL D 184 27.61 1.23 -7.90
N GLY D 185 27.81 0.79 -6.65
CA GLY D 185 29.11 0.34 -6.17
C GLY D 185 30.24 1.31 -6.45
N LYS D 186 31.24 0.85 -7.20
CA LYS D 186 32.42 1.64 -7.54
C LYS D 186 32.12 2.97 -8.25
N ASP D 187 30.92 3.07 -8.85
CA ASP D 187 30.56 4.23 -9.66
C ASP D 187 29.92 5.37 -8.85
N GLU D 188 29.85 5.20 -7.53
CA GLU D 188 29.20 6.17 -6.63
C GLU D 188 29.54 7.63 -6.89
N LYS D 189 30.81 7.93 -7.11
CA LYS D 189 31.25 9.31 -7.26
C LYS D 189 31.94 9.60 -8.59
N ALA D 190 31.67 8.76 -9.59
CA ALA D 190 32.07 9.01 -10.98
C ALA D 190 31.38 10.29 -11.50
N PRO D 191 32.10 11.09 -12.32
CA PRO D 191 31.54 12.33 -12.88
C PRO D 191 30.17 12.14 -13.54
N THR D 192 30.00 11.05 -14.30
CA THR D 192 28.71 10.78 -14.96
C THR D 192 27.60 10.54 -13.95
N THR D 193 27.94 9.86 -12.85
CA THR D 193 26.98 9.55 -11.80
C THR D 193 26.46 10.82 -11.13
N ILE D 194 27.36 11.72 -10.77
CA ILE D 194 27.00 12.98 -10.13
C ILE D 194 26.14 13.85 -11.05
N ALA D 195 26.56 13.94 -12.32
CA ALA D 195 25.81 14.70 -13.32
C ALA D 195 24.42 14.10 -13.54
N GLY D 196 24.34 12.77 -13.59
CA GLY D 196 23.07 12.07 -13.70
C GLY D 196 22.15 12.44 -12.56
N ALA D 197 22.70 12.41 -11.35
CA ALA D 197 21.97 12.75 -10.13
C ALA D 197 21.41 14.17 -10.21
N ALA D 198 22.25 15.12 -10.59
CA ALA D 198 21.86 16.52 -10.70
C ALA D 198 20.74 16.75 -11.74
N GLY D 199 20.83 16.07 -12.87
CA GLY D 199 19.78 16.14 -13.90
C GLY D 199 18.43 15.63 -13.43
N VAL D 200 18.43 14.56 -12.62
CA VAL D 200 17.19 13.97 -12.09
C VAL D 200 16.46 14.92 -11.15
N ALA D 201 17.21 15.66 -10.34
CA ALA D 201 16.64 16.64 -9.41
C ALA D 201 15.82 17.69 -10.15
N LEU D 202 16.36 18.19 -11.26
CA LEU D 202 15.68 19.16 -12.10
C LEU D 202 14.37 18.59 -12.65
N CYS D 203 14.44 17.35 -13.13
CA CYS D 203 13.27 16.66 -13.68
C CYS D 203 12.16 16.47 -12.65
N LEU D 204 12.55 16.31 -11.37
CA LEU D 204 11.58 16.20 -10.28
C LEU D 204 11.04 17.57 -9.84
N GLY D 205 11.77 18.63 -10.17
CA GLY D 205 11.31 20.00 -9.93
C GLY D 205 11.98 20.69 -8.76
N ALA D 206 13.06 20.10 -8.26
CA ALA D 206 13.77 20.63 -7.10
C ALA D 206 14.31 22.04 -7.33
N ASP D 207 14.34 22.84 -6.27
CA ASP D 207 14.98 24.14 -6.35
C ASP D 207 16.49 24.01 -6.22
N PHE D 208 16.93 23.10 -5.36
CA PHE D 208 18.35 22.80 -5.18
C PHE D 208 18.58 21.30 -5.10
N VAL D 209 19.77 20.86 -5.48
CA VAL D 209 20.17 19.46 -5.34
C VAL D 209 21.51 19.36 -4.61
N LYS D 210 21.54 18.51 -3.59
CA LYS D 210 22.77 18.21 -2.89
C LYS D 210 23.35 16.89 -3.41
N VAL D 211 24.60 16.94 -3.82
CA VAL D 211 25.29 15.78 -4.34
C VAL D 211 26.68 15.68 -3.70
N ASN D 212 27.29 14.50 -3.81
CA ASN D 212 28.70 14.33 -3.50
C ASN D 212 29.54 15.03 -4.56
N PRO D 213 30.72 15.56 -4.18
CA PRO D 213 31.64 15.96 -5.23
C PRO D 213 32.12 14.73 -6.01
N PRO D 214 32.30 14.86 -7.33
CA PRO D 214 32.85 13.75 -8.11
C PRO D 214 34.35 13.57 -7.89
N VAL D 215 34.85 12.36 -8.11
CA VAL D 215 36.30 12.13 -8.04
C VAL D 215 37.00 12.90 -9.15
N ALA D 216 38.28 13.22 -8.92
CA ALA D 216 39.13 13.73 -9.98
C ALA D 216 39.38 12.59 -10.97
N THR D 217 39.51 12.94 -12.25
CA THR D 217 39.97 11.99 -13.27
C THR D 217 41.30 12.50 -13.84
N GLU D 218 41.85 11.79 -14.81
CA GLU D 218 43.12 12.17 -15.43
C GLU D 218 43.04 13.54 -16.11
N ASP D 219 41.92 13.78 -16.78
CA ASP D 219 41.72 15.00 -17.55
C ASP D 219 41.28 16.17 -16.67
N LYS D 220 40.46 15.89 -15.66
CA LYS D 220 39.78 16.94 -14.89
C LYS D 220 39.86 16.76 -13.38
N THR D 221 39.88 17.89 -12.66
CA THR D 221 39.79 17.89 -11.21
C THR D 221 38.35 17.62 -10.78
N SER D 222 38.16 17.34 -9.49
CA SER D 222 36.82 17.21 -8.93
C SER D 222 35.92 18.38 -9.34
N ALA D 223 36.39 19.60 -9.10
CA ALA D 223 35.63 20.81 -9.39
C ALA D 223 35.31 20.95 -10.88
N GLU D 224 36.30 20.64 -11.73
CA GLU D 224 36.07 20.65 -13.18
C GLU D 224 35.01 19.63 -13.60
N ASN D 225 35.05 18.44 -13.00
CA ASN D 225 34.02 17.44 -13.25
C ASN D 225 32.64 17.89 -12.76
N LEU D 226 32.61 18.69 -11.70
CA LEU D 226 31.35 19.17 -11.14
C LEU D 226 30.61 20.13 -12.07
N ALA D 227 31.35 20.87 -12.90
CA ALA D 227 30.76 21.81 -13.85
C ALA D 227 29.71 21.13 -14.74
N VAL D 228 30.02 19.91 -15.17
CA VAL D 228 29.11 19.10 -15.99
C VAL D 228 27.79 18.86 -15.25
N ALA D 229 27.89 18.52 -13.96
CA ALA D 229 26.72 18.30 -13.10
C ALA D 229 25.89 19.57 -12.91
N SER D 230 26.58 20.67 -12.59
CA SER D 230 25.91 21.96 -12.41
C SER D 230 25.15 22.35 -13.68
N ALA D 231 25.77 22.11 -14.84
CA ALA D 231 25.13 22.35 -16.13
C ALA D 231 23.89 21.44 -16.32
N ALA D 232 24.02 20.16 -16.02
CA ALA D 232 22.92 19.19 -16.14
C ALA D 232 21.71 19.56 -15.29
N ALA D 233 21.99 20.20 -14.15
CA ALA D 233 20.97 20.58 -13.19
C ALA D 233 20.13 21.77 -13.65
N GLY D 234 20.62 22.46 -14.68
CA GLY D 234 19.92 23.59 -15.27
C GLY D 234 19.52 24.64 -14.25
N ARG D 235 18.21 24.92 -14.19
CA ARG D 235 17.66 25.91 -13.26
C ARG D 235 17.47 25.40 -11.83
N THR D 236 17.97 24.20 -11.56
CA THR D 236 18.08 23.70 -10.19
C THR D 236 19.50 24.00 -9.73
N GLY D 237 19.62 24.68 -8.59
CA GLY D 237 20.92 24.99 -8.02
C GLY D 237 21.58 23.76 -7.44
N LEU D 238 22.87 23.58 -7.74
CA LEU D 238 23.61 22.45 -7.20
C LEU D 238 24.42 22.89 -6.00
N VAL D 239 24.27 22.17 -4.88
CA VAL D 239 25.11 22.36 -3.71
C VAL D 239 25.90 21.09 -3.44
N CYS D 240 27.10 21.28 -2.94
CA CYS D 240 28.03 20.19 -2.80
C CYS D 240 28.53 20.10 -1.36
N ALA D 241 29.68 19.48 -1.17
CA ALA D 241 30.32 19.35 0.15
C ALA D 241 31.85 19.30 0.05
N GLY D 242 32.51 20.02 0.95
CA GLY D 242 33.97 19.89 1.13
C GLY D 242 34.28 18.69 2.00
N GLY D 243 35.50 18.17 1.86
CA GLY D 243 35.96 16.96 2.59
C GLY D 243 35.66 16.98 4.08
N SER D 244 35.19 15.85 4.61
CA SER D 244 34.70 15.77 6.00
C SER D 244 35.80 15.91 7.03
N THR D 245 35.52 16.76 8.02
CA THR D 245 36.48 17.20 9.05
C THR D 245 37.96 17.14 8.65
N VAL D 246 38.30 17.89 7.62
CA VAL D 246 39.70 18.11 7.23
C VAL D 246 40.13 19.52 7.62
N GLU D 247 41.29 19.96 7.12
CA GLU D 247 41.83 21.28 7.44
C GLU D 247 40.93 22.41 6.91
N ALA D 248 40.68 23.40 7.78
CA ALA D 248 39.80 24.53 7.45
C ALA D 248 40.16 25.24 6.14
N LYS D 249 41.45 25.46 5.91
CA LYS D 249 41.90 26.11 4.68
C LYS D 249 41.60 25.26 3.44
N VAL D 250 41.94 23.96 3.52
CA VAL D 250 41.68 23.01 2.44
C VAL D 250 40.19 22.94 2.14
N PHE D 251 39.39 22.85 3.22
CA PHE D 251 37.94 22.80 3.14
C PHE D 251 37.33 24.02 2.41
N LEU D 252 37.76 25.22 2.80
CA LEU D 252 37.27 26.46 2.22
C LEU D 252 37.74 26.64 0.77
N GLN D 253 38.96 26.18 0.49
CA GLN D 253 39.48 26.15 -0.87
C GLN D 253 38.66 25.21 -1.76
N GLN D 254 38.26 24.06 -1.20
CA GLN D 254 37.41 23.11 -1.92
C GLN D 254 36.04 23.70 -2.27
N LEU D 255 35.43 24.37 -1.28
N LEU D 255 35.45 24.37 -1.28
CA LEU D 255 34.13 25.01 -1.49
CA LEU D 255 34.15 25.02 -1.48
C LEU D 255 34.21 26.14 -2.52
C LEU D 255 34.22 26.15 -2.51
N HIS D 256 35.31 26.90 -2.48
CA HIS D 256 35.55 28.00 -3.42
C HIS D 256 35.67 27.49 -4.83
N ASP D 257 36.43 26.41 -5.01
CA ASP D 257 36.55 25.76 -6.31
C ASP D 257 35.21 25.20 -6.83
N GLN D 258 34.42 24.62 -5.93
CA GLN D 258 33.12 24.07 -6.30
C GLN D 258 32.18 25.15 -6.88
N ILE D 259 32.24 26.35 -6.31
CA ILE D 259 31.43 27.46 -6.78
C ILE D 259 31.98 28.08 -8.09
N TYR D 260 33.24 28.50 -8.06
CA TYR D 260 33.79 29.29 -9.17
C TYR D 260 34.31 28.48 -10.34
N ILE D 261 34.69 27.22 -10.08
CA ILE D 261 35.07 26.31 -11.16
C ILE D 261 33.97 25.27 -11.44
N GLY D 262 33.39 24.73 -10.37
CA GLY D 262 32.39 23.66 -10.51
C GLY D 262 30.98 24.14 -10.78
N GLY D 263 30.75 25.44 -10.64
CA GLY D 263 29.45 26.04 -10.93
C GLY D 263 28.39 25.80 -9.87
N ALA D 264 28.80 25.39 -8.67
CA ALA D 264 27.87 25.17 -7.56
C ALA D 264 27.16 26.47 -7.14
N SER D 265 25.90 26.33 -6.70
CA SER D 265 25.11 27.46 -6.20
C SER D 265 25.12 27.54 -4.67
N GLY D 266 26.08 26.86 -4.05
CA GLY D 266 26.22 26.88 -2.60
C GLY D 266 26.82 25.62 -2.04
N ASN D 267 26.51 25.33 -0.78
CA ASN D 267 27.12 24.21 -0.07
C ASN D 267 26.17 23.63 0.96
N ALA D 268 26.41 22.38 1.32
CA ALA D 268 25.68 21.75 2.41
C ALA D 268 26.70 21.11 3.35
N THR D 269 26.80 21.65 4.56
CA THR D 269 27.81 21.21 5.50
C THR D 269 27.20 20.72 6.81
N GLY D 270 27.68 19.57 7.27
CA GLY D 270 27.20 18.97 8.53
C GLY D 270 28.27 18.85 9.59
N ARG D 271 28.90 17.69 9.65
CA ARG D 271 29.80 17.36 10.75
C ARG D 271 31.07 18.21 10.83
N ASN D 272 31.50 18.76 9.70
CA ASN D 272 32.64 19.67 9.71
C ASN D 272 32.38 20.88 10.61
N ILE D 273 31.11 21.29 10.67
CA ILE D 273 30.69 22.37 11.56
C ILE D 273 30.41 21.88 12.98
N HIS D 274 29.49 20.93 13.14
CA HIS D 274 29.00 20.61 14.47
C HIS D 274 29.94 19.83 15.36
N GLN D 275 30.89 19.11 14.77
CA GLN D 275 31.88 18.37 15.57
C GLN D 275 32.89 19.31 16.24
N ARG D 276 32.83 20.59 15.91
CA ARG D 276 33.70 21.59 16.54
C ARG D 276 33.04 22.19 17.78
N SER D 277 33.85 22.77 18.66
CA SER D 277 33.33 23.53 19.80
C SER D 277 32.49 24.69 19.27
N LEU D 278 31.49 25.09 20.04
CA LEU D 278 30.52 26.10 19.60
C LEU D 278 31.18 27.31 18.95
N ASP D 279 32.13 27.93 19.63
CA ASP D 279 32.79 29.14 19.13
C ASP D 279 33.39 28.93 17.74
N GLU D 280 34.18 27.88 17.61
CA GLU D 280 34.86 27.54 16.36
C GLU D 280 33.87 27.14 15.26
N ALA D 281 32.80 26.44 15.65
CA ALA D 281 31.74 26.06 14.73
C ALA D 281 31.09 27.30 14.15
N VAL D 282 30.75 28.25 15.02
CA VAL D 282 30.11 29.51 14.62
C VAL D 282 31.00 30.27 13.64
N ARG D 283 32.29 30.32 13.93
CA ARG D 283 33.26 30.99 13.06
C ARG D 283 33.39 30.30 11.71
N LEU D 284 33.32 28.97 11.70
CA LEU D 284 33.31 28.21 10.45
C LEU D 284 32.08 28.51 9.60
N THR D 285 30.90 28.61 10.22
CA THR D 285 29.69 28.96 9.47
C THR D 285 29.82 30.35 8.84
N LYS D 286 30.44 31.27 9.59
CA LYS D 286 30.68 32.63 9.12
C LYS D 286 31.66 32.64 7.92
N ALA D 287 32.70 31.82 8.01
CA ALA D 287 33.68 31.68 6.93
C ALA D 287 33.06 31.05 5.68
N ILE D 288 32.29 29.98 5.88
CA ILE D 288 31.59 29.32 4.77
C ILE D 288 30.61 30.30 4.12
N SER D 289 29.83 30.98 4.95
CA SER D 289 28.88 31.96 4.45
C SER D 289 29.53 33.12 3.72
N ALA D 290 30.72 33.53 4.18
CA ALA D 290 31.47 34.60 3.52
C ALA D 290 31.80 34.27 2.06
N ILE D 291 32.18 33.02 1.81
CA ILE D 291 32.43 32.54 0.45
C ILE D 291 31.12 32.39 -0.33
N THR D 292 30.15 31.69 0.27
CA THR D 292 28.89 31.34 -0.39
C THR D 292 28.00 32.54 -0.65
N LEU D 293 27.84 33.40 0.34
CA LEU D 293 26.91 34.52 0.23
C LEU D 293 27.56 35.82 -0.24
N ALA D 294 28.82 36.02 0.09
CA ALA D 294 29.45 37.33 -0.13
C ALA D 294 30.71 37.31 -1.01
N ASP D 295 31.01 36.17 -1.62
CA ASP D 295 32.08 36.04 -2.63
C ASP D 295 33.50 36.31 -2.11
N TYR D 296 33.73 36.03 -0.83
CA TYR D 296 35.05 36.17 -0.24
C TYR D 296 36.02 35.20 -0.91
N ASP D 297 37.27 35.61 -1.08
CA ASP D 297 38.29 34.65 -1.48
C ASP D 297 38.69 33.82 -0.25
N VAL D 298 39.42 32.73 -0.50
CA VAL D 298 39.83 31.79 0.55
C VAL D 298 40.59 32.47 1.69
N ASP D 299 41.55 33.32 1.36
CA ASP D 299 42.36 34.01 2.38
C ASP D 299 41.52 34.85 3.34
N ARG D 300 40.57 35.61 2.81
CA ARG D 300 39.72 36.44 3.64
C ARG D 300 38.69 35.61 4.43
N ALA D 301 38.25 34.49 3.86
CA ALA D 301 37.35 33.58 4.57
C ALA D 301 38.09 32.87 5.70
N LEU D 302 39.37 32.56 5.49
CA LEU D 302 40.18 31.95 6.53
C LEU D 302 40.38 32.92 7.69
N ALA D 303 40.50 34.22 7.38
CA ALA D 303 40.62 35.24 8.42
C ALA D 303 39.38 35.30 9.28
N VAL D 304 38.22 35.12 8.65
CA VAL D 304 36.93 35.05 9.36
C VAL D 304 36.91 33.82 10.28
N PHE D 305 37.33 32.67 9.76
CA PHE D 305 37.41 31.44 10.57
C PHE D 305 38.31 31.59 11.80
N ASN D 306 39.43 32.30 11.65
CA ASN D 306 40.34 32.54 12.77
C ASN D 306 39.90 33.67 13.69
N GLY D 307 38.84 34.37 13.31
CA GLY D 307 38.27 35.43 14.13
C GLY D 307 39.04 36.73 14.03
N GLU D 308 39.88 36.85 13.00
CA GLU D 308 40.65 38.05 12.73
C GLU D 308 39.76 39.10 12.06
N GLU D 309 38.66 38.62 11.49
CA GLU D 309 37.61 39.47 10.94
C GLU D 309 36.27 38.89 11.34
N ASP D 310 35.27 39.75 11.42
CA ASP D 310 33.91 39.30 11.66
C ASP D 310 33.16 39.21 10.33
N PHE D 311 32.03 38.51 10.32
CA PHE D 311 31.17 38.48 9.15
C PHE D 311 29.70 38.42 9.56
N ALA D 312 28.91 39.33 8.99
CA ALA D 312 27.46 39.39 9.23
C ALA D 312 26.70 39.65 7.94
N LEU D 313 25.38 39.50 7.98
CA LEU D 313 24.51 39.73 6.82
C LEU D 313 24.22 41.21 6.55
N HIS D 314 24.40 42.05 7.57
CA HIS D 314 24.16 43.49 7.45
C HIS D 314 25.45 44.24 7.26
N PRO E 2 11.19 14.67 42.19
CA PRO E 2 11.19 16.12 41.95
C PRO E 2 9.76 16.68 41.93
N LYS E 3 9.66 18.00 41.71
CA LYS E 3 8.36 18.65 41.58
C LYS E 3 8.42 19.73 40.50
N ILE E 4 7.38 19.80 39.66
CA ILE E 4 7.28 20.81 38.61
C ILE E 4 5.90 21.44 38.58
N THR E 5 5.81 22.66 38.06
CA THR E 5 4.54 23.34 37.84
C THR E 5 4.17 23.26 36.36
N ARG E 6 2.92 23.59 36.03
CA ARG E 6 2.46 23.66 34.64
C ARG E 6 3.34 24.54 33.75
N ASP E 7 3.83 25.65 34.30
CA ASP E 7 4.70 26.59 33.59
C ASP E 7 6.07 26.02 33.23
N GLN E 8 6.51 25.01 33.98
CA GLN E 8 7.82 24.39 33.73
C GLN E 8 7.79 23.34 32.63
N VAL E 9 6.59 22.93 32.22
CA VAL E 9 6.43 21.98 31.12
C VAL E 9 6.84 22.67 29.81
N LYS E 10 7.82 22.10 29.12
CA LYS E 10 8.26 22.63 27.83
C LYS E 10 7.38 22.05 26.74
N VAL E 11 6.56 22.89 26.14
CA VAL E 11 5.64 22.44 25.10
C VAL E 11 6.32 22.50 23.74
N PRO E 12 6.49 21.34 23.07
CA PRO E 12 7.15 21.31 21.77
C PRO E 12 6.31 22.01 20.70
N ALA E 13 6.97 22.51 19.66
CA ALA E 13 6.33 23.36 18.66
C ALA E 13 5.28 22.66 17.81
N ASP E 14 5.23 21.32 17.87
CA ASP E 14 4.23 20.56 17.11
C ASP E 14 2.92 20.34 17.86
N VAL E 15 2.90 20.74 19.13
CA VAL E 15 1.66 20.78 19.88
C VAL E 15 0.95 22.07 19.52
N LEU E 16 -0.17 21.95 18.82
CA LEU E 16 -0.89 23.09 18.28
C LEU E 16 -1.55 23.95 19.37
N ALA E 17 -1.82 25.20 19.04
CA ALA E 17 -2.32 26.18 20.02
C ALA E 17 -3.52 25.67 20.84
N ASP E 18 -4.55 25.17 20.18
CA ASP E 18 -5.74 24.70 20.89
C ASP E 18 -5.59 23.32 21.56
N ALA E 19 -4.39 22.74 21.47
CA ALA E 19 -4.08 21.48 22.13
C ALA E 19 -3.09 21.66 23.29
N ARG E 20 -2.55 22.88 23.44
CA ARG E 20 -1.52 23.18 24.42
C ARG E 20 -1.88 22.77 25.85
N GLU E 21 -3.05 23.18 26.33
CA GLU E 21 -3.46 22.89 27.70
C GLU E 21 -3.66 21.39 27.94
N THR E 22 -4.26 20.70 26.97
CA THR E 22 -4.42 19.24 27.04
C THR E 22 -3.06 18.54 27.15
N TYR E 23 -2.09 18.97 26.34
CA TYR E 23 -0.73 18.42 26.44
C TYR E 23 -0.15 18.62 27.83
N ILE E 24 -0.32 19.82 28.39
CA ILE E 24 0.17 20.10 29.73
C ILE E 24 -0.53 19.22 30.77
N ASP E 25 -1.86 19.14 30.71
CA ASP E 25 -2.63 18.22 31.55
C ASP E 25 -2.04 16.81 31.51
N ASN E 26 -1.83 16.30 30.30
CA ASN E 26 -1.36 14.92 30.12
C ASN E 26 0.08 14.71 30.57
N TYR E 27 0.93 15.72 30.38
CA TYR E 27 2.31 15.67 30.85
C TYR E 27 2.36 15.68 32.37
N MSE E 28 1.55 16.55 33.00
CA MSE E 28 1.47 16.60 34.46
C MSE E 28 0.93 15.29 35.06
O MSE E 28 1.46 14.81 36.06
CB MSE E 28 0.62 17.79 34.93
CG MSE E 28 1.24 19.16 34.62
SE MSE E 28 2.90 19.50 35.61
CE MSE E 28 2.10 19.98 37.33
N LYS E 29 -0.09 14.72 34.42
CA LYS E 29 -0.64 13.43 34.86
C LYS E 29 0.39 12.31 34.70
N ALA E 30 0.94 12.18 33.50
CA ALA E 30 1.89 11.10 33.21
C ALA E 30 3.11 11.14 34.13
N THR E 31 3.59 12.34 34.41
CA THR E 31 4.76 12.50 35.28
C THR E 31 4.36 12.72 36.74
N GLN E 32 3.06 12.69 37.01
CA GLN E 32 2.50 12.93 38.35
C GLN E 32 3.03 14.25 38.95
N GLY E 33 3.13 15.27 38.10
CA GLY E 33 3.60 16.59 38.52
C GLY E 33 5.07 16.65 38.92
N THR E 34 5.87 15.68 38.46
CA THR E 34 7.28 15.62 38.84
C THR E 34 8.25 15.81 37.68
N GLY E 35 7.75 15.65 36.45
CA GLY E 35 8.61 15.62 35.27
C GLY E 35 9.26 14.27 35.01
N ARG E 36 9.14 13.36 35.99
CA ARG E 36 9.71 12.02 35.85
C ARG E 36 8.64 11.02 35.46
N LEU E 37 9.00 10.04 34.62
CA LEU E 37 8.04 9.05 34.15
C LEU E 37 8.24 7.66 34.76
N MSE E 38 7.29 7.26 35.59
CA MSE E 38 7.21 5.89 36.07
C MSE E 38 6.19 5.16 35.19
O MSE E 38 4.98 5.38 35.29
CB MSE E 38 6.81 5.84 37.56
CG MSE E 38 6.94 4.45 38.22
SE MSE E 38 5.69 3.09 37.53
CE MSE E 38 5.91 1.70 38.88
N LEU E 39 6.71 4.29 34.32
CA LEU E 39 5.85 3.56 33.40
C LEU E 39 5.69 2.10 33.82
N PHE E 40 4.44 1.68 33.94
CA PHE E 40 4.07 0.30 34.22
C PHE E 40 3.66 -0.38 32.92
N ALA E 41 4.52 -1.27 32.42
CA ALA E 41 4.33 -1.89 31.10
C ALA E 41 3.45 -3.14 31.15
N CYS E 42 2.28 -3.06 30.52
CA CYS E 42 1.31 -4.16 30.52
C CYS E 42 0.99 -4.63 29.11
N ASP E 43 1.96 -4.52 28.22
CA ASP E 43 1.78 -4.83 26.80
C ASP E 43 2.32 -6.21 26.42
N GLN E 44 2.82 -6.96 27.40
CA GLN E 44 3.56 -8.18 27.08
C GLN E 44 2.74 -9.44 26.79
N LYS E 45 1.41 -9.34 26.93
CA LYS E 45 0.53 -10.45 26.56
C LYS E 45 0.59 -10.76 25.06
N VAL E 46 0.92 -9.75 24.25
CA VAL E 46 1.17 -9.99 22.84
C VAL E 46 2.65 -10.30 22.64
N GLU E 47 3.52 -9.43 23.13
CA GLU E 47 4.97 -9.53 22.94
C GLU E 47 5.56 -10.91 23.25
N HIS E 48 5.22 -11.47 24.42
CA HIS E 48 5.75 -12.77 24.82
C HIS E 48 4.66 -13.79 25.01
N LEU E 49 3.49 -13.49 24.45
CA LEU E 49 2.30 -14.35 24.60
C LEU E 49 1.95 -14.56 26.08
N ASN E 50 1.86 -15.81 26.54
CA ASN E 50 1.51 -16.08 27.93
C ASN E 50 2.72 -16.44 28.82
N GLY E 51 3.91 -16.35 28.24
CA GLY E 51 5.16 -16.69 28.91
C GLY E 51 5.49 -15.85 30.14
N ASP E 52 5.07 -14.59 30.14
CA ASP E 52 5.33 -13.68 31.27
C ASP E 52 4.22 -13.70 32.31
N PHE E 53 3.16 -14.47 32.07
CA PHE E 53 1.94 -14.40 32.88
C PHE E 53 1.53 -15.71 33.57
N TYR E 54 2.17 -16.82 33.17
CA TYR E 54 1.89 -18.13 33.74
C TYR E 54 3.11 -19.02 33.65
N GLY E 55 3.39 -19.74 34.74
CA GLY E 55 4.54 -20.64 34.79
C GLY E 55 5.31 -20.54 36.10
N GLU E 56 6.46 -21.21 36.15
CA GLU E 56 7.26 -21.27 37.37
C GLU E 56 7.83 -19.90 37.73
N GLY E 57 7.78 -19.58 39.02
CA GLY E 57 8.29 -18.30 39.52
C GLY E 57 7.34 -17.15 39.30
N ILE E 58 6.18 -17.44 38.72
CA ILE E 58 5.16 -16.43 38.45
C ILE E 58 3.93 -16.72 39.31
N ASP E 59 3.51 -15.72 40.09
CA ASP E 59 2.36 -15.85 40.97
C ASP E 59 1.08 -16.16 40.19
N ILE E 60 0.25 -17.05 40.74
CA ILE E 60 -0.97 -17.54 40.09
C ILE E 60 -1.97 -16.44 39.72
N SER E 61 -1.94 -15.32 40.43
CA SER E 61 -2.85 -14.21 40.17
C SER E 61 -2.53 -13.52 38.83
N ASP E 62 -1.29 -13.64 38.38
CA ASP E 62 -0.84 -13.01 37.12
C ASP E 62 -1.49 -13.65 35.88
N SER E 63 -2.04 -14.85 36.03
CA SER E 63 -2.71 -15.52 34.91
C SER E 63 -4.05 -14.87 34.55
N ASP E 64 -4.56 -14.03 35.44
CA ASP E 64 -5.76 -13.23 35.17
C ASP E 64 -5.32 -11.82 34.84
N PRO E 65 -5.71 -11.32 33.64
CA PRO E 65 -5.33 -9.98 33.18
C PRO E 65 -5.80 -8.83 34.07
N GLU E 66 -6.88 -9.03 34.82
CA GLU E 66 -7.39 -7.97 35.71
C GLU E 66 -6.37 -7.59 36.78
N HIS E 67 -5.52 -8.56 37.12
CA HIS E 67 -4.38 -8.36 38.02
C HIS E 67 -3.63 -7.10 37.69
N LEU E 68 -3.39 -6.87 36.40
CA LEU E 68 -2.62 -5.70 35.94
C LEU E 68 -3.30 -4.38 36.31
N PHE E 69 -4.62 -4.34 36.15
CA PHE E 69 -5.40 -3.14 36.43
C PHE E 69 -5.51 -2.90 37.93
N LYS E 70 -5.57 -3.97 38.71
CA LYS E 70 -5.59 -3.88 40.16
C LYS E 70 -4.29 -3.26 40.65
N ILE E 71 -3.16 -3.71 40.08
CA ILE E 71 -1.86 -3.18 40.44
C ILE E 71 -1.77 -1.70 40.10
N ALA E 72 -2.24 -1.34 38.91
CA ALA E 72 -2.23 0.04 38.45
C ALA E 72 -3.13 0.94 39.29
N ASP E 73 -4.25 0.39 39.74
CA ASP E 73 -5.22 1.15 40.53
C ASP E 73 -4.78 1.29 41.99
N GLN E 74 -4.33 0.18 42.59
CA GLN E 74 -3.98 0.14 44.01
C GLN E 74 -2.54 0.52 44.29
N GLY E 75 -1.68 0.43 43.28
CA GLY E 75 -0.28 0.79 43.43
C GLY E 75 -0.08 2.25 43.11
N VAL E 76 1.18 2.64 42.94
CA VAL E 76 1.49 3.99 42.48
C VAL E 76 2.30 3.90 41.17
N CYS E 77 1.70 4.41 40.10
N CYS E 77 1.71 4.40 40.09
CA CYS E 77 2.31 4.44 38.78
CA CYS E 77 2.37 4.43 38.79
C CYS E 77 2.13 5.81 38.15
C CYS E 77 2.05 5.73 38.06
N GLY E 78 2.94 6.11 37.15
CA GLY E 78 2.75 7.33 36.34
C GLY E 78 1.73 7.02 35.27
N VAL E 79 2.04 6.03 34.43
CA VAL E 79 1.10 5.55 33.43
C VAL E 79 1.05 4.03 33.36
N MSE E 80 -0.09 3.51 32.94
N MSE E 80 -0.09 3.51 32.92
CA MSE E 80 -0.22 2.10 32.59
CA MSE E 80 -0.25 2.11 32.60
C MSE E 80 -0.24 1.98 31.08
C MSE E 80 -0.25 1.98 31.07
O MSE E 80 -1.11 2.54 30.41
O MSE E 80 -1.10 2.55 30.40
CB MSE E 80 -1.49 1.50 33.18
CB MSE E 80 -1.55 1.57 33.18
CG MSE E 80 -1.66 0.02 32.84
CG MSE E 80 -1.76 0.07 33.02
SE MSE E 80 -3.40 -0.67 33.40
SE MSE E 80 -2.59 -0.44 31.33
CE MSE E 80 -3.27 -2.49 32.73
CE MSE E 80 -3.29 -2.17 31.85
N ALA E 81 0.75 1.27 30.54
CA ALA E 81 0.88 1.09 29.09
C ALA E 81 0.33 -0.27 28.65
N GLY E 82 -0.68 -0.23 27.80
CA GLY E 82 -1.30 -1.45 27.28
C GLY E 82 -1.97 -1.25 25.93
N GLN E 83 -2.31 -2.37 25.27
CA GLN E 83 -3.01 -2.31 24.00
C GLN E 83 -4.39 -1.68 24.14
N ARG E 84 -4.86 -1.06 23.06
CA ARG E 84 -6.17 -0.42 23.01
C ARG E 84 -7.28 -1.37 23.49
N GLY E 85 -7.25 -2.60 22.98
CA GLY E 85 -8.28 -3.59 23.28
C GLY E 85 -8.28 -4.05 24.72
N LEU E 86 -7.08 -4.24 25.29
CA LEU E 86 -6.93 -4.61 26.69
C LEU E 86 -7.53 -3.53 27.61
N ILE E 87 -7.14 -2.28 27.33
CA ILE E 87 -7.64 -1.14 28.07
C ILE E 87 -9.16 -1.03 27.93
N ALA E 88 -9.66 -1.20 26.71
CA ALA E 88 -11.09 -1.11 26.42
C ALA E 88 -11.95 -2.05 27.28
N ARG E 89 -11.41 -3.23 27.58
CA ARG E 89 -12.19 -4.24 28.30
C ARG E 89 -12.27 -4.03 29.83
N TYR E 90 -11.39 -3.21 30.39
CA TYR E 90 -11.34 -3.04 31.85
C TYR E 90 -11.46 -1.59 32.35
N ALA E 91 -11.20 -0.63 31.47
CA ALA E 91 -11.05 0.78 31.88
C ALA E 91 -12.28 1.41 32.53
N ALA E 92 -13.48 0.97 32.14
CA ALA E 92 -14.71 1.44 32.79
C ALA E 92 -14.71 1.12 34.29
N ASP E 93 -14.12 -0.02 34.66
CA ASP E 93 -14.02 -0.43 36.06
C ASP E 93 -12.74 0.08 36.73
N TYR E 94 -11.87 0.73 35.95
CA TYR E 94 -10.64 1.27 36.50
C TYR E 94 -10.35 2.67 35.93
N PRO E 95 -11.25 3.63 36.18
CA PRO E 95 -11.15 4.94 35.51
C PRO E 95 -9.99 5.81 35.99
N ASN E 96 -9.55 5.63 37.24
CA ASN E 96 -8.56 6.55 37.82
C ASN E 96 -7.11 6.11 37.58
N VAL E 97 -6.82 5.79 36.32
CA VAL E 97 -5.48 5.39 35.90
C VAL E 97 -5.12 6.25 34.70
N ASN E 98 -3.85 6.63 34.60
CA ASN E 98 -3.36 7.28 33.40
C ASN E 98 -2.97 6.22 32.36
N TYR E 99 -3.74 6.15 31.29
CA TYR E 99 -3.52 5.12 30.27
C TYR E 99 -2.64 5.62 29.14
N LEU E 100 -1.65 4.79 28.80
CA LEU E 100 -0.83 4.98 27.60
C LEU E 100 -1.15 3.85 26.62
N VAL E 101 -1.74 4.21 25.47
CA VAL E 101 -2.14 3.19 24.50
C VAL E 101 -0.96 2.78 23.63
N LYS E 102 -0.54 1.53 23.77
CA LYS E 102 0.51 0.96 22.96
C LYS E 102 -0.04 0.66 21.56
N MSE E 103 0.47 1.40 20.58
CA MSE E 103 -0.11 1.44 19.24
C MSE E 103 0.25 0.23 18.37
O MSE E 103 -0.56 -0.20 17.54
CB MSE E 103 0.29 2.73 18.53
CG MSE E 103 -0.23 4.00 19.21
SE MSE E 103 -2.18 4.09 19.24
CE MSE E 103 -2.52 4.26 17.32
N ASN E 104 1.45 -0.30 18.56
CA ASN E 104 1.87 -1.49 17.84
C ASN E 104 2.24 -2.64 18.75
N SER E 105 2.16 -3.87 18.23
CA SER E 105 2.58 -5.06 18.95
C SER E 105 2.89 -6.18 17.97
N LYS E 106 3.74 -7.12 18.41
CA LYS E 106 4.03 -8.34 17.66
C LYS E 106 4.21 -9.47 18.67
N THR E 107 4.11 -10.72 18.21
CA THR E 107 4.46 -11.86 19.05
C THR E 107 5.94 -12.20 18.87
N ASN E 108 6.45 -13.07 19.73
CA ASN E 108 7.86 -13.49 19.69
C ASN E 108 8.04 -14.87 19.07
N LEU E 109 7.07 -15.29 18.27
CA LEU E 109 7.15 -16.60 17.62
C LEU E 109 8.19 -16.65 16.50
N VAL E 110 8.24 -15.58 15.69
CA VAL E 110 9.25 -15.49 14.64
C VAL E 110 10.50 -14.86 15.23
N LYS E 111 11.57 -15.65 15.30
CA LYS E 111 12.84 -15.19 15.85
C LYS E 111 13.60 -14.39 14.80
N THR E 112 14.51 -13.53 15.26
CA THR E 112 15.32 -12.70 14.36
C THR E 112 16.03 -13.53 13.29
N ALA E 113 16.62 -14.66 13.69
CA ALA E 113 17.31 -15.56 12.77
C ALA E 113 16.43 -16.07 11.61
N GLN E 114 15.12 -16.18 11.85
CA GLN E 114 14.19 -16.51 10.78
C GLN E 114 13.89 -15.29 9.89
N ASP E 115 13.51 -14.18 10.52
CA ASP E 115 13.20 -12.95 9.81
C ASP E 115 13.33 -11.77 10.79
N ASP E 116 13.82 -10.64 10.28
CA ASP E 116 13.92 -9.42 11.07
C ASP E 116 12.57 -8.99 11.64
N PRO E 117 12.57 -8.31 12.81
CA PRO E 117 11.30 -7.99 13.47
C PRO E 117 10.53 -6.83 12.84
N TYR E 118 9.22 -6.90 12.92
CA TYR E 118 8.33 -5.81 12.55
C TYR E 118 7.10 -5.86 13.45
N SER E 119 6.81 -4.72 14.07
CA SER E 119 5.63 -4.56 14.93
C SER E 119 4.72 -3.49 14.32
N PRO E 120 3.54 -3.90 13.81
CA PRO E 120 2.65 -3.03 13.06
C PRO E 120 1.70 -2.22 13.93
N GLN E 121 1.47 -0.96 13.57
CA GLN E 121 0.39 -0.20 14.16
C GLN E 121 -0.92 -0.98 14.00
N LEU E 122 -1.62 -1.18 15.11
CA LEU E 122 -2.78 -2.08 15.14
C LEU E 122 -4.09 -1.42 14.69
N HIS E 123 -4.13 -0.09 14.72
CA HIS E 123 -5.32 0.68 14.35
C HIS E 123 -4.93 2.12 14.16
N ASP E 124 -5.82 2.93 13.62
CA ASP E 124 -5.55 4.36 13.49
C ASP E 124 -5.64 5.08 14.84
N ILE E 125 -5.14 6.31 14.90
CA ILE E 125 -5.22 7.10 16.12
C ILE E 125 -6.66 7.47 16.46
N GLU E 126 -7.51 7.57 15.44
CA GLU E 126 -8.92 7.97 15.63
C GLU E 126 -9.66 7.02 16.58
N ALA E 127 -9.29 5.75 16.57
CA ALA E 127 -9.88 4.75 17.48
C ALA E 127 -9.57 5.07 18.94
N VAL E 128 -8.32 5.47 19.20
CA VAL E 128 -7.89 5.89 20.53
C VAL E 128 -8.63 7.15 20.95
N LEU E 129 -8.71 8.11 20.03
CA LEU E 129 -9.42 9.37 20.24
C LEU E 129 -10.89 9.17 20.62
N ALA E 130 -11.55 8.19 19.98
CA ALA E 130 -12.96 7.88 20.24
C ALA E 130 -13.14 7.29 21.63
N MSE E 131 -12.16 6.50 22.06
CA MSE E 131 -12.17 5.91 23.39
C MSE E 131 -11.94 6.99 24.44
O MSE E 131 -12.60 7.01 25.48
CB MSE E 131 -11.12 4.82 23.48
CG MSE E 131 -11.49 3.68 24.42
SE MSE E 131 -10.21 2.21 24.31
CE MSE E 131 -8.61 3.11 25.00
N ARG E 132 -11.00 7.90 24.16
CA ARG E 132 -10.78 9.09 25.00
C ARG E 132 -12.08 9.88 25.17
N ASP E 133 -12.76 10.16 24.06
CA ASP E 133 -14.02 10.92 24.06
C ASP E 133 -15.18 10.14 24.68
N ASN E 134 -14.96 8.85 24.95
CA ASN E 134 -15.92 8.01 25.66
C ASN E 134 -15.60 7.93 27.15
N GLY E 135 -14.63 8.73 27.59
CA GLY E 135 -14.34 8.85 29.02
C GLY E 135 -13.11 8.09 29.54
N VAL E 136 -12.34 7.49 28.64
CA VAL E 136 -11.11 6.82 29.08
C VAL E 136 -9.98 7.82 29.20
N ASN E 137 -9.33 7.83 30.36
CA ASN E 137 -8.23 8.74 30.64
C ASN E 137 -6.95 8.34 29.89
N VAL E 138 -6.95 8.56 28.58
CA VAL E 138 -5.78 8.31 27.75
C VAL E 138 -4.90 9.56 27.75
N VAL E 139 -3.70 9.44 28.30
CA VAL E 139 -2.79 10.59 28.38
C VAL E 139 -1.74 10.56 27.28
N GLY E 140 -1.55 9.42 26.63
CA GLY E 140 -0.55 9.29 25.59
C GLY E 140 -0.52 7.99 24.83
N LEU E 141 0.43 7.90 23.91
CA LEU E 141 0.59 6.75 23.05
C LEU E 141 1.99 6.19 23.16
N GLY E 142 2.09 4.89 22.89
CA GLY E 142 3.38 4.19 22.82
C GLY E 142 3.57 3.52 21.47
N TYR E 143 4.84 3.40 21.05
CA TYR E 143 5.19 2.75 19.79
C TYR E 143 6.63 2.23 19.83
N THR E 144 6.82 1.00 19.34
CA THR E 144 8.13 0.34 19.30
C THR E 144 8.75 0.41 17.90
N LEU E 145 10.03 0.78 17.84
CA LEU E 145 10.80 0.71 16.60
C LEU E 145 12.00 -0.21 16.75
N TYR E 146 12.13 -1.15 15.82
CA TYR E 146 13.35 -1.96 15.72
C TYR E 146 14.27 -1.34 14.66
N LEU E 147 15.12 -0.41 15.08
CA LEU E 147 16.14 0.13 14.20
C LEU E 147 17.09 -0.97 13.77
N GLY E 148 17.56 -0.91 12.53
CA GLY E 148 18.47 -1.95 12.02
C GLY E 148 17.77 -3.18 11.48
N SER E 149 16.47 -3.27 11.70
CA SER E 149 15.66 -4.32 11.09
C SER E 149 15.48 -4.00 9.61
N GLU E 150 15.33 -5.04 8.79
CA GLU E 150 15.04 -4.83 7.37
C GLU E 150 13.66 -4.20 7.17
N TYR E 151 12.83 -4.23 8.22
CA TYR E 151 11.53 -3.57 8.22
C TYR E 151 11.58 -2.20 8.91
N GLU E 152 12.78 -1.71 9.19
CA GLU E 152 12.97 -0.41 9.84
C GLU E 152 12.15 0.71 9.22
N ALA E 153 12.19 0.81 7.89
CA ALA E 153 11.52 1.88 7.17
C ALA E 153 10.02 1.97 7.43
N THR E 154 9.36 0.82 7.53
CA THR E 154 7.93 0.79 7.78
C THR E 154 7.61 1.39 9.15
N MSE E 155 8.44 1.05 10.14
CA MSE E 155 8.23 1.54 11.49
C MSE E 155 8.61 3.00 11.66
O MSE E 155 7.91 3.74 12.38
CB MSE E 155 8.95 0.64 12.50
CG MSE E 155 8.24 -0.70 12.72
SE MSE E 155 9.26 -1.94 13.80
CE MSE E 155 10.71 -2.34 12.53
N LEU E 156 9.67 3.44 10.98
CA LEU E 156 10.03 4.86 10.98
C LEU E 156 8.90 5.73 10.43
N ALA E 157 8.29 5.27 9.34
CA ALA E 157 7.19 6.00 8.69
C ALA E 157 5.94 6.03 9.56
N GLU E 158 5.65 4.91 10.21
CA GLU E 158 4.51 4.84 11.14
C GLU E 158 4.73 5.73 12.36
N ALA E 159 5.92 5.63 12.95
CA ALA E 159 6.25 6.37 14.16
C ALA E 159 6.24 7.89 13.94
N GLY E 160 6.88 8.33 12.86
CA GLY E 160 6.97 9.75 12.55
C GLY E 160 5.61 10.41 12.39
N GLN E 161 4.71 9.72 11.70
CA GLN E 161 3.35 10.22 11.49
C GLN E 161 2.57 10.20 12.80
N LEU E 162 2.78 9.14 13.58
CA LEU E 162 2.11 8.99 14.86
C LEU E 162 2.43 10.10 15.86
N VAL E 163 3.72 10.44 15.99
CA VAL E 163 4.14 11.53 16.88
C VAL E 163 3.42 12.84 16.52
N ALA E 164 3.46 13.19 15.24
CA ALA E 164 2.81 14.39 14.71
C ALA E 164 1.32 14.46 15.06
N GLN E 165 0.61 13.36 14.83
CA GLN E 165 -0.82 13.29 15.11
C GLN E 165 -1.13 13.29 16.61
N ALA E 166 -0.27 12.64 17.39
CA ALA E 166 -0.42 12.63 18.84
C ALA E 166 -0.33 14.05 19.41
N HIS E 167 0.70 14.79 19.03
CA HIS E 167 0.91 16.14 19.53
C HIS E 167 -0.11 17.13 19.05
N GLU E 168 -0.66 16.86 17.87
CA GLU E 168 -1.79 17.61 17.31
C GLU E 168 -3.00 17.51 18.26
N GLU E 169 -3.09 16.40 18.99
CA GLU E 169 -4.20 16.14 19.91
C GLU E 169 -3.82 16.41 21.37
N GLY E 170 -2.57 16.79 21.60
CA GLY E 170 -2.08 17.06 22.94
C GLY E 170 -1.83 15.81 23.77
N LEU E 171 -1.53 14.70 23.11
CA LEU E 171 -1.14 13.47 23.80
C LEU E 171 0.36 13.42 23.89
N ILE E 172 0.89 12.78 24.94
CA ILE E 172 2.32 12.53 25.02
C ILE E 172 2.68 11.24 24.27
N VAL E 173 3.95 11.12 23.87
CA VAL E 173 4.39 9.97 23.09
C VAL E 173 5.62 9.36 23.73
N VAL E 174 5.56 8.05 23.95
CA VAL E 174 6.71 7.29 24.41
C VAL E 174 7.07 6.30 23.31
N LEU E 175 8.34 6.34 22.89
CA LEU E 175 8.83 5.41 21.89
C LEU E 175 9.75 4.37 22.53
N TRP E 176 9.40 3.10 22.33
CA TRP E 176 10.31 2.00 22.65
C TRP E 176 11.23 1.86 21.48
N ILE E 177 12.52 2.03 21.69
CA ILE E 177 13.46 1.89 20.58
C ILE E 177 14.50 0.82 20.87
N TYR E 178 14.28 -0.34 20.26
CA TYR E 178 15.10 -1.52 20.45
C TYR E 178 15.75 -1.92 19.13
N PRO E 179 16.95 -1.41 18.85
CA PRO E 179 17.65 -1.87 17.65
C PRO E 179 17.76 -3.39 17.62
N ARG E 180 17.22 -4.02 16.59
CA ARG E 180 17.15 -5.48 16.52
C ARG E 180 17.11 -5.97 15.08
N GLY E 181 17.94 -6.97 14.79
CA GLY E 181 17.95 -7.58 13.48
C GLY E 181 19.29 -8.15 13.12
N LYS E 182 19.31 -8.92 12.05
CA LYS E 182 20.51 -9.39 11.35
C LYS E 182 21.67 -8.38 11.48
N ALA E 183 21.38 -7.12 11.14
CA ALA E 183 22.36 -6.04 11.09
C ALA E 183 22.91 -5.64 12.45
N VAL E 184 22.17 -5.94 13.50
CA VAL E 184 22.50 -5.50 14.86
C VAL E 184 23.17 -6.63 15.64
N GLY E 185 22.41 -7.71 15.88
CA GLY E 185 22.88 -8.88 16.61
C GLY E 185 23.74 -8.61 17.83
N LYS E 186 25.01 -8.97 17.70
CA LYS E 186 26.05 -8.75 18.70
C LYS E 186 25.98 -7.39 19.42
N ASP E 187 25.58 -6.35 18.70
CA ASP E 187 25.66 -4.98 19.21
C ASP E 187 24.37 -4.45 19.83
N GLU E 188 23.39 -5.32 20.08
CA GLU E 188 22.10 -4.91 20.64
C GLU E 188 22.17 -3.93 21.81
N LYS E 189 23.14 -4.14 22.70
CA LYS E 189 23.23 -3.35 23.92
C LYS E 189 24.58 -2.66 24.12
N ALA E 190 25.32 -2.48 23.03
CA ALA E 190 26.51 -1.63 23.03
C ALA E 190 26.09 -0.19 23.36
N PRO E 191 26.91 0.53 24.14
CA PRO E 191 26.67 1.94 24.48
C PRO E 191 26.28 2.81 23.28
N THR E 192 27.02 2.66 22.18
CA THR E 192 26.73 3.41 20.95
C THR E 192 25.36 3.09 20.35
N THR E 193 24.96 1.83 20.42
CA THR E 193 23.63 1.41 19.95
C THR E 193 22.51 2.09 20.74
N ILE E 194 22.64 2.08 22.07
CA ILE E 194 21.65 2.69 22.95
C ILE E 194 21.60 4.20 22.73
N ALA E 195 22.77 4.83 22.64
CA ALA E 195 22.83 6.27 22.39
C ALA E 195 22.20 6.64 21.03
N GLY E 196 22.51 5.85 20.00
CA GLY E 196 21.88 6.01 18.69
C GLY E 196 20.36 5.94 18.76
N ALA E 197 19.86 4.94 19.47
CA ALA E 197 18.42 4.75 19.66
C ALA E 197 17.78 5.98 20.32
N ALA E 198 18.41 6.49 21.37
CA ALA E 198 17.91 7.64 22.10
C ALA E 198 17.81 8.88 21.20
N GLY E 199 18.87 9.11 20.42
CA GLY E 199 18.94 10.26 19.51
C GLY E 199 17.87 10.25 18.43
N VAL E 200 17.56 9.05 17.92
CA VAL E 200 16.54 8.88 16.90
C VAL E 200 15.15 9.29 17.41
N ALA E 201 14.83 8.92 18.64
CA ALA E 201 13.55 9.25 19.26
C ALA E 201 13.31 10.76 19.34
N LEU E 202 14.38 11.52 19.61
CA LEU E 202 14.33 12.98 19.59
C LEU E 202 14.01 13.49 18.20
N CYS E 203 14.75 12.99 17.20
CA CYS E 203 14.50 13.39 15.82
C CYS E 203 13.08 13.08 15.36
N LEU E 204 12.49 11.99 15.87
CA LEU E 204 11.09 11.68 15.57
C LEU E 204 10.13 12.58 16.34
N GLY E 205 10.62 13.17 17.43
CA GLY E 205 9.84 14.14 18.21
C GLY E 205 9.15 13.60 19.44
N ALA E 206 9.62 12.47 19.95
CA ALA E 206 9.04 11.83 21.14
C ALA E 206 9.28 12.64 22.41
N ASP E 207 8.35 12.51 23.36
CA ASP E 207 8.50 13.10 24.68
C ASP E 207 9.40 12.23 25.55
N PHE E 208 9.28 10.91 25.39
CA PHE E 208 10.10 9.97 26.12
C PHE E 208 10.55 8.83 25.23
N VAL E 209 11.73 8.30 25.52
CA VAL E 209 12.23 7.12 24.84
C VAL E 209 12.61 6.03 25.84
N LYS E 210 12.05 4.85 25.63
CA LYS E 210 12.40 3.67 26.39
C LYS E 210 13.48 2.88 25.63
N VAL E 211 14.61 2.65 26.29
CA VAL E 211 15.72 1.88 25.76
C VAL E 211 16.13 0.78 26.74
N ASN E 212 16.88 -0.21 26.27
CA ASN E 212 17.57 -1.16 27.14
C ASN E 212 18.75 -0.47 27.82
N PRO E 213 19.16 -0.95 29.02
CA PRO E 213 20.39 -0.43 29.59
C PRO E 213 21.60 -0.95 28.80
N PRO E 214 22.58 -0.08 28.53
CA PRO E 214 23.79 -0.53 27.82
C PRO E 214 24.64 -1.43 28.71
N VAL E 215 25.43 -2.33 28.10
CA VAL E 215 26.36 -3.14 28.88
C VAL E 215 27.43 -2.25 29.50
N ALA E 216 28.06 -2.76 30.56
CA ALA E 216 29.26 -2.14 31.09
C ALA E 216 30.40 -2.39 30.11
N THR E 217 31.37 -1.49 30.12
CA THR E 217 32.58 -1.66 29.35
C THR E 217 33.75 -1.61 30.32
N GLU E 218 34.95 -1.92 29.84
CA GLU E 218 36.16 -1.80 30.63
C GLU E 218 36.27 -0.42 31.26
N ASP E 219 35.79 0.58 30.53
CA ASP E 219 35.92 1.98 30.89
C ASP E 219 34.81 2.48 31.81
N LYS E 220 33.58 2.03 31.56
CA LYS E 220 32.41 2.63 32.20
C LYS E 220 31.36 1.60 32.64
N THR E 221 30.66 1.93 33.71
CA THR E 221 29.54 1.11 34.19
C THR E 221 28.35 1.27 33.24
N SER E 222 27.38 0.38 33.36
CA SER E 222 26.14 0.48 32.59
C SER E 222 25.52 1.87 32.71
N ALA E 223 25.38 2.36 33.95
CA ALA E 223 24.78 3.67 34.20
C ALA E 223 25.59 4.81 33.59
N GLU E 224 26.92 4.69 33.65
CA GLU E 224 27.80 5.70 33.05
C GLU E 224 27.66 5.74 31.53
N ASN E 225 27.58 4.57 30.90
CA ASN E 225 27.32 4.48 29.47
C ASN E 225 25.96 5.04 29.08
N LEU E 226 24.97 4.87 29.95
CA LEU E 226 23.63 5.41 29.73
C LEU E 226 23.61 6.93 29.71
N ALA E 227 24.51 7.57 30.46
CA ALA E 227 24.61 9.05 30.46
C ALA E 227 24.79 9.63 29.06
N VAL E 228 25.52 8.90 28.21
CA VAL E 228 25.75 9.31 26.83
C VAL E 228 24.45 9.27 26.01
N ALA E 229 23.64 8.24 26.24
CA ALA E 229 22.34 8.11 25.59
C ALA E 229 21.36 9.17 26.05
N SER E 230 21.33 9.44 27.35
CA SER E 230 20.47 10.49 27.91
C SER E 230 20.83 11.86 27.33
N ALA E 231 22.12 12.09 27.14
CA ALA E 231 22.59 13.34 26.51
C ALA E 231 22.13 13.42 25.06
N ALA E 232 22.30 12.32 24.31
CA ALA E 232 21.93 12.25 22.90
C ALA E 232 20.44 12.49 22.66
N ALA E 233 19.61 12.08 23.63
CA ALA E 233 18.15 12.26 23.55
C ALA E 233 17.72 13.71 23.79
N GLY E 234 18.64 14.55 24.25
CA GLY E 234 18.36 15.97 24.48
C GLY E 234 17.09 16.23 25.28
N ARG E 235 16.16 16.97 24.68
CA ARG E 235 14.92 17.34 25.35
C ARG E 235 13.84 16.25 25.31
N THR E 236 14.22 15.06 24.85
CA THR E 236 13.40 13.86 24.99
C THR E 236 13.89 13.12 26.22
N GLY E 237 12.96 12.80 27.14
CA GLY E 237 13.32 12.11 28.36
C GLY E 237 13.60 10.64 28.10
N LEU E 238 14.73 10.14 28.62
CA LEU E 238 15.07 8.73 28.48
C LEU E 238 14.57 7.95 29.69
N VAL E 239 13.91 6.82 29.42
CA VAL E 239 13.56 5.89 30.46
C VAL E 239 14.18 4.53 30.17
N CYS E 240 14.46 3.78 31.22
CA CYS E 240 15.18 2.53 31.12
C CYS E 240 14.49 1.44 31.94
N ALA E 241 15.15 0.30 32.10
CA ALA E 241 14.61 -0.79 32.93
C ALA E 241 15.69 -1.40 33.84
N GLY E 242 15.26 -1.91 34.99
CA GLY E 242 16.13 -2.69 35.86
C GLY E 242 16.06 -4.16 35.49
N GLY E 243 17.06 -4.93 35.93
CA GLY E 243 17.14 -6.36 35.65
C GLY E 243 15.93 -7.14 36.10
N SER E 244 15.46 -8.06 35.24
CA SER E 244 14.23 -8.79 35.46
C SER E 244 14.35 -9.90 36.52
N THR E 245 15.55 -10.45 36.64
CA THR E 245 15.78 -11.66 37.45
C THR E 245 16.56 -11.43 38.76
N VAL E 246 16.83 -10.17 39.10
CA VAL E 246 17.62 -9.85 40.30
C VAL E 246 16.78 -9.52 41.53
N GLU E 247 17.45 -9.50 42.69
CA GLU E 247 16.82 -9.15 43.97
C GLU E 247 16.28 -7.73 43.97
N ALA E 248 15.22 -7.51 44.75
CA ALA E 248 14.53 -6.22 44.78
C ALA E 248 15.42 -5.04 45.17
N LYS E 249 16.44 -5.29 45.99
CA LYS E 249 17.38 -4.24 46.38
C LYS E 249 18.33 -3.89 45.24
N VAL E 250 18.81 -4.91 44.55
CA VAL E 250 19.66 -4.74 43.36
C VAL E 250 18.90 -3.94 42.30
N PHE E 251 17.66 -4.35 42.06
CA PHE E 251 16.78 -3.71 41.11
C PHE E 251 16.57 -2.22 41.40
N LEU E 252 16.28 -1.89 42.65
CA LEU E 252 16.07 -0.49 43.04
C LEU E 252 17.36 0.32 42.98
N GLN E 253 18.50 -0.33 43.21
CA GLN E 253 19.80 0.32 43.09
C GLN E 253 20.08 0.63 41.62
N GLN E 254 19.69 -0.29 40.73
CA GLN E 254 19.86 -0.11 39.28
C GLN E 254 19.08 1.10 38.79
N LEU E 255 17.82 1.22 39.22
CA LEU E 255 16.98 2.36 38.85
C LEU E 255 17.54 3.67 39.36
N HIS E 256 18.04 3.66 40.59
CA HIS E 256 18.64 4.83 41.21
C HIS E 256 19.85 5.27 40.44
N ASP E 257 20.72 4.30 40.10
CA ASP E 257 21.91 4.58 39.30
C ASP E 257 21.53 5.17 37.93
N GLN E 258 20.55 4.56 37.27
CA GLN E 258 20.09 5.02 35.95
C GLN E 258 19.64 6.48 35.98
N ILE E 259 18.98 6.86 37.08
CA ILE E 259 18.50 8.24 37.22
C ILE E 259 19.65 9.20 37.52
N TYR E 260 20.40 8.93 38.58
CA TYR E 260 21.36 9.91 39.11
C TYR E 260 22.73 9.88 38.46
N ILE E 261 23.13 8.72 37.95
CA ILE E 261 24.38 8.59 37.21
C ILE E 261 24.12 8.60 35.70
N GLY E 262 23.09 7.87 35.28
CA GLY E 262 22.78 7.70 33.86
C GLY E 262 21.94 8.79 33.21
N GLY E 263 21.37 9.67 34.04
CA GLY E 263 20.60 10.81 33.53
C GLY E 263 19.22 10.47 33.02
N ALA E 264 18.69 9.30 33.39
CA ALA E 264 17.35 8.89 33.01
C ALA E 264 16.27 9.78 33.63
N SER E 265 15.15 9.94 32.92
CA SER E 265 14.00 10.72 33.40
C SER E 265 12.88 9.83 33.93
N GLY E 266 13.23 8.58 34.26
CA GLY E 266 12.25 7.63 34.77
C GLY E 266 12.56 6.21 34.37
N ASN E 267 11.54 5.35 34.42
CA ASN E 267 11.71 3.93 34.14
C ASN E 267 10.45 3.25 33.64
N ALA E 268 10.64 2.09 33.04
CA ALA E 268 9.55 1.27 32.56
C ALA E 268 9.74 -0.12 33.15
N THR E 269 8.74 -0.58 33.87
CA THR E 269 8.82 -1.89 34.51
C THR E 269 7.57 -2.70 34.16
N GLY E 270 7.78 -3.97 33.82
CA GLY E 270 6.68 -4.86 33.44
C GLY E 270 6.57 -6.08 34.33
N ARG E 271 7.14 -7.18 33.87
CA ARG E 271 7.00 -8.47 34.54
C ARG E 271 7.57 -8.54 35.96
N ASN E 272 8.55 -7.68 36.25
CA ASN E 272 9.09 -7.62 37.60
C ASN E 272 8.00 -7.27 38.61
N ILE E 273 7.09 -6.38 38.23
CA ILE E 273 5.92 -6.05 39.05
C ILE E 273 4.82 -7.12 38.99
N HIS E 274 4.30 -7.39 37.79
CA HIS E 274 3.08 -8.19 37.67
C HIS E 274 3.20 -9.67 37.96
N GLN E 275 4.41 -10.20 37.92
CA GLN E 275 4.63 -11.62 38.24
C GLN E 275 4.56 -11.91 39.74
N ARG E 276 4.44 -10.86 40.54
CA ARG E 276 4.31 -10.97 41.98
C ARG E 276 2.83 -10.98 42.39
N SER E 277 2.56 -11.46 43.60
CA SER E 277 1.23 -11.38 44.19
C SER E 277 0.80 -9.92 44.32
N LEU E 278 -0.50 -9.68 44.33
CA LEU E 278 -1.05 -8.32 44.33
C LEU E 278 -0.40 -7.38 45.36
N ASP E 279 -0.35 -7.81 46.62
CA ASP E 279 0.21 -7.02 47.71
C ASP E 279 1.68 -6.66 47.47
N GLU E 280 2.48 -7.64 47.07
CA GLU E 280 3.91 -7.44 46.83
C GLU E 280 4.14 -6.57 45.58
N ALA E 281 3.29 -6.77 44.57
CA ALA E 281 3.33 -5.98 43.35
C ALA E 281 3.04 -4.51 43.66
N VAL E 282 2.02 -4.27 44.49
CA VAL E 282 1.64 -2.92 44.89
C VAL E 282 2.77 -2.22 45.63
N ARG E 283 3.41 -2.94 46.55
CA ARG E 283 4.53 -2.40 47.31
C ARG E 283 5.71 -2.06 46.42
N LEU E 284 5.99 -2.90 45.43
CA LEU E 284 7.08 -2.64 44.49
C LEU E 284 6.84 -1.38 43.66
N THR E 285 5.60 -1.15 43.20
CA THR E 285 5.29 0.06 42.43
C THR E 285 5.50 1.30 43.30
N LYS E 286 5.16 1.16 44.58
CA LYS E 286 5.33 2.24 45.55
C LYS E 286 6.80 2.53 45.78
N ALA E 287 7.61 1.47 45.84
CA ALA E 287 9.06 1.58 46.00
C ALA E 287 9.72 2.20 44.78
N ILE E 288 9.26 1.78 43.59
CA ILE E 288 9.77 2.32 42.34
C ILE E 288 9.38 3.79 42.23
N SER E 289 8.12 4.09 42.53
CA SER E 289 7.64 5.46 42.46
C SER E 289 8.29 6.37 43.49
N ALA E 290 8.65 5.81 44.64
CA ALA E 290 9.33 6.56 45.68
C ALA E 290 10.65 7.13 45.16
N ILE E 291 11.46 6.27 44.54
CA ILE E 291 12.72 6.69 43.91
C ILE E 291 12.47 7.65 42.75
N THR E 292 11.58 7.26 41.84
CA THR E 292 11.40 7.97 40.57
C THR E 292 10.72 9.32 40.75
N LEU E 293 9.66 9.36 41.55
CA LEU E 293 8.84 10.56 41.69
C LEU E 293 9.16 11.41 42.92
N ALA E 294 9.61 10.78 44.00
CA ALA E 294 9.77 11.48 45.28
C ALA E 294 11.19 11.45 45.86
N ASP E 295 12.16 11.04 45.05
CA ASP E 295 13.60 11.18 45.37
C ASP E 295 14.13 10.36 46.56
N TYR E 296 13.45 9.28 46.90
CA TYR E 296 13.90 8.39 47.99
C TYR E 296 15.25 7.76 47.69
N ASP E 297 16.04 7.51 48.73
N ASP E 297 16.03 7.51 48.74
CA ASP E 297 17.27 6.73 48.56
CA ASP E 297 17.26 6.72 48.63
C ASP E 297 16.90 5.25 48.53
C ASP E 297 16.87 5.26 48.44
N VAL E 298 17.85 4.42 48.14
CA VAL E 298 17.60 2.97 47.97
C VAL E 298 17.08 2.32 49.26
N ASP E 299 17.67 2.69 50.39
CA ASP E 299 17.27 2.15 51.70
C ASP E 299 15.82 2.42 52.04
N ARG E 300 15.41 3.68 51.97
CA ARG E 300 14.04 4.07 52.29
C ARG E 300 13.02 3.47 51.33
N ALA E 301 13.40 3.39 50.05
CA ALA E 301 12.54 2.76 49.05
C ALA E 301 12.41 1.26 49.29
N LEU E 302 13.51 0.62 49.69
CA LEU E 302 13.49 -0.79 50.07
C LEU E 302 12.57 -1.02 51.27
N ALA E 303 12.59 -0.07 52.21
CA ALA E 303 11.72 -0.12 53.38
C ALA E 303 10.26 -0.05 52.95
N VAL E 304 9.97 0.73 51.90
CA VAL E 304 8.63 0.78 51.34
C VAL E 304 8.25 -0.56 50.71
N PHE E 305 9.20 -1.17 50.00
CA PHE E 305 8.97 -2.48 49.39
C PHE E 305 8.67 -3.55 50.43
N ASN E 306 9.38 -3.49 51.55
CA ASN E 306 9.24 -4.47 52.64
C ASN E 306 8.04 -4.22 53.56
N GLY E 307 7.37 -3.09 53.35
CA GLY E 307 6.15 -2.76 54.10
C GLY E 307 6.41 -2.16 55.47
N GLU E 308 7.62 -1.65 55.69
CA GLU E 308 7.97 -0.98 56.94
C GLU E 308 7.50 0.46 56.90
N GLU E 309 7.28 0.97 55.69
CA GLU E 309 6.76 2.31 55.44
C GLU E 309 5.72 2.26 54.33
N ASP E 310 4.72 3.13 54.42
CA ASP E 310 3.74 3.30 53.35
C ASP E 310 4.22 4.41 52.42
N PHE E 311 3.71 4.43 51.19
CA PHE E 311 3.96 5.52 50.25
C PHE E 311 2.72 5.88 49.44
N ALA E 312 2.38 7.16 49.45
CA ALA E 312 1.30 7.70 48.62
C ALA E 312 1.73 9.06 48.09
N LEU E 313 1.11 9.52 47.01
CA LEU E 313 1.56 10.72 46.32
C LEU E 313 1.23 12.05 46.99
N HIS E 314 -0.01 12.20 47.45
CA HIS E 314 -0.43 13.41 48.16
C HIS E 314 0.42 13.66 49.39
N HIS E 315 0.70 12.59 50.14
CA HIS E 315 1.74 12.58 51.19
C HIS E 315 1.74 11.27 51.95
#